data_5IXS
#
_entry.id   5IXS
#
_cell.length_a   74.624
_cell.length_b   81.229
_cell.length_c   104.797
_cell.angle_alpha   90.00
_cell.angle_beta   97.56
_cell.angle_gamma   90.00
#
_symmetry.space_group_name_H-M   'P 1 21 1'
#
loop_
_entity.id
_entity.type
_entity.pdbx_description
1 polymer 'L-lactate dehydrogenase A chain'
2 non-polymer '4-(2-HYDROXYETHYL)-1-PIPERAZINE ETHANESULFONIC ACID'
3 non-polymer '1,4,5,6-TETRAHYDRONICOTINAMIDE ADENINE DINUCLEOTIDE'
4 non-polymer (6R)-3-[(2-chlorophenyl)sulfanyl]-4-hydroxy-6-(3-hydroxyphenyl)-6-(thiophen-3-yl)-5,6-dihydropyridin-2(1H)-one
5 non-polymer 'SULFATE ION'
6 non-polymer '1,4-DIHYDRONICOTINAMIDE ADENINE DINUCLEOTIDE'
7 water water
#
_entity_poly.entity_id   1
_entity_poly.type   'polypeptide(L)'
_entity_poly.pdbx_seq_one_letter_code
;ATLKDQLIYNLLKEEQTPQNKITVVGVGAVGMACAISILMKDLADELALVDVIEDKLKGEMMDLQHGSLFLRTPKIVSGK
DYNVTANSKLVIITAGARQQEGESRLNLVQRNVNIFKFIIPNVVKYSPNCKLLIVSNPVDILTYVAWKISGFPKNRVIGS
GCNLDSARFRYLMGERLGVHPLSCHGWVLGEHGDSSVPVWSGMNVAGVSLKTLHPDLGTDKDKEQWKEVHKQVVESAYEV
IKLKGYTSWAIGLSVADLAESIMKNLRRVHPVSTMIKGLYGIKDDVFLSVPCILGQNGISDLVKVTLTSEEEARLKKSAD
TLWGIQKELQF
;
_entity_poly.pdbx_strand_id   A,B,C,D
#
loop_
_chem_comp.id
_chem_comp.type
_chem_comp.name
_chem_comp.formula
6EY non-polymer (6R)-3-[(2-chlorophenyl)sulfanyl]-4-hydroxy-6-(3-hydroxyphenyl)-6-(thiophen-3-yl)-5,6-dihydropyridin-2(1H)-one 'C21 H16 Cl N O3 S2'
EPE non-polymer '4-(2-HYDROXYETHYL)-1-PIPERAZINE ETHANESULFONIC ACID' 'C8 H18 N2 O4 S'
NAI non-polymer '1,4-DIHYDRONICOTINAMIDE ADENINE DINUCLEOTIDE' 'C21 H29 N7 O14 P2'
SO4 non-polymer 'SULFATE ION' 'O4 S -2'
TXD non-polymer '1,4,5,6-TETRAHYDRONICOTINAMIDE ADENINE DINUCLEOTIDE' 'C21 H31 N7 O14 P2'
#
# COMPACT_ATOMS: atom_id res chain seq x y z
N ALA A 1 20.25 -30.46 -21.68
CA ALA A 1 19.91 -29.97 -20.32
C ALA A 1 18.43 -29.61 -20.24
N THR A 2 17.92 -29.43 -19.03
CA THR A 2 16.51 -29.07 -18.85
C THR A 2 16.24 -27.64 -19.32
N LEU A 3 14.97 -27.34 -19.53
CA LEU A 3 14.56 -26.02 -19.96
C LEU A 3 14.97 -24.96 -18.94
N LYS A 4 14.75 -25.23 -17.68
CA LYS A 4 15.13 -24.31 -16.63
C LYS A 4 16.62 -23.95 -16.72
N ASP A 5 17.47 -24.95 -16.94
CA ASP A 5 18.93 -24.75 -16.97
C ASP A 5 19.41 -24.07 -18.26
N GLN A 6 18.69 -24.25 -19.34
CA GLN A 6 19.01 -23.52 -20.56
C GLN A 6 18.59 -22.07 -20.43
N LEU A 7 17.54 -21.82 -19.64
CA LEU A 7 17.02 -20.45 -19.47
C LEU A 7 17.77 -19.64 -18.42
N ILE A 8 18.15 -20.30 -17.34
CA ILE A 8 18.61 -19.63 -16.13
C ILE A 8 19.95 -20.23 -15.68
N TYR A 9 20.92 -19.37 -15.43
CA TYR A 9 22.20 -19.72 -14.80
C TYR A 9 22.12 -19.38 -13.32
N ASN A 10 22.50 -20.33 -12.49
CA ASN A 10 22.40 -20.23 -11.03
C ASN A 10 23.73 -19.82 -10.40
N LEU A 11 23.71 -18.80 -9.54
CA LEU A 11 24.91 -18.34 -8.84
C LEU A 11 25.11 -19.04 -7.52
N LEU A 12 24.02 -19.37 -6.83
CA LEU A 12 24.09 -20.09 -5.56
C LEU A 12 22.77 -20.81 -5.28
N LYS A 13 22.87 -22.00 -4.71
CA LYS A 13 21.69 -22.85 -4.60
C LYS A 13 20.97 -22.60 -3.29
N GLU A 14 20.98 -21.34 -2.83
CA GLU A 14 20.17 -20.93 -1.68
C GLU A 14 20.74 -21.69 -0.47
N GLU A 15 20.08 -21.74 0.70
CA GLU A 15 18.87 -20.98 1.05
C GLU A 15 19.01 -20.49 2.50
N GLN A 16 18.65 -19.23 2.76
CA GLN A 16 18.72 -18.67 4.12
C GLN A 16 17.60 -19.19 5.00
N THR A 17 17.81 -19.16 6.31
CA THR A 17 16.72 -19.44 7.23
C THR A 17 15.66 -18.33 7.00
N PRO A 18 14.40 -18.60 7.35
CA PRO A 18 13.33 -17.64 7.03
C PRO A 18 13.52 -16.33 7.78
N GLN A 19 13.29 -15.17 7.16
CA GLN A 19 13.65 -13.90 7.83
C GLN A 19 12.50 -13.09 8.43
N ASN A 20 11.33 -13.15 7.82
CA ASN A 20 10.13 -12.45 8.34
C ASN A 20 8.91 -13.37 8.29
N LYS A 21 9.02 -14.50 8.97
CA LYS A 21 8.06 -15.57 8.84
C LYS A 21 6.95 -15.46 9.90
N ILE A 22 5.73 -15.78 9.48
CA ILE A 22 4.56 -15.82 10.33
C ILE A 22 3.91 -17.19 10.15
N THR A 23 3.49 -17.80 11.26
CA THR A 23 2.64 -18.99 11.19
C THR A 23 1.27 -18.66 11.75
N VAL A 24 0.26 -19.27 11.15
CA VAL A 24 -1.10 -19.21 11.65
C VAL A 24 -1.53 -20.65 11.96
N VAL A 25 -1.86 -20.90 13.22
CA VAL A 25 -2.31 -22.23 13.66
C VAL A 25 -3.83 -22.26 13.72
N GLY A 26 -4.43 -23.08 12.87
CA GLY A 26 -5.89 -23.16 12.78
C GLY A 26 -6.41 -22.41 11.59
N VAL A 27 -6.75 -23.14 10.54
CA VAL A 27 -7.24 -22.52 9.31
C VAL A 27 -8.77 -22.49 9.21
N GLY A 28 -9.42 -22.18 10.32
CA GLY A 28 -10.85 -21.92 10.28
C GLY A 28 -11.14 -20.53 9.72
N ALA A 29 -12.36 -20.06 9.91
CA ALA A 29 -12.77 -18.74 9.44
C ALA A 29 -11.90 -17.60 9.98
N VAL A 30 -11.49 -17.70 11.24
CA VAL A 30 -10.70 -16.66 11.86
C VAL A 30 -9.24 -16.69 11.38
N GLY A 31 -8.65 -17.88 11.36
CA GLY A 31 -7.27 -18.02 10.93
C GLY A 31 -7.08 -17.65 9.47
N MET A 32 -8.02 -18.06 8.61
CA MET A 32 -7.89 -17.73 7.19
C MET A 32 -8.11 -16.25 6.93
N ALA A 33 -8.96 -15.60 7.74
CA ALA A 33 -9.09 -14.16 7.65
C ALA A 33 -7.80 -13.47 8.12
N CYS A 34 -7.19 -13.98 9.17
CA CYS A 34 -5.90 -13.44 9.61
C CYS A 34 -4.89 -13.59 8.47
N ALA A 35 -4.89 -14.77 7.84
CA ALA A 35 -3.94 -15.08 6.78
C ALA A 35 -4.08 -14.13 5.59
N ILE A 36 -5.29 -13.95 5.09
CA ILE A 36 -5.48 -13.08 3.91
C ILE A 36 -5.07 -11.63 4.23
N SER A 37 -5.40 -11.16 5.43
CA SER A 37 -5.10 -9.79 5.77
C SER A 37 -3.60 -9.54 5.94
N ILE A 38 -2.91 -10.54 6.49
CA ILE A 38 -1.48 -10.47 6.63
C ILE A 38 -0.84 -10.51 5.22
N LEU A 39 -1.39 -11.29 4.32
CA LEU A 39 -0.84 -11.38 2.98
C LEU A 39 -1.05 -10.08 2.23
N MET A 40 -2.20 -9.42 2.39
CA MET A 40 -2.36 -8.22 1.56
CA MET A 40 -2.50 -8.22 1.63
C MET A 40 -1.81 -6.97 2.23
N LYS A 41 -1.20 -7.14 3.40
CA LYS A 41 -0.42 -6.09 4.04
C LYS A 41 1.09 -6.31 3.98
N ASP A 42 1.55 -7.31 3.22
CA ASP A 42 3.00 -7.54 3.02
C ASP A 42 3.79 -7.52 4.33
N LEU A 43 3.34 -8.29 5.31
CA LEU A 43 3.99 -8.34 6.62
C LEU A 43 5.01 -9.47 6.76
N ALA A 44 4.94 -10.46 5.89
CA ALA A 44 5.77 -11.64 6.00
C ALA A 44 6.39 -11.98 4.67
N ASP A 45 7.57 -12.61 4.72
CA ASP A 45 8.17 -13.16 3.52
C ASP A 45 7.93 -14.66 3.40
N GLU A 46 7.30 -15.22 4.43
CA GLU A 46 6.93 -16.62 4.45
C GLU A 46 5.74 -16.78 5.39
N LEU A 47 4.69 -17.41 4.89
CA LEU A 47 3.52 -17.72 5.70
C LEU A 47 3.39 -19.23 5.85
N ALA A 48 3.28 -19.70 7.09
CA ALA A 48 3.06 -21.12 7.36
C ALA A 48 1.69 -21.33 7.97
N LEU A 49 0.97 -22.34 7.49
CA LEU A 49 -0.35 -22.67 8.04
C LEU A 49 -0.30 -24.04 8.70
N VAL A 50 -0.94 -24.19 9.85
CA VAL A 50 -1.07 -25.48 10.52
C VAL A 50 -2.52 -25.73 10.94
N ASP A 51 -2.93 -27.00 10.88
CA ASP A 51 -4.25 -27.44 11.36
C ASP A 51 -4.19 -28.97 11.52
N VAL A 52 -5.28 -29.59 11.99
CA VAL A 52 -5.32 -31.06 12.11
C VAL A 52 -6.19 -31.74 11.04
N ILE A 53 -7.01 -30.97 10.35
CA ILE A 53 -7.73 -31.48 9.18
C ILE A 53 -6.88 -31.33 7.90
N GLU A 54 -6.29 -32.44 7.47
CA GLU A 54 -5.32 -32.46 6.37
C GLU A 54 -5.83 -31.85 5.06
N ASP A 55 -7.01 -32.32 4.65
CA ASP A 55 -7.62 -31.94 3.38
CA ASP A 55 -7.59 -31.93 3.37
C ASP A 55 -7.87 -30.43 3.30
N LYS A 56 -8.57 -29.92 4.30
CA LYS A 56 -8.90 -28.51 4.40
C LYS A 56 -7.63 -27.65 4.40
N LEU A 57 -6.65 -28.07 5.18
CA LEU A 57 -5.39 -27.33 5.28
C LEU A 57 -4.68 -27.23 3.94
N LYS A 58 -4.60 -28.34 3.22
CA LYS A 58 -3.94 -28.37 1.93
C LYS A 58 -4.71 -27.54 0.93
N GLY A 59 -6.03 -27.57 0.99
CA GLY A 59 -6.86 -26.83 0.07
C GLY A 59 -6.77 -25.33 0.26
N GLU A 60 -6.69 -24.90 1.52
CA GLU A 60 -6.52 -23.46 1.81
C GLU A 60 -5.13 -22.94 1.39
N MET A 61 -4.10 -23.73 1.63
CA MET A 61 -2.77 -23.39 1.19
C MET A 61 -2.77 -23.19 -0.33
N MET A 62 -3.33 -24.14 -1.08
CA MET A 62 -3.32 -24.06 -2.54
C MET A 62 -4.10 -22.83 -3.05
N ASP A 63 -5.22 -22.55 -2.41
CA ASP A 63 -6.08 -21.44 -2.81
C ASP A 63 -5.32 -20.12 -2.69
N LEU A 64 -4.62 -19.96 -1.57
CA LEU A 64 -3.77 -18.79 -1.38
C LEU A 64 -2.62 -18.78 -2.38
N GLN A 65 -1.97 -19.93 -2.56
CA GLN A 65 -0.84 -19.97 -3.47
C GLN A 65 -1.26 -19.57 -4.89
N HIS A 66 -2.48 -19.89 -5.29
CA HIS A 66 -2.99 -19.58 -6.63
C HIS A 66 -3.23 -18.09 -6.87
N GLY A 67 -3.28 -17.31 -5.80
CA GLY A 67 -3.29 -15.86 -5.92
C GLY A 67 -1.92 -15.21 -5.83
N SER A 68 -0.83 -15.99 -5.79
CA SER A 68 0.55 -15.48 -5.61
C SER A 68 0.94 -14.34 -6.54
N LEU A 69 0.41 -14.38 -7.75
CA LEU A 69 0.68 -13.34 -8.72
C LEU A 69 0.31 -11.97 -8.19
N PHE A 70 -0.71 -11.91 -7.34
CA PHE A 70 -1.23 -10.65 -6.82
C PHE A 70 -0.72 -10.33 -5.42
N LEU A 71 0.26 -11.12 -4.95
CA LEU A 71 0.78 -10.94 -3.59
C LEU A 71 2.28 -10.68 -3.64
N ARG A 72 2.84 -10.38 -2.49
CA ARG A 72 4.27 -10.13 -2.34
C ARG A 72 4.84 -10.96 -1.17
N THR A 73 4.32 -12.19 -1.04
CA THR A 73 4.73 -13.12 0.02
C THR A 73 5.09 -14.41 -0.70
N PRO A 74 6.39 -14.59 -1.01
CA PRO A 74 6.79 -15.56 -2.02
C PRO A 74 6.74 -17.03 -1.64
N LYS A 75 6.55 -17.33 -0.36
CA LYS A 75 6.54 -18.71 0.11
C LYS A 75 5.39 -18.93 1.09
N ILE A 76 4.50 -19.85 0.73
CA ILE A 76 3.33 -20.17 1.51
C ILE A 76 3.36 -21.68 1.66
N VAL A 77 3.39 -22.15 2.91
CA VAL A 77 3.55 -23.56 3.22
C VAL A 77 2.56 -24.00 4.28
N SER A 78 2.31 -25.30 4.35
CA SER A 78 1.42 -25.81 5.36
C SER A 78 1.76 -27.22 5.75
N GLY A 79 1.23 -27.64 6.89
CA GLY A 79 1.38 -29.02 7.34
C GLY A 79 0.82 -29.24 8.73
N LYS A 80 0.54 -30.50 9.03
CA LYS A 80 0.15 -30.93 10.37
C LYS A 80 1.40 -31.00 11.26
N ASP A 81 2.56 -31.27 10.66
CA ASP A 81 3.83 -31.30 11.37
C ASP A 81 4.37 -29.86 11.56
N TYR A 82 4.77 -29.52 12.78
CA TYR A 82 5.23 -28.17 13.09
C TYR A 82 6.64 -27.82 12.56
N ASN A 83 7.33 -28.77 11.93
CA ASN A 83 8.59 -28.41 11.27
C ASN A 83 8.39 -27.32 10.21
N VAL A 84 7.18 -27.21 9.67
CA VAL A 84 6.87 -26.22 8.65
C VAL A 84 6.82 -24.82 9.24
N THR A 85 6.71 -24.73 10.57
CA THR A 85 6.63 -23.48 11.30
C THR A 85 8.02 -22.96 11.77
N ALA A 86 9.09 -23.66 11.44
CA ALA A 86 10.41 -23.34 12.00
C ALA A 86 10.80 -21.90 11.76
N ASN A 87 11.40 -21.29 12.79
CA ASN A 87 11.98 -19.96 12.70
C ASN A 87 10.96 -18.85 12.41
N SER A 88 9.73 -19.04 12.90
CA SER A 88 8.73 -17.98 12.79
C SER A 88 9.08 -16.85 13.74
N LYS A 89 8.91 -15.61 13.30
CA LYS A 89 9.01 -14.44 14.18
C LYS A 89 7.77 -14.34 15.07
N LEU A 90 6.61 -14.65 14.49
CA LEU A 90 5.31 -14.49 15.10
C LEU A 90 4.42 -15.70 14.80
N VAL A 91 3.87 -16.31 15.84
CA VAL A 91 2.99 -17.45 15.68
C VAL A 91 1.62 -17.10 16.24
N ILE A 92 0.61 -17.19 15.40
CA ILE A 92 -0.74 -16.76 15.72
C ILE A 92 -1.63 -17.98 15.94
N ILE A 93 -2.26 -18.04 17.11
CA ILE A 93 -3.03 -19.20 17.48
C ILE A 93 -4.51 -18.86 17.43
N THR A 94 -5.16 -19.46 16.43
CA THR A 94 -6.59 -19.31 16.23
C THR A 94 -7.29 -20.68 16.28
N ALA A 95 -6.57 -21.69 16.77
CA ALA A 95 -7.05 -23.08 16.82
C ALA A 95 -8.03 -23.32 17.95
N GLY A 96 -9.01 -24.19 17.68
CA GLY A 96 -9.96 -24.60 18.68
C GLY A 96 -11.24 -25.12 18.06
N ALA A 97 -11.87 -24.24 17.29
CA ALA A 97 -13.23 -24.40 16.77
C ALA A 97 -14.17 -23.61 17.64
N ARG A 98 -15.19 -23.03 17.00
CA ARG A 98 -16.18 -22.19 17.68
C ARG A 98 -16.88 -22.95 18.83
N GLN A 99 -17.31 -22.22 19.85
CA GLN A 99 -17.94 -22.87 21.02
C GLN A 99 -18.75 -24.10 20.62
N SER A 104 -20.34 -24.29 27.09
CA SER A 104 -20.38 -23.61 28.39
C SER A 104 -19.46 -22.40 28.42
N ARG A 105 -18.17 -22.67 28.20
CA ARG A 105 -17.02 -21.77 28.48
C ARG A 105 -15.92 -22.63 29.13
N LEU A 106 -16.11 -23.06 30.39
CA LEU A 106 -15.15 -23.98 31.00
C LEU A 106 -15.03 -25.27 30.15
N ASN A 107 -16.10 -25.57 29.42
CA ASN A 107 -16.05 -26.57 28.37
C ASN A 107 -15.08 -26.11 27.30
N LEU A 108 -15.36 -24.94 26.73
CA LEU A 108 -14.47 -24.35 25.74
C LEU A 108 -13.04 -24.28 26.27
N VAL A 109 -12.90 -24.01 27.58
CA VAL A 109 -11.58 -23.84 28.23
C VAL A 109 -10.80 -25.12 28.31
N GLN A 110 -11.27 -26.06 29.13
CA GLN A 110 -10.54 -27.30 29.36
C GLN A 110 -10.39 -28.05 28.01
N ARG A 111 -11.40 -27.96 27.16
CA ARG A 111 -11.31 -28.46 25.77
C ARG A 111 -10.17 -27.81 24.98
N ASN A 112 -10.02 -26.49 25.10
CA ASN A 112 -8.97 -25.79 24.35
C ASN A 112 -7.62 -25.89 25.05
N VAL A 113 -7.63 -26.08 26.37
CA VAL A 113 -6.40 -26.37 27.08
C VAL A 113 -5.81 -27.70 26.61
N ASN A 114 -6.67 -28.67 26.32
CA ASN A 114 -6.19 -29.98 25.86
C ASN A 114 -5.49 -29.83 24.52
N ILE A 115 -6.09 -29.01 23.64
CA ILE A 115 -5.48 -28.61 22.37
C ILE A 115 -4.14 -27.90 22.56
N PHE A 116 -4.12 -26.86 23.40
CA PHE A 116 -2.88 -26.11 23.63
C PHE A 116 -1.72 -26.94 24.16
N LYS A 117 -2.04 -28.01 24.88
CA LYS A 117 -1.02 -28.93 25.43
C LYS A 117 -0.19 -29.58 24.34
N PHE A 118 -0.77 -29.76 23.15
CA PHE A 118 -0.05 -30.28 22.00
C PHE A 118 0.55 -29.15 21.19
N ILE A 119 -0.26 -28.15 20.87
CA ILE A 119 0.14 -27.02 20.03
C ILE A 119 1.37 -26.27 20.59
N ILE A 120 1.24 -25.72 21.79
CA ILE A 120 2.26 -24.78 22.30
C ILE A 120 3.67 -25.39 22.36
N PRO A 121 3.83 -26.61 22.93
CA PRO A 121 5.19 -27.18 22.94
C PRO A 121 5.76 -27.35 21.55
N ASN A 122 4.91 -27.75 20.60
CA ASN A 122 5.36 -27.86 19.21
C ASN A 122 5.80 -26.52 18.66
N VAL A 123 5.04 -25.47 18.94
CA VAL A 123 5.39 -24.13 18.48
C VAL A 123 6.77 -23.76 19.04
N VAL A 124 6.96 -23.97 20.34
CA VAL A 124 8.19 -23.60 21.04
C VAL A 124 9.43 -24.29 20.50
N LYS A 125 9.31 -25.60 20.23
CA LYS A 125 10.39 -26.40 19.70
C LYS A 125 10.96 -25.88 18.38
N TYR A 126 10.10 -25.45 17.48
CA TYR A 126 10.58 -25.03 16.15
C TYR A 126 10.81 -23.53 16.06
N SER A 127 10.23 -22.75 16.97
CA SER A 127 10.48 -21.30 17.05
C SER A 127 10.61 -20.85 18.51
N PRO A 128 11.71 -21.22 19.18
CA PRO A 128 11.82 -20.88 20.62
C PRO A 128 11.92 -19.40 20.91
N ASN A 129 12.21 -18.60 19.88
CA ASN A 129 12.35 -17.15 20.00
C ASN A 129 11.15 -16.36 19.46
N CYS A 130 10.06 -17.03 19.09
CA CYS A 130 8.90 -16.34 18.53
C CYS A 130 8.10 -15.54 19.56
N LYS A 131 7.33 -14.59 19.05
CA LYS A 131 6.23 -14.00 19.80
C LYS A 131 4.97 -14.79 19.54
N LEU A 132 4.18 -15.05 20.58
CA LEU A 132 2.91 -15.75 20.49
C LEU A 132 1.79 -14.74 20.55
N LEU A 133 0.86 -14.85 19.62
CA LEU A 133 -0.32 -13.99 19.59
C LEU A 133 -1.52 -14.90 19.66
N ILE A 134 -2.20 -14.88 20.80
CA ILE A 134 -3.31 -15.79 21.04
C ILE A 134 -4.64 -15.12 20.69
N VAL A 135 -5.43 -15.81 19.87
CA VAL A 135 -6.72 -15.30 19.44
C VAL A 135 -7.86 -16.19 19.94
N SER A 136 -7.58 -17.48 20.05
CA SER A 136 -8.56 -18.49 20.46
C SER A 136 -9.22 -18.16 21.81
N ASN A 137 -10.51 -18.48 21.95
CA ASN A 137 -11.28 -18.13 23.16
C ASN A 137 -11.42 -19.28 24.16
N PRO A 138 -11.63 -18.96 25.45
CA PRO A 138 -11.62 -17.58 26.02
C PRO A 138 -10.21 -17.02 26.05
N VAL A 139 -10.03 -15.88 25.40
CA VAL A 139 -8.70 -15.43 24.99
C VAL A 139 -7.80 -15.06 26.17
N ASP A 140 -8.38 -14.44 27.18
CA ASP A 140 -7.59 -14.01 28.32
C ASP A 140 -7.02 -15.23 29.07
N ILE A 141 -7.87 -16.24 29.22
CA ILE A 141 -7.45 -17.45 29.90
C ILE A 141 -6.47 -18.25 29.04
N LEU A 142 -6.77 -18.37 27.76
CA LEU A 142 -5.91 -19.13 26.87
C LEU A 142 -4.55 -18.47 26.64
N THR A 143 -4.47 -17.15 26.80
CA THR A 143 -3.17 -16.45 26.75
C THR A 143 -2.33 -16.81 27.99
N TYR A 144 -2.97 -16.85 29.16
CA TYR A 144 -2.35 -17.39 30.37
C TYR A 144 -1.82 -18.82 30.18
N VAL A 145 -2.63 -19.66 29.56
CA VAL A 145 -2.25 -21.06 29.32
C VAL A 145 -1.05 -21.18 28.36
N ALA A 146 -1.04 -20.40 27.29
CA ALA A 146 0.11 -20.42 26.39
C ALA A 146 1.34 -19.90 27.10
N TRP A 147 1.16 -18.88 27.95
CA TRP A 147 2.28 -18.32 28.71
C TRP A 147 2.90 -19.37 29.61
N LYS A 148 2.06 -20.11 30.33
CA LYS A 148 2.54 -21.09 31.29
C LYS A 148 3.14 -22.32 30.61
N ILE A 149 2.50 -22.80 29.54
CA ILE A 149 3.02 -23.98 28.87
C ILE A 149 4.31 -23.66 28.14
N SER A 150 4.42 -22.46 27.57
CA SER A 150 5.60 -22.14 26.77
C SER A 150 6.83 -21.93 27.63
N GLY A 151 6.67 -21.22 28.75
CA GLY A 151 7.81 -20.79 29.55
C GLY A 151 8.39 -19.50 29.01
N PHE A 152 7.69 -18.88 28.05
CA PHE A 152 8.15 -17.63 27.46
C PHE A 152 8.06 -16.50 28.47
N PRO A 153 8.97 -15.51 28.38
CA PRO A 153 8.81 -14.28 29.13
C PRO A 153 7.49 -13.61 28.75
N LYS A 154 6.92 -12.84 29.66
CA LYS A 154 5.59 -12.30 29.45
C LYS A 154 5.49 -11.32 28.27
N ASN A 155 6.59 -10.68 27.93
CA ASN A 155 6.60 -9.76 26.80
C ASN A 155 6.33 -10.44 25.44
N ARG A 156 6.64 -11.74 25.33
CA ARG A 156 6.40 -12.50 24.10
C ARG A 156 5.10 -13.30 24.06
N VAL A 157 4.23 -13.13 25.04
CA VAL A 157 2.92 -13.80 25.00
C VAL A 157 1.83 -12.73 25.02
N ILE A 158 1.19 -12.55 23.87
CA ILE A 158 0.22 -11.47 23.64
C ILE A 158 -1.15 -12.07 23.35
N GLY A 159 -2.19 -11.60 24.02
CA GLY A 159 -3.54 -11.99 23.66
C GLY A 159 -4.21 -10.91 22.83
N SER A 160 -5.00 -11.32 21.83
CA SER A 160 -5.75 -10.39 20.99
C SER A 160 -6.57 -9.48 21.90
N GLY A 161 -7.08 -10.06 22.99
CA GLY A 161 -7.71 -9.30 24.06
C GLY A 161 -8.83 -8.38 23.60
N CYS A 162 -8.75 -7.10 23.97
CA CYS A 162 -9.81 -6.14 23.67
C CYS A 162 -9.60 -5.35 22.39
N ASN A 163 -8.68 -5.82 21.53
CA ASN A 163 -8.41 -5.12 20.26
C ASN A 163 -9.66 -5.05 19.39
N LEU A 164 -10.32 -6.18 19.20
CA LEU A 164 -11.56 -6.20 18.41
C LEU A 164 -12.68 -5.41 19.10
N ASP A 165 -12.76 -5.52 20.43
CA ASP A 165 -13.76 -4.81 21.21
C ASP A 165 -13.62 -3.30 20.99
N SER A 166 -12.38 -2.80 21.05
CA SER A 166 -12.10 -1.38 20.93
C SER A 166 -12.34 -0.89 19.52
N ALA A 167 -12.07 -1.74 18.54
CA ALA A 167 -12.31 -1.37 17.13
C ALA A 167 -13.82 -1.30 16.82
N ARG A 168 -14.61 -2.22 17.37
CA ARG A 168 -16.06 -2.15 17.21
C ARG A 168 -16.62 -0.87 17.86
N PHE A 169 -16.14 -0.59 19.06
CA PHE A 169 -16.51 0.62 19.78
C PHE A 169 -16.24 1.86 18.94
N ARG A 170 -15.04 1.94 18.36
CA ARG A 170 -14.64 3.09 17.54
C ARG A 170 -15.47 3.19 16.29
N TYR A 171 -15.78 2.06 15.66
CA TYR A 171 -16.71 2.04 14.52
C TYR A 171 -18.07 2.65 14.92
N LEU A 172 -18.64 2.18 16.02
CA LEU A 172 -19.91 2.67 16.52
C LEU A 172 -19.84 4.17 16.89
N MET A 173 -18.80 4.56 17.60
CA MET A 173 -18.54 5.95 17.90
C MET A 173 -18.50 6.81 16.64
N GLY A 174 -17.72 6.38 15.65
CA GLY A 174 -17.62 7.11 14.38
C GLY A 174 -18.95 7.21 13.62
N GLU A 175 -19.76 6.17 13.72
CA GLU A 175 -21.09 6.17 13.11
C GLU A 175 -21.99 7.23 13.75
N ARG A 176 -21.96 7.34 15.07
CA ARG A 176 -22.74 8.35 15.77
C ARG A 176 -22.31 9.78 15.43
N LEU A 177 -21.00 10.01 15.40
CA LEU A 177 -20.46 11.35 15.28
C LEU A 177 -20.25 11.81 13.83
N GLY A 178 -20.44 10.91 12.86
CA GLY A 178 -20.10 11.20 11.48
C GLY A 178 -18.62 11.50 11.26
N VAL A 179 -17.75 10.73 11.93
CA VAL A 179 -16.29 10.89 11.81
C VAL A 179 -15.69 9.51 11.58
N HIS A 180 -14.56 9.46 10.87
CA HIS A 180 -13.89 8.18 10.63
C HIS A 180 -13.44 7.60 11.98
N PRO A 181 -13.60 6.28 12.16
CA PRO A 181 -13.13 5.62 13.39
C PRO A 181 -11.68 5.93 13.77
N LEU A 182 -10.81 6.12 12.78
CA LEU A 182 -9.44 6.54 13.07
C LEU A 182 -9.36 7.81 13.91
N SER A 183 -10.30 8.73 13.73
CA SER A 183 -10.25 10.01 14.45
C SER A 183 -11.13 9.98 15.70
N CYS A 184 -11.77 8.84 15.94
CA CYS A 184 -12.55 8.62 17.15
C CYS A 184 -11.76 7.75 18.08
N HIS A 185 -11.25 8.32 19.16
CA HIS A 185 -10.43 7.59 20.10
C HIS A 185 -11.26 7.17 21.30
N GLY A 186 -10.95 6.00 21.84
CA GLY A 186 -11.76 5.39 22.88
C GLY A 186 -11.25 4.00 23.12
N TRP A 187 -11.21 3.61 24.40
CA TRP A 187 -10.55 2.37 24.83
C TRP A 187 -11.50 1.45 25.62
N VAL A 188 -11.53 0.20 25.21
CA VAL A 188 -12.30 -0.84 25.86
C VAL A 188 -11.27 -1.81 26.36
N LEU A 189 -11.20 -1.91 27.69
CA LEU A 189 -10.16 -2.65 28.39
C LEU A 189 -10.72 -3.77 29.26
N GLY A 190 -9.81 -4.49 29.92
CA GLY A 190 -10.18 -5.55 30.84
C GLY A 190 -10.34 -6.89 30.15
N GLU A 191 -11.39 -7.60 30.53
CA GLU A 191 -11.67 -8.93 30.01
C GLU A 191 -12.34 -8.85 28.64
N HIS A 192 -11.78 -9.56 27.67
CA HIS A 192 -12.36 -9.58 26.33
C HIS A 192 -13.78 -10.10 26.41
N GLY A 193 -14.69 -9.39 25.75
CA GLY A 193 -16.04 -9.89 25.55
C GLY A 193 -17.06 -9.27 26.46
N ASP A 194 -17.89 -10.14 27.05
CA ASP A 194 -19.04 -9.70 27.85
C ASP A 194 -18.69 -8.73 28.95
N SER A 195 -17.56 -8.95 29.60
CA SER A 195 -17.20 -8.21 30.83
C SER A 195 -16.23 -7.05 30.61
N SER A 196 -16.01 -6.69 29.35
CA SER A 196 -15.08 -5.62 29.02
C SER A 196 -15.51 -4.28 29.62
N VAL A 197 -14.54 -3.38 29.77
CA VAL A 197 -14.77 -2.07 30.38
C VAL A 197 -14.53 -0.91 29.42
N PRO A 198 -15.57 -0.12 29.11
CA PRO A 198 -15.33 1.11 28.36
C PRO A 198 -14.80 2.22 29.24
N VAL A 199 -13.62 2.75 28.93
CA VAL A 199 -13.00 3.80 29.75
C VAL A 199 -13.48 5.14 29.25
N TRP A 200 -14.55 5.65 29.85
CA TRP A 200 -15.22 6.84 29.35
C TRP A 200 -14.36 8.09 29.37
N SER A 201 -13.42 8.15 30.31
CA SER A 201 -12.55 9.31 30.46
C SER A 201 -11.58 9.53 29.29
N GLY A 202 -11.20 8.46 28.59
CA GLY A 202 -10.29 8.56 27.46
C GLY A 202 -10.98 8.84 26.13
N MET A 203 -12.29 8.81 26.13
CA MET A 203 -13.04 8.92 24.88
C MET A 203 -12.97 10.36 24.35
N ASN A 204 -12.43 10.53 23.14
CA ASN A 204 -12.23 11.87 22.60
C ASN A 204 -12.15 11.90 21.08
N VAL A 205 -12.38 13.09 20.55
CA VAL A 205 -12.04 13.43 19.17
C VAL A 205 -11.17 14.67 19.26
N ALA A 206 -10.02 14.63 18.61
CA ALA A 206 -9.07 15.76 18.56
C ALA A 206 -8.63 16.24 19.94
N GLY A 207 -8.59 15.30 20.88
CA GLY A 207 -8.18 15.59 22.23
C GLY A 207 -9.23 16.32 23.03
N VAL A 208 -10.45 16.46 22.49
CA VAL A 208 -11.56 17.00 23.26
C VAL A 208 -12.23 15.85 24.00
N SER A 209 -12.08 15.83 25.33
CA SER A 209 -12.74 14.81 26.13
C SER A 209 -14.26 14.94 26.04
N LEU A 210 -14.93 13.90 25.55
CA LEU A 210 -16.40 13.88 25.51
C LEU A 210 -17.02 13.83 26.91
N LYS A 211 -16.31 13.26 27.87
CA LYS A 211 -16.70 13.27 29.27
C LYS A 211 -16.66 14.70 29.84
N THR A 212 -15.62 15.46 29.51
CA THR A 212 -15.52 16.86 29.94
C THR A 212 -16.63 17.70 29.32
N LEU A 213 -16.93 17.48 28.04
CA LEU A 213 -18.01 18.20 27.37
C LEU A 213 -19.35 17.78 27.92
N HIS A 214 -19.44 16.52 28.28
CA HIS A 214 -20.69 15.89 28.67
C HIS A 214 -20.41 14.98 29.86
N PRO A 215 -20.41 15.56 31.09
CA PRO A 215 -20.05 14.81 32.30
C PRO A 215 -20.93 13.58 32.58
N ASP A 216 -22.12 13.54 31.98
CA ASP A 216 -23.00 12.38 32.08
C ASP A 216 -22.57 11.21 31.19
N LEU A 217 -21.48 11.37 30.44
CA LEU A 217 -21.03 10.33 29.49
C LEU A 217 -20.77 8.99 30.18
N GLY A 218 -21.48 7.97 29.70
CA GLY A 218 -21.31 6.61 30.20
C GLY A 218 -21.99 6.34 31.52
N THR A 219 -22.88 7.24 31.94
CA THR A 219 -23.59 7.08 33.20
C THR A 219 -25.05 6.78 32.94
N ASP A 220 -25.75 6.41 34.00
CA ASP A 220 -27.14 5.98 33.92
C ASP A 220 -28.06 7.15 33.54
N LYS A 221 -27.80 8.31 34.13
CA LYS A 221 -28.60 9.53 33.87
C LYS A 221 -28.33 10.19 32.49
N ASP A 222 -27.44 9.59 31.70
CA ASP A 222 -27.07 10.13 30.38
C ASP A 222 -28.27 10.23 29.43
N LYS A 223 -28.68 11.45 29.14
CA LYS A 223 -29.85 11.67 28.30
C LYS A 223 -29.70 11.14 26.88
N GLU A 224 -28.45 10.95 26.44
CA GLU A 224 -28.17 10.38 25.12
C GLU A 224 -27.74 8.91 25.20
N GLN A 225 -27.61 8.41 26.42
CA GLN A 225 -27.34 6.99 26.66
C GLN A 225 -26.16 6.48 25.82
N TRP A 226 -24.99 7.05 26.08
CA TRP A 226 -23.77 6.62 25.38
C TRP A 226 -23.28 5.27 25.90
N LYS A 227 -23.81 4.85 27.06
CA LYS A 227 -23.58 3.51 27.58
C LYS A 227 -23.99 2.43 26.60
N GLU A 228 -25.01 2.72 25.80
CA GLU A 228 -25.51 1.76 24.81
C GLU A 228 -24.46 1.44 23.75
N VAL A 229 -23.52 2.37 23.52
CA VAL A 229 -22.42 2.18 22.57
C VAL A 229 -21.54 1.00 23.00
N HIS A 230 -21.30 0.86 24.31
CA HIS A 230 -20.57 -0.30 24.81
C HIS A 230 -21.43 -1.54 24.78
N LYS A 231 -22.71 -1.39 25.11
CA LYS A 231 -23.61 -2.53 25.09
C LYS A 231 -23.76 -3.05 23.66
N GLN A 232 -23.80 -2.12 22.71
CA GLN A 232 -23.89 -2.47 21.31
C GLN A 232 -22.67 -3.22 20.86
N VAL A 233 -21.49 -2.87 21.37
CA VAL A 233 -20.28 -3.63 21.08
C VAL A 233 -20.53 -5.10 21.40
N VAL A 234 -21.01 -5.39 22.60
CA VAL A 234 -21.28 -6.80 22.97
C VAL A 234 -22.47 -7.37 22.18
N GLU A 235 -23.56 -6.60 22.05
CA GLU A 235 -24.71 -7.04 21.25
C GLU A 235 -24.31 -7.33 19.79
N SER A 236 -23.43 -6.51 19.21
CA SER A 236 -22.88 -6.71 17.84
C SER A 236 -22.30 -8.11 17.65
N ALA A 237 -21.48 -8.52 18.60
CA ALA A 237 -20.86 -9.84 18.56
C ALA A 237 -21.87 -10.99 18.52
N TYR A 238 -22.92 -10.89 19.32
CA TYR A 238 -23.98 -11.93 19.32
C TYR A 238 -24.76 -11.85 18.02
N GLU A 239 -25.04 -10.63 17.57
CA GLU A 239 -25.80 -10.44 16.34
C GLU A 239 -25.05 -11.04 15.14
N VAL A 240 -23.77 -10.71 14.98
CA VAL A 240 -23.03 -11.31 13.88
C VAL A 240 -23.14 -12.85 13.89
N ILE A 241 -22.89 -13.46 15.04
CA ILE A 241 -22.98 -14.92 15.17
C ILE A 241 -24.35 -15.47 14.76
N LYS A 242 -25.41 -14.82 15.26
CA LYS A 242 -26.78 -15.18 14.90
C LYS A 242 -27.01 -15.09 13.38
N LEU A 243 -26.49 -14.03 12.76
CA LEU A 243 -26.78 -13.74 11.36
C LEU A 243 -25.94 -14.59 10.40
N LYS A 244 -24.64 -14.70 10.64
CA LYS A 244 -23.78 -15.43 9.71
C LYS A 244 -23.19 -16.70 10.30
N GLY A 245 -23.23 -16.85 11.63
CA GLY A 245 -22.81 -18.10 12.27
C GLY A 245 -21.40 -18.04 12.80
N TYR A 246 -20.65 -17.00 12.43
CA TYR A 246 -19.29 -16.82 12.91
C TYR A 246 -18.80 -15.42 12.60
N THR A 247 -17.69 -15.03 13.22
CA THR A 247 -17.03 -13.75 12.92
C THR A 247 -15.66 -14.05 12.31
N SER A 248 -15.28 -13.30 11.28
CA SER A 248 -14.00 -13.53 10.59
C SER A 248 -13.29 -12.22 10.17
N TRP A 249 -13.94 -11.41 9.35
CA TRP A 249 -13.25 -10.30 8.69
C TRP A 249 -12.68 -9.34 9.69
N ALA A 250 -13.50 -8.91 10.65
CA ALA A 250 -13.08 -7.87 11.58
C ALA A 250 -11.94 -8.33 12.47
N ILE A 251 -12.02 -9.57 12.93
CA ILE A 251 -10.97 -10.11 13.79
C ILE A 251 -9.68 -10.30 12.98
N GLY A 252 -9.79 -10.81 11.76
CA GLY A 252 -8.65 -10.94 10.87
C GLY A 252 -7.91 -9.65 10.63
N LEU A 253 -8.67 -8.59 10.32
CA LEU A 253 -8.14 -7.24 10.12
C LEU A 253 -7.43 -6.70 11.37
N SER A 254 -8.08 -6.81 12.53
CA SER A 254 -7.49 -6.34 13.78
CA SER A 254 -7.49 -6.34 13.78
C SER A 254 -6.18 -7.08 14.11
N VAL A 255 -6.17 -8.41 13.91
CA VAL A 255 -5.00 -9.22 14.14
C VAL A 255 -3.86 -8.80 13.22
N ALA A 256 -4.17 -8.55 11.95
CA ALA A 256 -3.19 -8.06 11.02
C ALA A 256 -2.59 -6.72 11.46
N ASP A 257 -3.43 -5.88 12.07
CA ASP A 257 -2.93 -4.61 12.60
C ASP A 257 -1.89 -4.82 13.68
N LEU A 258 -2.14 -5.78 14.57
CA LEU A 258 -1.17 -6.13 15.62
C LEU A 258 0.08 -6.70 15.01
N ALA A 259 -0.07 -7.58 14.02
CA ALA A 259 1.09 -8.21 13.38
C ALA A 259 2.01 -7.18 12.79
N GLU A 260 1.43 -6.10 12.30
CA GLU A 260 2.18 -5.06 11.62
C GLU A 260 3.05 -4.31 12.61
N SER A 261 2.50 -3.94 13.75
CA SER A 261 3.32 -3.29 14.78
C SER A 261 4.46 -4.17 15.21
N ILE A 262 4.18 -5.46 15.38
CA ILE A 262 5.16 -6.40 15.85
C ILE A 262 6.26 -6.65 14.83
N MET A 263 5.88 -6.97 13.61
CA MET A 263 6.84 -7.33 12.56
C MET A 263 7.64 -6.12 12.13
N LYS A 264 7.05 -4.93 12.22
CA LYS A 264 7.75 -3.68 11.81
C LYS A 264 8.28 -2.85 12.97
N ASN A 265 8.23 -3.41 14.17
CA ASN A 265 8.73 -2.75 15.38
C ASN A 265 8.21 -1.32 15.54
N LEU A 266 6.91 -1.12 15.29
CA LEU A 266 6.38 0.24 15.24
C LEU A 266 6.26 0.93 16.60
N ARG A 267 6.08 0.16 17.66
CA ARG A 267 5.88 0.74 19.00
C ARG A 267 4.62 1.62 19.03
N ARG A 268 3.60 1.20 18.29
CA ARG A 268 2.27 1.76 18.46
C ARG A 268 1.65 1.19 19.73
N VAL A 269 0.59 1.83 20.21
CA VAL A 269 -0.10 1.39 21.39
C VAL A 269 -1.42 0.72 21.00
N HIS A 270 -1.61 -0.52 21.46
CA HIS A 270 -2.82 -1.30 21.15
C HIS A 270 -3.45 -1.86 22.43
N PRO A 271 -4.77 -2.08 22.44
CA PRO A 271 -5.37 -2.72 23.61
C PRO A 271 -5.33 -4.24 23.49
N VAL A 272 -4.32 -4.82 24.10
CA VAL A 272 -4.14 -6.25 24.03
C VAL A 272 -4.01 -6.82 25.43
N SER A 273 -4.20 -8.14 25.55
CA SER A 273 -4.12 -8.82 26.84
C SER A 273 -2.68 -9.14 27.21
N THR A 274 -2.32 -8.75 28.43
CA THR A 274 -0.97 -8.92 28.97
C THR A 274 -1.10 -9.25 30.46
N MET A 275 -0.03 -9.77 31.03
CA MET A 275 -0.03 -10.21 32.42
C MET A 275 -0.12 -8.99 33.32
N ILE A 276 -1.24 -8.88 34.03
CA ILE A 276 -1.62 -7.66 34.75
C ILE A 276 -1.35 -7.68 36.27
N LYS A 277 -0.63 -8.70 36.74
CA LYS A 277 -0.34 -8.85 38.15
C LYS A 277 0.49 -7.66 38.62
N GLY A 278 0.10 -7.08 39.75
CA GLY A 278 0.75 -5.88 40.29
C GLY A 278 0.08 -4.57 39.94
N LEU A 279 -1.09 -4.62 39.28
CA LEU A 279 -1.87 -3.41 38.96
C LEU A 279 -3.31 -3.54 39.39
N TYR A 280 -3.94 -2.40 39.66
CA TYR A 280 -5.34 -2.33 40.04
C TYR A 280 -5.68 -3.27 41.19
N GLY A 281 -4.70 -3.49 42.06
CA GLY A 281 -4.89 -4.38 43.21
C GLY A 281 -5.08 -5.82 42.79
N ILE A 282 -4.70 -6.14 41.56
CA ILE A 282 -4.74 -7.53 41.10
C ILE A 282 -3.44 -8.21 41.53
N LYS A 283 -3.59 -9.36 42.19
CA LYS A 283 -2.48 -10.08 42.79
C LYS A 283 -2.26 -11.47 42.18
N ASP A 284 -3.09 -11.87 41.22
CA ASP A 284 -2.95 -13.17 40.57
C ASP A 284 -2.40 -13.09 39.15
N ASP A 285 -1.92 -14.23 38.65
CA ASP A 285 -1.36 -14.33 37.30
C ASP A 285 -2.50 -14.35 36.28
N VAL A 286 -3.03 -13.18 35.97
CA VAL A 286 -4.12 -13.08 35.01
C VAL A 286 -3.78 -12.13 33.89
N PHE A 287 -4.31 -12.43 32.71
CA PHE A 287 -4.06 -11.62 31.53
C PHE A 287 -5.31 -10.80 31.26
N LEU A 288 -5.14 -9.48 31.25
CA LEU A 288 -6.24 -8.56 30.93
C LEU A 288 -5.72 -7.49 29.99
N SER A 289 -6.63 -6.89 29.23
CA SER A 289 -6.23 -5.89 28.25
C SER A 289 -6.03 -4.54 28.88
N VAL A 290 -4.86 -3.96 28.61
CA VAL A 290 -4.53 -2.57 28.86
C VAL A 290 -3.80 -2.07 27.59
N PRO A 291 -3.62 -0.74 27.45
CA PRO A 291 -2.91 -0.30 26.25
C PRO A 291 -1.43 -0.69 26.33
N CYS A 292 -0.94 -1.44 25.35
CA CYS A 292 0.43 -1.94 25.33
C CYS A 292 1.18 -1.43 24.11
N ILE A 293 2.47 -1.18 24.28
CA ILE A 293 3.36 -0.82 23.19
C ILE A 293 3.86 -2.10 22.56
N LEU A 294 3.64 -2.25 21.25
CA LEU A 294 3.98 -3.46 20.53
C LEU A 294 5.13 -3.17 19.59
N GLY A 295 6.13 -4.02 19.64
CA GLY A 295 7.27 -3.92 18.74
C GLY A 295 7.86 -5.28 18.52
N GLN A 296 9.11 -5.30 18.06
CA GLN A 296 9.78 -6.54 17.66
C GLN A 296 9.97 -7.53 18.81
N ASN A 297 9.93 -7.04 20.05
CA ASN A 297 10.03 -7.91 21.24
C ASN A 297 8.70 -8.17 21.93
N GLY A 298 7.61 -7.87 21.22
CA GLY A 298 6.27 -8.10 21.74
C GLY A 298 5.83 -6.89 22.54
N ILE A 299 5.37 -7.14 23.76
CA ILE A 299 4.97 -6.06 24.67
C ILE A 299 6.17 -5.60 25.48
N SER A 300 6.74 -4.45 25.10
CA SER A 300 7.90 -3.90 25.78
C SER A 300 7.47 -2.99 26.94
N ASP A 301 6.28 -2.43 26.84
CA ASP A 301 5.81 -1.45 27.81
C ASP A 301 4.31 -1.48 27.85
N LEU A 302 3.74 -0.94 28.91
CA LEU A 302 2.29 -0.74 28.98
C LEU A 302 1.95 0.64 29.52
N VAL A 303 0.83 1.18 29.09
CA VAL A 303 0.37 2.47 29.55
C VAL A 303 -0.45 2.28 30.83
N LYS A 304 -0.17 3.09 31.86
CA LYS A 304 -0.88 3.04 33.14
C LYS A 304 -2.09 3.97 33.09
N VAL A 305 -3.21 3.39 32.66
CA VAL A 305 -4.47 4.10 32.54
C VAL A 305 -5.01 4.39 33.96
N THR A 306 -5.43 5.62 34.20
CA THR A 306 -6.05 5.98 35.47
C THR A 306 -7.51 5.56 35.35
N LEU A 307 -7.90 4.59 36.17
CA LEU A 307 -9.26 4.08 36.18
C LEU A 307 -10.05 4.62 37.38
N THR A 308 -11.34 4.88 37.18
CA THR A 308 -12.22 5.21 38.31
C THR A 308 -12.28 4.01 39.24
N SER A 309 -12.82 4.23 40.43
CA SER A 309 -12.97 3.16 41.42
C SER A 309 -13.86 2.05 40.88
N GLU A 310 -14.95 2.40 40.21
CA GLU A 310 -15.82 1.41 39.59
C GLU A 310 -15.14 0.66 38.42
N GLU A 311 -14.39 1.37 37.59
CA GLU A 311 -13.62 0.72 36.53
C GLU A 311 -12.62 -0.29 37.12
N GLU A 312 -11.88 0.12 38.14
CA GLU A 312 -10.90 -0.77 38.77
CA GLU A 312 -10.90 -0.76 38.77
C GLU A 312 -11.57 -2.00 39.35
N ALA A 313 -12.73 -1.82 39.96
CA ALA A 313 -13.45 -2.93 40.60
C ALA A 313 -13.89 -3.99 39.58
N ARG A 314 -14.19 -3.55 38.36
CA ARG A 314 -14.62 -4.46 37.28
C ARG A 314 -13.44 -5.28 36.78
N LEU A 315 -12.28 -4.64 36.71
CA LEU A 315 -11.07 -5.37 36.38
C LEU A 315 -10.75 -6.39 37.45
N LYS A 316 -10.92 -5.99 38.71
CA LYS A 316 -10.61 -6.88 39.82
C LYS A 316 -11.56 -8.08 39.79
N LYS A 317 -12.83 -7.86 39.46
CA LYS A 317 -13.78 -8.96 39.45
C LYS A 317 -13.47 -9.97 38.36
N SER A 318 -13.11 -9.47 37.18
CA SER A 318 -12.67 -10.34 36.08
C SER A 318 -11.45 -11.13 36.50
N ALA A 319 -10.48 -10.45 37.13
CA ALA A 319 -9.27 -11.12 37.59
C ALA A 319 -9.58 -12.28 38.52
N ASP A 320 -10.49 -12.06 39.49
CA ASP A 320 -10.87 -13.10 40.45
C ASP A 320 -11.56 -14.29 39.75
N THR A 321 -12.48 -13.98 38.85
CA THR A 321 -13.21 -15.02 38.13
C THR A 321 -12.24 -15.83 37.28
N LEU A 322 -11.44 -15.14 36.47
CA LEU A 322 -10.44 -15.79 35.63
C LEU A 322 -9.50 -16.65 36.43
N TRP A 323 -8.99 -16.11 37.53
CA TRP A 323 -8.04 -16.86 38.35
C TRP A 323 -8.69 -18.14 38.91
N GLY A 324 -9.98 -18.05 39.26
CA GLY A 324 -10.71 -19.19 39.81
C GLY A 324 -10.86 -20.30 38.80
N ILE A 325 -10.89 -19.96 37.52
CA ILE A 325 -10.95 -20.98 36.47
C ILE A 325 -9.53 -21.51 36.30
N GLN A 326 -8.58 -20.60 36.22
CA GLN A 326 -7.20 -20.98 35.95
C GLN A 326 -6.59 -21.92 36.97
N LYS A 327 -6.93 -21.69 38.25
CA LYS A 327 -6.35 -22.47 39.34
C LYS A 327 -6.77 -23.93 39.24
N GLU A 328 -7.92 -24.18 38.60
CA GLU A 328 -8.48 -25.52 38.48
C GLU A 328 -8.03 -26.28 37.23
N LEU A 329 -7.31 -25.63 36.31
CA LEU A 329 -6.92 -26.27 35.06
C LEU A 329 -5.81 -27.30 35.28
N GLN A 330 -5.89 -28.41 34.55
CA GLN A 330 -4.84 -29.43 34.58
C GLN A 330 -3.94 -29.35 33.35
N PHE A 331 -2.67 -29.07 33.59
CA PHE A 331 -1.65 -28.98 32.54
C PHE A 331 -0.89 -30.29 32.44
N ALA B 1 -28.61 21.54 23.04
CA ALA B 1 -27.67 20.96 22.03
C ALA B 1 -27.14 19.59 22.46
N THR B 2 -27.20 18.62 21.55
CA THR B 2 -26.60 17.29 21.75
C THR B 2 -25.07 17.35 21.91
N LEU B 3 -24.48 16.23 22.30
CA LEU B 3 -23.02 16.13 22.41
C LEU B 3 -22.38 16.37 21.05
N LYS B 4 -22.93 15.73 20.03
CA LYS B 4 -22.45 15.90 18.66
C LYS B 4 -22.36 17.38 18.25
N ASP B 5 -23.47 18.11 18.44
CA ASP B 5 -23.54 19.55 18.09
C ASP B 5 -22.66 20.40 19.00
N GLN B 6 -22.45 19.95 20.24
CA GLN B 6 -21.47 20.58 21.13
C GLN B 6 -20.05 20.40 20.64
N LEU B 7 -19.73 19.19 20.18
CA LEU B 7 -18.36 18.85 19.76
C LEU B 7 -18.03 19.37 18.36
N ILE B 8 -19.02 19.32 17.46
CA ILE B 8 -18.80 19.53 16.03
C ILE B 8 -19.73 20.60 15.47
N TYR B 9 -19.17 21.59 14.79
CA TYR B 9 -19.97 22.59 14.07
C TYR B 9 -20.07 22.22 12.59
N ASN B 10 -21.29 22.16 12.08
CA ASN B 10 -21.52 21.82 10.69
C ASN B 10 -21.42 23.05 9.77
N LEU B 11 -20.64 22.91 8.71
CA LEU B 11 -20.58 23.93 7.66
C LEU B 11 -21.68 23.64 6.65
N LEU B 12 -21.75 22.39 6.21
CA LEU B 12 -22.71 21.99 5.17
C LEU B 12 -23.13 20.54 5.39
N LYS B 13 -24.42 20.25 5.23
CA LYS B 13 -25.01 18.97 5.59
C LYS B 13 -25.40 18.13 4.38
N GLU B 14 -25.45 18.74 3.19
CA GLU B 14 -25.98 18.04 2.02
C GLU B 14 -25.11 16.83 1.63
N GLU B 15 -25.78 15.69 1.51
CA GLU B 15 -25.12 14.40 1.28
C GLU B 15 -24.60 14.33 -0.14
N GLN B 16 -23.29 14.17 -0.29
CA GLN B 16 -22.69 14.00 -1.61
C GLN B 16 -22.78 12.53 -2.02
N THR B 17 -22.75 12.29 -3.32
CA THR B 17 -22.81 10.94 -3.86
C THR B 17 -21.40 10.35 -3.88
N PRO B 18 -21.30 9.01 -3.84
CA PRO B 18 -19.96 8.40 -3.87
C PRO B 18 -19.23 8.59 -5.20
N GLN B 19 -17.92 8.79 -5.11
CA GLN B 19 -17.06 8.97 -6.29
C GLN B 19 -16.58 7.63 -6.90
N ASN B 20 -16.47 6.60 -6.08
CA ASN B 20 -15.80 5.36 -6.50
C ASN B 20 -16.45 4.14 -5.94
N LYS B 21 -17.73 3.98 -6.23
CA LYS B 21 -18.54 2.95 -5.58
C LYS B 21 -18.48 1.66 -6.35
N ILE B 22 -18.37 0.59 -5.60
CA ILE B 22 -18.41 -0.74 -6.13
C ILE B 22 -19.49 -1.54 -5.40
N THR B 23 -20.19 -2.37 -6.15
CA THR B 23 -21.18 -3.30 -5.62
C THR B 23 -20.73 -4.73 -5.88
N VAL B 24 -20.90 -5.59 -4.88
CA VAL B 24 -20.71 -7.02 -5.05
C VAL B 24 -22.07 -7.70 -4.86
N VAL B 25 -22.51 -8.43 -5.87
CA VAL B 25 -23.76 -9.18 -5.83
C VAL B 25 -23.46 -10.64 -5.53
N GLY B 26 -23.99 -11.12 -4.41
CA GLY B 26 -23.77 -12.50 -3.98
C GLY B 26 -22.66 -12.55 -2.94
N VAL B 27 -23.01 -12.85 -1.69
CA VAL B 27 -22.04 -12.79 -0.59
C VAL B 27 -21.64 -14.18 -0.15
N GLY B 28 -21.47 -15.06 -1.11
CA GLY B 28 -20.94 -16.38 -0.85
C GLY B 28 -19.46 -16.32 -0.65
N ALA B 29 -18.80 -17.47 -0.80
CA ALA B 29 -17.35 -17.53 -0.60
C ALA B 29 -16.61 -16.61 -1.57
N VAL B 30 -17.06 -16.57 -2.83
CA VAL B 30 -16.39 -15.79 -3.86
C VAL B 30 -16.65 -14.30 -3.66
N GLY B 31 -17.91 -13.95 -3.43
CA GLY B 31 -18.30 -12.56 -3.24
C GLY B 31 -17.55 -11.87 -2.12
N MET B 32 -17.45 -12.52 -0.97
CA MET B 32 -16.82 -11.91 0.19
C MET B 32 -15.31 -11.87 0.03
N ALA B 33 -14.72 -12.88 -0.60
CA ALA B 33 -13.28 -12.81 -0.98
C ALA B 33 -13.00 -11.62 -1.91
N CYS B 34 -13.88 -11.39 -2.88
CA CYS B 34 -13.75 -10.21 -3.73
C CYS B 34 -13.81 -8.91 -2.90
N ALA B 35 -14.76 -8.87 -1.97
CA ALA B 35 -14.94 -7.72 -1.09
C ALA B 35 -13.74 -7.41 -0.23
N ILE B 36 -13.24 -8.40 0.52
CA ILE B 36 -12.12 -8.14 1.41
C ILE B 36 -10.91 -7.68 0.61
N SER B 37 -10.63 -8.32 -0.53
CA SER B 37 -9.50 -7.92 -1.36
C SER B 37 -9.68 -6.50 -1.91
N ILE B 38 -10.88 -6.20 -2.38
CA ILE B 38 -11.18 -4.85 -2.84
C ILE B 38 -11.04 -3.82 -1.72
N LEU B 39 -11.51 -4.17 -0.54
CA LEU B 39 -11.35 -3.28 0.61
C LEU B 39 -9.89 -3.06 1.04
N MET B 40 -9.07 -4.10 1.05
CA MET B 40 -7.68 -3.92 1.47
C MET B 40 -6.81 -3.27 0.38
N LYS B 41 -7.36 -3.09 -0.82
CA LYS B 41 -6.67 -2.39 -1.91
C LYS B 41 -7.14 -0.95 -2.09
N ASP B 42 -8.00 -0.45 -1.18
CA ASP B 42 -8.40 0.96 -1.20
C ASP B 42 -8.95 1.41 -2.56
N LEU B 43 -9.79 0.60 -3.17
CA LEU B 43 -10.28 0.93 -4.50
C LEU B 43 -11.59 1.71 -4.49
N ALA B 44 -12.36 1.60 -3.40
CA ALA B 44 -13.71 2.16 -3.32
C ALA B 44 -13.88 3.07 -2.13
N ASP B 45 -14.69 4.12 -2.31
CA ASP B 45 -15.15 4.96 -1.21
C ASP B 45 -16.51 4.49 -0.70
N GLU B 46 -17.20 3.66 -1.47
CA GLU B 46 -18.41 3.00 -0.98
C GLU B 46 -18.47 1.58 -1.49
N LEU B 47 -18.79 0.64 -0.60
CA LEU B 47 -19.00 -0.74 -0.98
C LEU B 47 -20.43 -1.12 -0.63
N ALA B 48 -21.14 -1.62 -1.63
CA ALA B 48 -22.50 -2.15 -1.48
C ALA B 48 -22.53 -3.65 -1.70
N LEU B 49 -23.21 -4.37 -0.81
CA LEU B 49 -23.38 -5.81 -0.93
C LEU B 49 -24.87 -6.14 -1.14
N VAL B 50 -25.14 -7.11 -2.00
CA VAL B 50 -26.51 -7.58 -2.24
C VAL B 50 -26.56 -9.11 -2.26
N ASP B 51 -27.61 -9.66 -1.65
CA ASP B 51 -27.87 -11.08 -1.69
C ASP B 51 -29.37 -11.26 -1.43
N VAL B 52 -29.86 -12.49 -1.60
CA VAL B 52 -31.26 -12.84 -1.31
C VAL B 52 -31.43 -13.44 0.08
N ILE B 53 -30.33 -13.93 0.67
CA ILE B 53 -30.31 -14.44 2.04
C ILE B 53 -30.03 -13.25 2.97
N GLU B 54 -31.07 -12.74 3.61
CA GLU B 54 -31.00 -11.46 4.30
C GLU B 54 -30.15 -11.47 5.56
N ASP B 55 -30.23 -12.55 6.32
CA ASP B 55 -29.44 -12.70 7.55
C ASP B 55 -27.93 -12.77 7.27
N LYS B 56 -27.54 -13.73 6.45
CA LYS B 56 -26.15 -13.89 6.03
C LYS B 56 -25.61 -12.57 5.49
N LEU B 57 -26.42 -11.93 4.64
CA LEU B 57 -26.09 -10.60 4.08
C LEU B 57 -25.84 -9.54 5.14
N LYS B 58 -26.73 -9.43 6.12
CA LYS B 58 -26.60 -8.40 7.13
C LYS B 58 -25.37 -8.62 7.97
N GLY B 59 -25.13 -9.89 8.29
CA GLY B 59 -24.04 -10.30 9.15
C GLY B 59 -22.70 -10.09 8.48
N GLU B 60 -22.67 -10.33 7.17
CA GLU B 60 -21.43 -10.15 6.41
C GLU B 60 -21.12 -8.66 6.33
N MET B 61 -22.13 -7.85 6.08
CA MET B 61 -21.97 -6.40 6.09
C MET B 61 -21.39 -5.94 7.41
N MET B 62 -21.98 -6.38 8.52
CA MET B 62 -21.58 -5.93 9.85
C MET B 62 -20.16 -6.34 10.15
N ASP B 63 -19.80 -7.54 9.72
CA ASP B 63 -18.48 -8.08 9.99
C ASP B 63 -17.42 -7.22 9.30
N LEU B 64 -17.67 -6.80 8.06
CA LEU B 64 -16.77 -5.87 7.34
C LEU B 64 -16.74 -4.51 8.04
N GLN B 65 -17.93 -4.01 8.36
CA GLN B 65 -18.07 -2.73 9.03
C GLN B 65 -17.25 -2.68 10.30
N HIS B 66 -17.24 -3.76 11.07
CA HIS B 66 -16.51 -3.78 12.30
C HIS B 66 -14.98 -3.70 12.10
N GLY B 67 -14.50 -3.92 10.88
CA GLY B 67 -13.08 -3.72 10.56
C GLY B 67 -12.74 -2.34 9.97
N SER B 68 -13.72 -1.44 9.96
CA SER B 68 -13.59 -0.09 9.39
C SER B 68 -12.38 0.70 9.86
N LEU B 69 -12.04 0.59 11.14
CA LEU B 69 -10.86 1.22 11.69
C LEU B 69 -9.59 0.91 10.90
N PHE B 70 -9.51 -0.31 10.37
CA PHE B 70 -8.31 -0.78 9.68
C PHE B 70 -8.39 -0.61 8.17
N LEU B 71 -9.48 0.02 7.70
CA LEU B 71 -9.74 0.18 6.27
C LEU B 71 -9.78 1.66 5.89
N ARG B 72 -9.94 1.94 4.59
CA ARG B 72 -10.06 3.30 4.08
CA ARG B 72 -10.04 3.29 4.06
C ARG B 72 -11.28 3.41 3.17
N THR B 73 -12.32 2.66 3.51
CA THR B 73 -13.57 2.65 2.77
C THR B 73 -14.65 3.06 3.77
N PRO B 74 -15.02 4.34 3.76
CA PRO B 74 -15.81 4.95 4.82
C PRO B 74 -17.28 4.54 4.91
N LYS B 75 -17.83 3.92 3.88
CA LYS B 75 -19.22 3.51 3.95
C LYS B 75 -19.42 2.13 3.35
N ILE B 76 -20.01 1.24 4.14
CA ILE B 76 -20.32 -0.10 3.70
C ILE B 76 -21.80 -0.35 3.97
N VAL B 77 -22.53 -0.70 2.90
CA VAL B 77 -23.98 -0.92 2.93
C VAL B 77 -24.36 -2.27 2.35
N SER B 78 -25.55 -2.73 2.68
CA SER B 78 -26.08 -3.99 2.12
C SER B 78 -27.58 -3.95 2.05
N GLY B 79 -28.14 -4.87 1.28
CA GLY B 79 -29.60 -4.96 1.16
C GLY B 79 -30.03 -5.90 0.05
N LYS B 80 -31.20 -6.49 0.23
CA LYS B 80 -31.84 -7.29 -0.81
C LYS B 80 -32.33 -6.43 -1.98
N ASP B 81 -32.55 -5.14 -1.71
CA ASP B 81 -33.11 -4.17 -2.65
C ASP B 81 -31.96 -3.43 -3.31
N TYR B 82 -32.02 -3.32 -4.63
CA TYR B 82 -30.92 -2.77 -5.40
C TYR B 82 -30.75 -1.25 -5.28
N ASN B 83 -31.64 -0.58 -4.56
CA ASN B 83 -31.44 0.86 -4.30
C ASN B 83 -30.15 1.16 -3.53
N VAL B 84 -29.66 0.16 -2.79
CA VAL B 84 -28.39 0.32 -2.07
C VAL B 84 -27.17 0.25 -3.02
N THR B 85 -27.41 -0.10 -4.28
CA THR B 85 -26.33 -0.24 -5.25
C THR B 85 -26.25 0.96 -6.18
N ALA B 86 -27.10 1.96 -5.93
CA ALA B 86 -27.17 3.16 -6.76
C ALA B 86 -25.83 3.82 -6.93
N ASN B 87 -25.54 4.21 -8.18
CA ASN B 87 -24.37 5.01 -8.51
C ASN B 87 -23.03 4.23 -8.42
N SER B 88 -23.06 2.94 -8.67
CA SER B 88 -21.85 2.13 -8.68
C SER B 88 -21.08 2.32 -9.99
N LYS B 89 -19.77 2.53 -9.88
CA LYS B 89 -18.85 2.54 -11.04
C LYS B 89 -18.70 1.15 -11.60
N LEU B 90 -18.75 0.16 -10.71
CA LEU B 90 -18.45 -1.20 -11.06
C LEU B 90 -19.32 -2.12 -10.25
N VAL B 91 -19.91 -3.11 -10.91
CA VAL B 91 -20.80 -4.05 -10.26
C VAL B 91 -20.34 -5.45 -10.61
N ILE B 92 -20.04 -6.22 -9.57
CA ILE B 92 -19.42 -7.51 -9.71
C ILE B 92 -20.43 -8.55 -9.32
N ILE B 93 -20.73 -9.47 -10.25
CA ILE B 93 -21.75 -10.47 -10.05
C ILE B 93 -21.13 -11.82 -9.78
N THR B 94 -21.33 -12.31 -8.56
CA THR B 94 -20.82 -13.60 -8.11
C THR B 94 -21.96 -14.52 -7.65
N ALA B 95 -23.19 -14.13 -7.95
CA ALA B 95 -24.35 -14.89 -7.56
C ALA B 95 -24.54 -16.04 -8.51
N GLY B 96 -24.76 -17.22 -7.93
CA GLY B 96 -25.04 -18.39 -8.75
C GLY B 96 -24.74 -19.72 -8.08
N ALA B 97 -25.05 -20.77 -8.81
CA ALA B 97 -24.92 -22.13 -8.33
C ALA B 97 -23.46 -22.57 -8.39
N ARG B 98 -22.93 -22.90 -7.23
CA ARG B 98 -21.60 -23.45 -7.06
C ARG B 98 -21.53 -24.90 -7.57
N LEU B 106 -25.54 -27.43 -18.14
CA LEU B 106 -26.81 -27.08 -18.78
C LEU B 106 -27.86 -26.63 -17.74
N ASN B 107 -28.08 -27.44 -16.71
CA ASN B 107 -28.91 -27.03 -15.57
C ASN B 107 -28.32 -25.81 -14.89
N LEU B 108 -27.00 -25.86 -14.69
CA LEU B 108 -26.21 -24.75 -14.13
C LEU B 108 -26.51 -23.45 -14.89
N VAL B 109 -26.66 -23.57 -16.22
CA VAL B 109 -26.91 -22.42 -17.09
C VAL B 109 -28.30 -21.83 -16.87
N GLN B 110 -29.32 -22.62 -17.17
CA GLN B 110 -30.71 -22.15 -17.22
C GLN B 110 -31.14 -21.49 -15.90
N ARG B 111 -30.72 -22.08 -14.79
CA ARG B 111 -31.09 -21.57 -13.46
C ARG B 111 -30.33 -20.29 -13.09
N ASN B 112 -29.08 -20.16 -13.55
CA ASN B 112 -28.35 -18.90 -13.39
C ASN B 112 -28.82 -17.83 -14.36
N VAL B 113 -29.39 -18.23 -15.50
CA VAL B 113 -30.01 -17.28 -16.44
C VAL B 113 -31.28 -16.68 -15.84
N ASN B 114 -32.05 -17.52 -15.14
CA ASN B 114 -33.27 -17.06 -14.47
C ASN B 114 -32.96 -16.09 -13.34
N ILE B 115 -31.90 -16.35 -12.61
CA ILE B 115 -31.41 -15.42 -11.61
C ILE B 115 -31.05 -14.06 -12.25
N PHE B 116 -30.32 -14.08 -13.36
CA PHE B 116 -29.87 -12.84 -14.04
C PHE B 116 -31.02 -12.01 -14.59
N LYS B 117 -32.10 -12.65 -14.99
CA LYS B 117 -33.27 -11.90 -15.49
C LYS B 117 -33.82 -10.91 -14.46
N PHE B 118 -33.57 -11.18 -13.18
CA PHE B 118 -33.97 -10.29 -12.08
CA PHE B 118 -33.97 -10.24 -12.15
C PHE B 118 -32.80 -9.39 -11.68
N ILE B 119 -31.62 -9.99 -11.54
CA ILE B 119 -30.45 -9.24 -11.12
C ILE B 119 -30.08 -8.11 -12.07
N ILE B 120 -29.88 -8.45 -13.34
CA ILE B 120 -29.32 -7.46 -14.29
C ILE B 120 -30.20 -6.22 -14.50
N PRO B 121 -31.51 -6.40 -14.78
CA PRO B 121 -32.32 -5.18 -14.85
C PRO B 121 -32.23 -4.29 -13.61
N ASN B 122 -32.21 -4.90 -12.43
CA ASN B 122 -32.13 -4.12 -11.19
C ASN B 122 -30.81 -3.36 -11.06
N VAL B 123 -29.72 -3.99 -11.48
CA VAL B 123 -28.42 -3.34 -11.50
C VAL B 123 -28.45 -2.11 -12.37
N VAL B 124 -28.93 -2.31 -13.58
CA VAL B 124 -28.97 -1.25 -14.60
C VAL B 124 -29.87 -0.10 -14.15
N LYS B 125 -31.01 -0.44 -13.57
CA LYS B 125 -31.94 0.57 -13.06
C LYS B 125 -31.22 1.58 -12.15
N TYR B 126 -30.42 1.09 -11.22
CA TYR B 126 -29.78 1.97 -10.25
C TYR B 126 -28.38 2.45 -10.62
N SER B 127 -27.71 1.76 -11.54
CA SER B 127 -26.38 2.21 -12.01
C SER B 127 -26.26 2.05 -13.52
N PRO B 128 -26.87 2.96 -14.29
CA PRO B 128 -26.94 2.79 -15.75
C PRO B 128 -25.59 2.91 -16.48
N ASN B 129 -24.65 3.60 -15.87
CA ASN B 129 -23.35 3.83 -16.47
C ASN B 129 -22.25 2.94 -15.90
N CYS B 130 -22.63 1.90 -15.18
CA CYS B 130 -21.65 1.04 -14.53
C CYS B 130 -20.97 0.10 -15.52
N LYS B 131 -19.75 -0.31 -15.16
CA LYS B 131 -19.15 -1.50 -15.73
C LYS B 131 -19.69 -2.73 -14.99
N LEU B 132 -20.06 -3.74 -15.77
CA LEU B 132 -20.42 -5.04 -15.25
C LEU B 132 -19.23 -5.97 -15.35
N LEU B 133 -18.88 -6.57 -14.20
CA LEU B 133 -17.89 -7.65 -14.13
C LEU B 133 -18.55 -8.92 -13.65
N ILE B 134 -18.63 -9.92 -14.52
CA ILE B 134 -19.31 -11.18 -14.26
C ILE B 134 -18.34 -12.29 -13.83
N VAL B 135 -18.62 -12.94 -12.70
CA VAL B 135 -17.76 -14.00 -12.18
C VAL B 135 -18.48 -15.34 -12.18
N SER B 136 -19.78 -15.29 -11.92
CA SER B 136 -20.61 -16.49 -11.85
C SER B 136 -20.41 -17.38 -13.05
N ASN B 137 -20.43 -18.68 -12.81
CA ASN B 137 -20.28 -19.67 -13.86
C ASN B 137 -21.59 -20.22 -14.42
N PRO B 138 -21.57 -20.64 -15.69
CA PRO B 138 -20.40 -20.61 -16.61
C PRO B 138 -20.17 -19.19 -17.13
N VAL B 139 -18.99 -18.66 -16.82
CA VAL B 139 -18.75 -17.22 -16.91
C VAL B 139 -18.86 -16.65 -18.33
N ASP B 140 -18.38 -17.37 -19.33
CA ASP B 140 -18.47 -16.88 -20.71
C ASP B 140 -19.95 -16.79 -21.19
N ILE B 141 -20.75 -17.79 -20.85
CA ILE B 141 -22.17 -17.77 -21.20
C ILE B 141 -22.87 -16.68 -20.41
N LEU B 142 -22.63 -16.63 -19.10
CA LEU B 142 -23.32 -15.67 -18.25
C LEU B 142 -22.93 -14.23 -18.54
N THR B 143 -21.73 -14.03 -19.10
CA THR B 143 -21.30 -12.69 -19.51
C THR B 143 -22.18 -12.23 -20.71
N TYR B 144 -22.38 -13.15 -21.66
CA TYR B 144 -23.27 -12.90 -22.81
C TYR B 144 -24.68 -12.63 -22.31
N VAL B 145 -25.15 -13.45 -21.38
CA VAL B 145 -26.45 -13.24 -20.81
C VAL B 145 -26.58 -11.84 -20.24
N ALA B 146 -25.55 -11.38 -19.53
CA ALA B 146 -25.59 -10.08 -18.86
C ALA B 146 -25.55 -8.97 -19.90
N TRP B 147 -24.79 -9.19 -20.96
CA TRP B 147 -24.69 -8.21 -22.02
C TRP B 147 -26.07 -8.07 -22.68
N LYS B 148 -26.65 -9.21 -23.00
CA LYS B 148 -27.92 -9.29 -23.72
C LYS B 148 -29.02 -8.58 -22.92
N ILE B 149 -29.12 -8.89 -21.64
CA ILE B 149 -30.20 -8.35 -20.80
C ILE B 149 -30.02 -6.88 -20.49
N SER B 150 -28.77 -6.45 -20.21
CA SER B 150 -28.51 -5.07 -19.83
C SER B 150 -28.67 -4.06 -20.96
N GLY B 151 -28.47 -4.51 -22.20
CA GLY B 151 -28.40 -3.61 -23.34
C GLY B 151 -27.14 -2.75 -23.35
N PHE B 152 -26.18 -3.08 -22.49
CA PHE B 152 -24.93 -2.32 -22.43
C PHE B 152 -24.09 -2.51 -23.70
N PRO B 153 -23.27 -1.50 -24.04
CA PRO B 153 -22.26 -1.74 -25.07
C PRO B 153 -21.22 -2.73 -24.55
N LYS B 154 -20.62 -3.49 -25.46
CA LYS B 154 -19.73 -4.58 -25.10
C LYS B 154 -18.55 -4.15 -24.24
N ASN B 155 -18.10 -2.90 -24.38
CA ASN B 155 -16.97 -2.46 -23.58
C ASN B 155 -17.28 -2.45 -22.09
N ARG B 156 -18.57 -2.39 -21.73
CA ARG B 156 -18.94 -2.27 -20.32
C ARG B 156 -19.41 -3.59 -19.69
N VAL B 157 -19.30 -4.69 -20.44
CA VAL B 157 -19.61 -6.02 -19.93
C VAL B 157 -18.36 -6.90 -20.02
N ILE B 158 -17.83 -7.26 -18.87
CA ILE B 158 -16.57 -7.98 -18.72
C ILE B 158 -16.80 -9.26 -17.94
N GLY B 159 -16.35 -10.38 -18.49
CA GLY B 159 -16.35 -11.66 -17.80
C GLY B 159 -14.98 -11.89 -17.19
N SER B 160 -14.98 -12.40 -15.97
CA SER B 160 -13.73 -12.79 -15.31
C SER B 160 -12.89 -13.72 -16.18
N GLY B 161 -13.56 -14.58 -16.94
CA GLY B 161 -12.92 -15.33 -18.02
C GLY B 161 -11.71 -16.14 -17.62
N CYS B 162 -10.62 -15.96 -18.36
CA CYS B 162 -9.40 -16.72 -18.10
C CYS B 162 -8.41 -15.99 -17.19
N ASN B 163 -8.89 -15.06 -16.36
CA ASN B 163 -7.95 -14.28 -15.57
C ASN B 163 -7.35 -15.15 -14.46
N LEU B 164 -8.19 -15.90 -13.76
CA LEU B 164 -7.73 -16.87 -12.74
C LEU B 164 -6.92 -18.04 -13.35
N ASP B 165 -7.39 -18.59 -14.48
CA ASP B 165 -6.68 -19.64 -15.20
C ASP B 165 -5.23 -19.20 -15.50
N SER B 166 -5.06 -17.98 -16.00
CA SER B 166 -3.73 -17.44 -16.31
C SER B 166 -2.92 -17.17 -15.05
N ALA B 167 -3.58 -16.74 -13.99
CA ALA B 167 -2.91 -16.52 -12.72
C ALA B 167 -2.35 -17.82 -12.17
N ARG B 168 -3.13 -18.89 -12.25
CA ARG B 168 -2.68 -20.21 -11.80
C ARG B 168 -1.59 -20.76 -12.71
N PHE B 169 -1.72 -20.56 -14.01
CA PHE B 169 -0.70 -20.94 -14.97
C PHE B 169 0.64 -20.30 -14.59
N ARG B 170 0.62 -19.01 -14.28
CA ARG B 170 1.83 -18.29 -13.95
C ARG B 170 2.41 -18.74 -12.61
N TYR B 171 1.54 -19.11 -11.66
CA TYR B 171 2.01 -19.69 -10.39
C TYR B 171 2.76 -21.00 -10.63
N LEU B 172 2.17 -21.89 -11.43
CA LEU B 172 2.78 -23.21 -11.70
C LEU B 172 4.08 -23.05 -12.49
N MET B 173 4.09 -22.11 -13.42
CA MET B 173 5.29 -21.79 -14.19
C MET B 173 6.42 -21.31 -13.29
N GLY B 174 6.07 -20.38 -12.41
CA GLY B 174 7.00 -19.86 -11.42
C GLY B 174 7.61 -20.92 -10.52
N GLU B 175 6.80 -21.87 -10.07
CA GLU B 175 7.28 -23.03 -9.26
C GLU B 175 8.30 -23.89 -10.00
N ARG B 176 8.01 -24.21 -11.25
CA ARG B 176 8.98 -24.93 -12.08
C ARG B 176 10.28 -24.16 -12.36
N LEU B 177 10.21 -22.85 -12.51
CA LEU B 177 11.40 -22.07 -12.89
C LEU B 177 12.09 -21.44 -11.70
N GLY B 178 11.41 -21.47 -10.56
CA GLY B 178 11.89 -20.81 -9.35
C GLY B 178 11.96 -19.31 -9.52
N VAL B 179 10.95 -18.75 -10.18
CA VAL B 179 10.86 -17.31 -10.43
C VAL B 179 9.47 -16.85 -10.00
N HIS B 180 9.37 -15.62 -9.49
CA HIS B 180 8.08 -15.06 -9.06
C HIS B 180 7.10 -15.05 -10.23
N PRO B 181 5.82 -15.42 -10.00
CA PRO B 181 4.86 -15.41 -11.11
C PRO B 181 4.76 -14.09 -11.87
N LEU B 182 5.02 -12.98 -11.18
CA LEU B 182 5.04 -11.68 -11.84
C LEU B 182 6.04 -11.64 -13.02
N SER B 183 7.14 -12.36 -12.89
CA SER B 183 8.20 -12.36 -13.95
C SER B 183 8.03 -13.51 -14.91
N CYS B 184 7.02 -14.35 -14.67
CA CYS B 184 6.72 -15.47 -15.57
C CYS B 184 5.52 -15.06 -16.37
N HIS B 185 5.66 -15.00 -17.69
CA HIS B 185 4.58 -14.51 -18.53
C HIS B 185 4.03 -15.61 -19.39
N GLY B 186 2.71 -15.65 -19.50
CA GLY B 186 2.06 -16.70 -20.24
C GLY B 186 0.56 -16.48 -20.18
N TRP B 187 -0.11 -16.82 -21.28
CA TRP B 187 -1.51 -16.46 -21.47
C TRP B 187 -2.35 -17.70 -21.73
N VAL B 188 -3.42 -17.86 -20.95
CA VAL B 188 -4.36 -18.94 -21.14
C VAL B 188 -5.62 -18.25 -21.62
N LEU B 189 -6.11 -18.65 -22.79
CA LEU B 189 -7.16 -17.87 -23.44
C LEU B 189 -8.32 -18.75 -23.85
N GLY B 190 -9.37 -18.11 -24.37
CA GLY B 190 -10.50 -18.82 -24.91
C GLY B 190 -11.54 -19.03 -23.83
N GLU B 191 -12.06 -20.25 -23.75
CA GLU B 191 -13.16 -20.59 -22.83
C GLU B 191 -12.66 -20.92 -21.42
N HIS B 192 -13.18 -20.22 -20.42
CA HIS B 192 -12.79 -20.46 -19.04
C HIS B 192 -12.98 -21.91 -18.64
N GLY B 193 -12.03 -22.45 -17.88
CA GLY B 193 -12.13 -23.80 -17.35
C GLY B 193 -11.51 -24.86 -18.24
N ASP B 194 -12.27 -25.94 -18.45
CA ASP B 194 -11.72 -27.17 -19.00
C ASP B 194 -11.19 -27.02 -20.41
N SER B 195 -11.78 -26.12 -21.20
CA SER B 195 -11.44 -25.97 -22.63
C SER B 195 -10.53 -24.77 -23.00
N SER B 196 -9.91 -24.14 -22.01
CA SER B 196 -9.02 -23.02 -22.26
C SER B 196 -7.82 -23.45 -23.10
N VAL B 197 -7.16 -22.47 -23.71
CA VAL B 197 -6.03 -22.70 -24.58
C VAL B 197 -4.78 -22.00 -24.03
N PRO B 198 -3.71 -22.77 -23.74
CA PRO B 198 -2.44 -22.15 -23.35
C PRO B 198 -1.68 -21.72 -24.60
N VAL B 199 -1.34 -20.44 -24.70
CA VAL B 199 -0.68 -19.94 -25.91
C VAL B 199 0.82 -20.10 -25.75
N TRP B 200 1.32 -21.28 -26.09
CA TRP B 200 2.73 -21.60 -25.86
C TRP B 200 3.74 -20.57 -26.43
N SER B 201 3.38 -19.92 -27.54
CA SER B 201 4.27 -18.98 -28.22
C SER B 201 4.57 -17.73 -27.41
N GLY B 202 3.66 -17.41 -26.47
CA GLY B 202 3.78 -16.22 -25.65
C GLY B 202 4.46 -16.44 -24.31
N MET B 203 4.69 -17.70 -23.97
CA MET B 203 5.32 -18.05 -22.71
C MET B 203 6.79 -17.62 -22.68
N ASN B 204 7.12 -16.75 -21.73
CA ASN B 204 8.47 -16.20 -21.67
C ASN B 204 8.84 -15.69 -20.30
N VAL B 205 10.15 -15.61 -20.07
CA VAL B 205 10.73 -14.86 -18.97
C VAL B 205 11.71 -13.86 -19.57
N ALA B 206 11.60 -12.61 -19.15
CA ALA B 206 12.47 -11.54 -19.62
C ALA B 206 12.52 -11.43 -21.15
N GLY B 207 11.40 -11.70 -21.82
CA GLY B 207 11.36 -11.62 -23.27
C GLY B 207 11.98 -12.80 -24.00
N VAL B 208 12.48 -13.79 -23.26
CA VAL B 208 13.02 -15.00 -23.84
C VAL B 208 11.94 -16.07 -24.04
N SER B 209 11.66 -16.40 -25.30
CA SER B 209 10.63 -17.36 -25.65
C SER B 209 10.99 -18.78 -25.22
N LEU B 210 10.16 -19.38 -24.38
CA LEU B 210 10.34 -20.78 -23.98
C LEU B 210 10.14 -21.73 -25.15
N LYS B 211 9.22 -21.39 -26.03
CA LYS B 211 8.96 -22.26 -27.20
C LYS B 211 10.15 -22.30 -28.17
N THR B 212 10.82 -21.17 -28.34
CA THR B 212 12.00 -21.10 -29.23
C THR B 212 13.16 -21.90 -28.61
N LEU B 213 13.29 -21.81 -27.29
CA LEU B 213 14.32 -22.55 -26.57
CA LEU B 213 14.33 -22.54 -26.59
C LEU B 213 14.03 -24.04 -26.49
N HIS B 214 12.75 -24.40 -26.46
CA HIS B 214 12.33 -25.77 -26.22
C HIS B 214 11.22 -26.10 -27.18
N PRO B 215 11.57 -26.43 -28.44
CA PRO B 215 10.54 -26.62 -29.46
C PRO B 215 9.47 -27.65 -29.14
N ASP B 216 9.78 -28.65 -28.31
CA ASP B 216 8.76 -29.65 -27.93
C ASP B 216 7.70 -29.10 -26.98
N LEU B 217 7.90 -27.86 -26.51
CA LEU B 217 7.02 -27.21 -25.54
C LEU B 217 5.54 -27.29 -25.92
N GLY B 218 4.75 -27.93 -25.08
CA GLY B 218 3.31 -27.97 -25.26
C GLY B 218 2.87 -29.11 -26.14
N THR B 219 3.78 -30.04 -26.42
CA THR B 219 3.47 -31.24 -27.21
C THR B 219 3.66 -32.48 -26.35
N ASP B 220 3.21 -33.61 -26.87
CA ASP B 220 3.39 -34.91 -26.23
C ASP B 220 4.86 -35.35 -26.26
N LYS B 221 5.58 -35.00 -27.33
CA LYS B 221 7.01 -35.31 -27.44
C LYS B 221 7.87 -34.72 -26.31
N ASP B 222 7.32 -33.77 -25.55
CA ASP B 222 8.07 -33.04 -24.51
C ASP B 222 8.48 -33.94 -23.31
N LYS B 223 9.78 -34.22 -23.20
CA LYS B 223 10.31 -35.01 -22.09
C LYS B 223 9.98 -34.41 -20.72
N GLU B 224 9.87 -33.08 -20.65
CA GLU B 224 9.59 -32.36 -19.41
C GLU B 224 8.11 -32.11 -19.19
N GLN B 225 7.26 -32.54 -20.11
CA GLN B 225 5.81 -32.47 -19.95
C GLN B 225 5.31 -31.08 -19.58
N TRP B 226 5.82 -30.05 -20.25
CA TRP B 226 5.38 -28.68 -19.95
C TRP B 226 3.91 -28.50 -20.23
N LYS B 227 3.37 -29.39 -21.05
CA LYS B 227 1.94 -29.41 -21.32
C LYS B 227 1.10 -29.69 -20.06
N GLU B 228 1.71 -30.35 -19.06
CA GLU B 228 1.01 -30.62 -17.80
C GLU B 228 0.82 -29.37 -16.95
N VAL B 229 1.65 -28.35 -17.15
CA VAL B 229 1.45 -27.10 -16.48
C VAL B 229 0.04 -26.57 -16.76
N HIS B 230 -0.38 -26.64 -18.02
CA HIS B 230 -1.71 -26.19 -18.37
C HIS B 230 -2.73 -27.18 -17.85
N LYS B 231 -2.43 -28.47 -17.92
CA LYS B 231 -3.36 -29.48 -17.38
C LYS B 231 -3.53 -29.33 -15.87
N GLN B 232 -2.44 -29.02 -15.17
CA GLN B 232 -2.47 -28.85 -13.73
C GLN B 232 -3.26 -27.62 -13.33
N VAL B 233 -3.44 -26.65 -14.24
CA VAL B 233 -4.34 -25.52 -13.98
C VAL B 233 -5.77 -26.04 -13.77
N VAL B 234 -6.17 -26.99 -14.62
CA VAL B 234 -7.50 -27.60 -14.57
C VAL B 234 -7.61 -28.57 -13.38
N GLU B 235 -6.64 -29.48 -13.24
CA GLU B 235 -6.55 -30.40 -12.11
C GLU B 235 -6.58 -29.65 -10.76
N SER B 236 -5.82 -28.56 -10.65
CA SER B 236 -5.79 -27.72 -9.44
C SER B 236 -7.17 -27.20 -9.01
N ALA B 237 -7.97 -26.77 -9.97
CA ALA B 237 -9.31 -26.26 -9.65
C ALA B 237 -10.18 -27.35 -9.00
N TYR B 238 -10.12 -28.55 -9.57
CA TYR B 238 -10.91 -29.67 -9.08
C TYR B 238 -10.36 -30.10 -7.74
N GLU B 239 -9.04 -30.06 -7.62
CA GLU B 239 -8.41 -30.49 -6.38
C GLU B 239 -8.77 -29.54 -5.24
N VAL B 240 -8.78 -28.24 -5.49
CA VAL B 240 -9.09 -27.29 -4.43
C VAL B 240 -10.49 -27.50 -3.90
N ILE B 241 -11.43 -27.72 -4.82
CA ILE B 241 -12.83 -28.07 -4.48
C ILE B 241 -12.93 -29.37 -3.69
N LYS B 242 -12.24 -30.43 -4.13
CA LYS B 242 -12.25 -31.68 -3.38
C LYS B 242 -11.77 -31.48 -1.95
N LEU B 243 -10.68 -30.73 -1.77
CA LEU B 243 -10.01 -30.59 -0.48
C LEU B 243 -10.71 -29.62 0.46
N LYS B 244 -11.27 -28.58 -0.13
CA LYS B 244 -11.71 -27.40 0.59
C LYS B 244 -13.21 -27.20 0.46
N GLY B 245 -13.80 -27.73 -0.61
CA GLY B 245 -15.25 -27.59 -0.85
C GLY B 245 -15.61 -26.45 -1.80
N TYR B 246 -14.70 -25.49 -1.94
CA TYR B 246 -14.92 -24.35 -2.82
C TYR B 246 -13.59 -23.64 -3.09
N THR B 247 -13.60 -22.61 -3.94
CA THR B 247 -12.43 -21.73 -4.08
C THR B 247 -12.87 -20.33 -3.74
N SER B 248 -11.97 -19.56 -3.18
CA SER B 248 -12.31 -18.21 -2.77
C SER B 248 -11.17 -17.20 -2.88
N TRP B 249 -10.06 -17.48 -2.22
CA TRP B 249 -8.97 -16.49 -2.10
C TRP B 249 -8.38 -16.12 -3.45
N ALA B 250 -8.02 -17.11 -4.26
CA ALA B 250 -7.39 -16.84 -5.54
C ALA B 250 -8.26 -15.98 -6.41
N ILE B 251 -9.54 -16.37 -6.53
CA ILE B 251 -10.49 -15.64 -7.36
C ILE B 251 -10.76 -14.24 -6.83
N GLY B 252 -10.83 -14.09 -5.51
CA GLY B 252 -11.00 -12.77 -4.91
C GLY B 252 -9.87 -11.85 -5.32
N LEU B 253 -8.66 -12.39 -5.26
CA LEU B 253 -7.48 -11.58 -5.51
C LEU B 253 -7.44 -11.18 -6.98
N SER B 254 -7.81 -12.10 -7.86
CA SER B 254 -7.77 -11.83 -9.29
C SER B 254 -8.83 -10.79 -9.66
N VAL B 255 -10.01 -10.86 -9.04
CA VAL B 255 -11.08 -9.92 -9.32
C VAL B 255 -10.68 -8.52 -8.86
N ALA B 256 -10.08 -8.44 -7.67
CA ALA B 256 -9.60 -7.16 -7.13
C ALA B 256 -8.57 -6.50 -8.07
N ASP B 257 -7.74 -7.31 -8.74
CA ASP B 257 -6.72 -6.77 -9.65
C ASP B 257 -7.39 -6.19 -10.88
N LEU B 258 -8.39 -6.89 -11.43
CA LEU B 258 -9.19 -6.34 -12.51
C LEU B 258 -9.85 -5.04 -12.06
N ALA B 259 -10.45 -5.04 -10.88
CA ALA B 259 -11.12 -3.85 -10.37
C ALA B 259 -10.16 -2.66 -10.26
N GLU B 260 -8.92 -2.93 -9.87
CA GLU B 260 -7.93 -1.87 -9.75
C GLU B 260 -7.66 -1.17 -11.09
N SER B 261 -7.52 -1.95 -12.17
CA SER B 261 -7.28 -1.36 -13.48
C SER B 261 -8.49 -0.55 -13.95
N ILE B 262 -9.69 -1.10 -13.75
CA ILE B 262 -10.92 -0.42 -14.15
C ILE B 262 -11.07 0.90 -13.39
N MET B 263 -11.03 0.82 -12.06
CA MET B 263 -11.31 1.97 -11.21
C MET B 263 -10.26 3.08 -11.31
N LYS B 264 -9.00 2.71 -11.51
CA LYS B 264 -7.89 3.68 -11.57
C LYS B 264 -7.49 3.99 -13.04
N ASN B 265 -8.23 3.42 -13.99
CA ASN B 265 -8.03 3.66 -15.42
C ASN B 265 -6.61 3.31 -15.91
N LEU B 266 -6.10 2.16 -15.49
CA LEU B 266 -4.67 1.89 -15.66
C LEU B 266 -4.26 1.58 -17.09
N ARG B 267 -5.18 1.02 -17.86
CA ARG B 267 -4.95 0.54 -19.21
C ARG B 267 -3.91 -0.59 -19.22
N ARG B 268 -3.99 -1.45 -18.21
CA ARG B 268 -3.22 -2.70 -18.19
C ARG B 268 -3.99 -3.74 -18.99
N VAL B 269 -3.27 -4.73 -19.49
CA VAL B 269 -3.83 -5.80 -20.27
C VAL B 269 -4.08 -7.01 -19.37
N HIS B 270 -5.31 -7.55 -19.39
CA HIS B 270 -5.70 -8.74 -18.61
C HIS B 270 -6.42 -9.71 -19.52
N PRO B 271 -6.30 -11.02 -19.26
CA PRO B 271 -7.12 -11.96 -20.02
C PRO B 271 -8.52 -12.06 -19.42
N VAL B 272 -9.48 -11.40 -20.05
CA VAL B 272 -10.85 -11.39 -19.56
C VAL B 272 -11.77 -11.70 -20.73
N SER B 273 -13.02 -12.05 -20.43
CA SER B 273 -13.95 -12.46 -21.46
C SER B 273 -14.66 -11.26 -22.09
N THR B 274 -14.65 -11.24 -23.42
CA THR B 274 -15.18 -10.12 -24.20
C THR B 274 -15.82 -10.67 -25.49
N MET B 275 -16.63 -9.86 -26.15
CA MET B 275 -17.26 -10.29 -27.41
C MET B 275 -16.17 -10.50 -28.46
N ILE B 276 -15.96 -11.73 -28.90
CA ILE B 276 -14.94 -12.00 -29.90
C ILE B 276 -15.47 -12.17 -31.32
N LYS B 277 -16.77 -11.97 -31.52
CA LYS B 277 -17.33 -11.98 -32.86
C LYS B 277 -16.48 -11.09 -33.76
N GLY B 278 -16.13 -11.58 -34.95
CA GLY B 278 -15.28 -10.83 -35.86
C GLY B 278 -13.83 -11.25 -35.78
N LEU B 279 -13.51 -12.11 -34.80
CA LEU B 279 -12.16 -12.62 -34.66
C LEU B 279 -12.13 -14.15 -34.80
N TYR B 280 -11.02 -14.64 -35.36
CA TYR B 280 -10.76 -16.08 -35.52
C TYR B 280 -11.88 -16.82 -36.25
N GLY B 281 -12.50 -16.11 -37.21
CA GLY B 281 -13.58 -16.66 -38.01
C GLY B 281 -14.90 -16.76 -37.28
N ILE B 282 -14.97 -16.24 -36.06
CA ILE B 282 -16.15 -16.41 -35.25
C ILE B 282 -17.24 -15.42 -35.62
N LYS B 283 -18.44 -15.95 -35.82
CA LYS B 283 -19.56 -15.16 -36.32
C LYS B 283 -20.64 -14.95 -35.28
N ASP B 284 -20.68 -15.82 -34.28
CA ASP B 284 -21.74 -15.79 -33.28
C ASP B 284 -21.48 -14.84 -32.12
N ASP B 285 -22.55 -14.43 -31.45
CA ASP B 285 -22.48 -13.47 -30.33
C ASP B 285 -21.98 -14.17 -29.05
N VAL B 286 -20.68 -14.44 -29.01
CA VAL B 286 -20.10 -15.18 -27.90
C VAL B 286 -18.95 -14.42 -27.28
N PHE B 287 -18.70 -14.73 -26.01
CA PHE B 287 -17.66 -14.06 -25.23
C PHE B 287 -16.59 -15.09 -24.88
N LEU B 288 -15.33 -14.75 -25.17
CA LEU B 288 -14.21 -15.61 -24.85
C LEU B 288 -13.06 -14.72 -24.43
N SER B 289 -12.05 -15.30 -23.79
CA SER B 289 -10.97 -14.50 -23.24
C SER B 289 -9.87 -14.23 -24.25
N VAL B 290 -9.55 -12.95 -24.40
CA VAL B 290 -8.39 -12.50 -25.10
C VAL B 290 -7.78 -11.44 -24.20
N PRO B 291 -6.52 -11.07 -24.44
CA PRO B 291 -5.98 -9.99 -23.63
C PRO B 291 -6.68 -8.66 -23.95
N CYS B 292 -7.24 -8.01 -22.93
CA CYS B 292 -7.97 -6.74 -23.12
C CYS B 292 -7.35 -5.62 -22.30
N ILE B 293 -7.35 -4.42 -22.85
CA ILE B 293 -6.92 -3.22 -22.11
C ILE B 293 -8.08 -2.76 -21.23
N LEU B 294 -7.82 -2.60 -19.94
CA LEU B 294 -8.89 -2.28 -18.98
C LEU B 294 -8.67 -0.92 -18.39
N GLY B 295 -9.74 -0.13 -18.36
CA GLY B 295 -9.70 1.18 -17.75
C GLY B 295 -11.09 1.65 -17.38
N GLN B 296 -11.23 2.96 -17.21
CA GLN B 296 -12.47 3.58 -16.74
C GLN B 296 -13.70 3.32 -17.62
N ASN B 297 -13.50 2.90 -18.86
CA ASN B 297 -14.62 2.55 -19.74
C ASN B 297 -14.75 1.04 -19.97
N GLY B 298 -14.13 0.27 -19.07
CA GLY B 298 -14.13 -1.17 -19.21
C GLY B 298 -13.09 -1.57 -20.21
N ILE B 299 -13.49 -2.40 -21.17
CA ILE B 299 -12.59 -2.84 -22.24
C ILE B 299 -12.59 -1.85 -23.42
N SER B 300 -11.54 -1.05 -23.53
CA SER B 300 -11.46 -0.05 -24.59
C SER B 300 -10.86 -0.65 -25.85
N ASP B 301 -10.01 -1.63 -25.64
CA ASP B 301 -9.22 -2.23 -26.70
C ASP B 301 -8.94 -3.69 -26.37
N LEU B 302 -8.47 -4.39 -27.39
CA LEU B 302 -8.25 -5.82 -27.36
C LEU B 302 -6.90 -6.09 -28.04
N VAL B 303 -6.11 -7.03 -27.53
CA VAL B 303 -4.85 -7.42 -28.19
C VAL B 303 -5.15 -8.55 -29.16
N LYS B 304 -4.70 -8.37 -30.38
CA LYS B 304 -4.89 -9.33 -31.46
C LYS B 304 -3.76 -10.32 -31.44
N VAL B 305 -3.93 -11.34 -30.62
CA VAL B 305 -2.93 -12.37 -30.43
C VAL B 305 -2.85 -13.20 -31.71
N THR B 306 -1.64 -13.48 -32.16
CA THR B 306 -1.47 -14.35 -33.30
C THR B 306 -1.54 -15.77 -32.76
N LEU B 307 -2.52 -16.53 -33.24
CA LEU B 307 -2.73 -17.89 -32.82
C LEU B 307 -2.38 -18.84 -33.95
N THR B 308 -1.89 -20.01 -33.59
CA THR B 308 -1.63 -21.05 -34.57
C THR B 308 -2.95 -21.56 -35.09
N SER B 309 -2.89 -22.31 -36.19
CA SER B 309 -4.07 -22.90 -36.79
C SER B 309 -4.90 -23.74 -35.78
N GLU B 310 -4.23 -24.57 -35.00
CA GLU B 310 -4.91 -25.37 -33.99
C GLU B 310 -5.55 -24.54 -32.86
N GLU B 311 -4.88 -23.46 -32.46
CA GLU B 311 -5.36 -22.62 -31.37
C GLU B 311 -6.60 -21.86 -31.80
N GLU B 312 -6.56 -21.35 -33.03
CA GLU B 312 -7.68 -20.65 -33.63
C GLU B 312 -8.90 -21.55 -33.74
N ALA B 313 -8.69 -22.80 -34.16
CA ALA B 313 -9.77 -23.78 -34.28
C ALA B 313 -10.35 -24.18 -32.91
N ARG B 314 -9.50 -24.23 -31.89
CA ARG B 314 -9.96 -24.52 -30.55
C ARG B 314 -10.90 -23.42 -30.07
N LEU B 315 -10.57 -22.18 -30.39
CA LEU B 315 -11.43 -21.05 -30.02
C LEU B 315 -12.74 -21.06 -30.80
N LYS B 316 -12.67 -21.26 -32.11
CA LYS B 316 -13.90 -21.33 -32.91
C LYS B 316 -14.81 -22.47 -32.43
N LYS B 317 -14.20 -23.60 -32.09
CA LYS B 317 -14.93 -24.74 -31.54
C LYS B 317 -15.69 -24.35 -30.28
N SER B 318 -15.02 -23.72 -29.32
CA SER B 318 -15.69 -23.23 -28.11
C SER B 318 -16.85 -22.30 -28.44
N ALA B 319 -16.65 -21.42 -29.41
CA ALA B 319 -17.69 -20.46 -29.79
C ALA B 319 -18.95 -21.15 -30.33
N ASP B 320 -18.75 -22.19 -31.14
CA ASP B 320 -19.87 -23.00 -31.66
C ASP B 320 -20.62 -23.65 -30.50
N THR B 321 -19.85 -24.23 -29.58
CA THR B 321 -20.43 -24.95 -28.46
C THR B 321 -21.22 -23.98 -27.59
N LEU B 322 -20.61 -22.83 -27.29
CA LEU B 322 -21.27 -21.82 -26.46
C LEU B 322 -22.53 -21.27 -27.14
N TRP B 323 -22.47 -21.03 -28.44
CA TRP B 323 -23.67 -20.54 -29.13
C TRP B 323 -24.77 -21.61 -29.16
N GLY B 324 -24.39 -22.86 -29.43
CA GLY B 324 -25.33 -23.98 -29.40
C GLY B 324 -26.19 -24.00 -28.15
N ILE B 325 -25.57 -23.69 -27.01
CA ILE B 325 -26.27 -23.54 -25.76
C ILE B 325 -27.05 -22.23 -25.75
N GLN B 326 -26.38 -21.15 -26.11
CA GLN B 326 -26.96 -19.82 -25.98
C GLN B 326 -28.24 -19.64 -26.79
N LYS B 327 -28.33 -20.27 -27.97
CA LYS B 327 -29.47 -20.04 -28.85
C LYS B 327 -30.74 -20.70 -28.31
N GLU B 328 -30.57 -21.63 -27.37
CA GLU B 328 -31.69 -22.37 -26.80
C GLU B 328 -32.18 -21.76 -25.48
N LEU B 329 -31.61 -20.61 -25.08
CA LEU B 329 -31.93 -20.00 -23.79
C LEU B 329 -33.17 -19.11 -23.93
N GLN B 330 -33.97 -19.04 -22.86
CA GLN B 330 -35.16 -18.17 -22.85
C GLN B 330 -34.92 -16.95 -21.96
N PHE B 331 -34.99 -15.77 -22.57
CA PHE B 331 -34.76 -14.51 -21.88
C PHE B 331 -36.07 -13.86 -21.43
N ALA C 1 -1.51 0.61 -42.07
CA ALA C 1 -1.57 -0.46 -41.03
C ALA C 1 -0.35 -0.39 -40.11
N THR C 2 -0.40 0.52 -39.13
CA THR C 2 0.69 0.64 -38.15
C THR C 2 0.83 -0.64 -37.33
N LEU C 3 1.95 -0.75 -36.61
CA LEU C 3 2.16 -1.86 -35.68
C LEU C 3 1.08 -1.84 -34.59
N LYS C 4 0.75 -0.63 -34.12
CA LYS C 4 -0.30 -0.44 -33.14
C LYS C 4 -1.62 -1.04 -33.62
N ASP C 5 -1.99 -0.77 -34.87
CA ASP C 5 -3.24 -1.26 -35.42
C ASP C 5 -3.21 -2.77 -35.66
N GLN C 6 -2.02 -3.32 -35.91
CA GLN C 6 -1.86 -4.77 -36.08
C GLN C 6 -1.91 -5.48 -34.71
N LEU C 7 -1.40 -4.80 -33.69
CA LEU C 7 -1.36 -5.34 -32.33
C LEU C 7 -2.69 -5.17 -31.58
N ILE C 8 -3.35 -4.03 -31.75
CA ILE C 8 -4.50 -3.64 -30.92
C ILE C 8 -5.74 -3.28 -31.75
N TYR C 9 -6.88 -3.88 -31.41
CA TYR C 9 -8.16 -3.52 -32.01
C TYR C 9 -8.92 -2.58 -31.06
N ASN C 10 -9.28 -1.40 -31.53
CA ASN C 10 -9.98 -0.42 -30.71
C ASN C 10 -11.50 -0.62 -30.72
N LEU C 11 -12.10 -0.68 -29.52
CA LEU C 11 -13.56 -0.74 -29.34
C LEU C 11 -14.21 0.65 -29.25
N LEU C 12 -13.47 1.62 -28.73
CA LEU C 12 -13.95 3.01 -28.67
C LEU C 12 -12.82 4.02 -28.45
N LYS C 13 -12.90 5.17 -29.11
CA LYS C 13 -11.97 6.26 -28.87
C LYS C 13 -12.52 7.17 -27.77
N GLU C 14 -13.71 6.82 -27.27
CA GLU C 14 -14.44 7.61 -26.27
C GLU C 14 -13.56 8.01 -25.11
N GLU C 15 -12.71 9.00 -25.34
CA GLU C 15 -11.93 9.61 -24.28
C GLU C 15 -12.89 10.34 -23.35
N GLN C 16 -12.52 10.43 -22.09
CA GLN C 16 -13.40 10.96 -21.05
C GLN C 16 -12.58 11.83 -20.11
N THR C 17 -13.25 12.69 -19.36
CA THR C 17 -12.57 13.55 -18.39
C THR C 17 -11.94 12.69 -17.26
N PRO C 18 -10.75 13.09 -16.77
CA PRO C 18 -10.19 12.37 -15.62
C PRO C 18 -11.12 12.47 -14.42
N GLN C 19 -11.24 11.38 -13.67
CA GLN C 19 -12.23 11.29 -12.60
C GLN C 19 -11.68 11.65 -11.23
N ASN C 20 -10.37 11.58 -11.06
CA ASN C 20 -9.75 11.82 -9.74
C ASN C 20 -8.46 12.60 -9.92
N LYS C 21 -8.58 13.78 -10.51
CA LYS C 21 -7.42 14.59 -10.90
C LYS C 21 -6.95 15.50 -9.78
N ILE C 22 -5.63 15.61 -9.63
CA ILE C 22 -5.01 16.55 -8.68
C ILE C 22 -4.01 17.41 -9.44
N THR C 23 -4.01 18.71 -9.15
CA THR C 23 -3.04 19.64 -9.72
C THR C 23 -2.17 20.19 -8.63
N VAL C 24 -0.87 20.28 -8.88
CA VAL C 24 0.03 21.04 -8.01
C VAL C 24 0.51 22.30 -8.73
N VAL C 25 0.35 23.46 -8.09
CA VAL C 25 0.79 24.73 -8.67
C VAL C 25 2.06 25.15 -7.99
N GLY C 26 3.16 25.17 -8.75
CA GLY C 26 4.48 25.45 -8.22
C GLY C 26 5.30 24.18 -8.04
N VAL C 27 6.32 24.01 -8.88
CA VAL C 27 7.19 22.80 -8.82
C VAL C 27 8.53 23.06 -8.15
N GLY C 28 8.49 23.85 -7.09
CA GLY C 28 9.63 23.99 -6.22
C GLY C 28 9.81 22.75 -5.36
N ALA C 29 10.65 22.87 -4.35
CA ALA C 29 10.96 21.73 -3.51
C ALA C 29 9.71 21.25 -2.75
N VAL C 30 8.87 22.19 -2.33
CA VAL C 30 7.64 21.83 -1.62
C VAL C 30 6.65 21.14 -2.55
N GLY C 31 6.34 21.77 -3.68
CA GLY C 31 5.41 21.21 -4.64
C GLY C 31 5.77 19.82 -5.15
N MET C 32 7.05 19.58 -5.36
CA MET C 32 7.47 18.28 -5.93
C MET C 32 7.45 17.18 -4.86
N ALA C 33 7.71 17.55 -3.62
CA ALA C 33 7.57 16.62 -2.51
C ALA C 33 6.09 16.23 -2.35
N CYS C 34 5.20 17.19 -2.59
CA CYS C 34 3.78 16.93 -2.55
C CYS C 34 3.45 15.98 -3.67
N ALA C 35 4.02 16.23 -4.85
CA ALA C 35 3.72 15.43 -6.01
C ALA C 35 4.15 13.98 -5.81
N ILE C 36 5.38 13.76 -5.37
CA ILE C 36 5.88 12.41 -5.25
C ILE C 36 5.11 11.67 -4.16
N SER C 37 4.76 12.34 -3.07
CA SER C 37 4.03 11.66 -2.02
C SER C 37 2.63 11.28 -2.50
N ILE C 38 2.02 12.18 -3.25
CA ILE C 38 0.73 11.92 -3.86
C ILE C 38 0.78 10.76 -4.84
N LEU C 39 1.83 10.71 -5.67
CA LEU C 39 1.94 9.63 -6.65
C LEU C 39 2.11 8.28 -5.98
N MET C 40 2.88 8.26 -4.90
CA MET C 40 3.19 7.01 -4.23
C MET C 40 2.07 6.54 -3.33
N LYS C 41 1.05 7.38 -3.12
CA LYS C 41 -0.11 6.94 -2.35
C LYS C 41 -1.29 6.60 -3.25
N ASP C 42 -1.09 6.65 -4.57
CA ASP C 42 -2.15 6.24 -5.52
C ASP C 42 -3.44 7.05 -5.35
N LEU C 43 -3.33 8.35 -5.13
CA LEU C 43 -4.49 9.19 -4.88
C LEU C 43 -5.13 9.78 -6.14
N ALA C 44 -4.38 9.87 -7.24
CA ALA C 44 -4.89 10.52 -8.45
C ALA C 44 -4.77 9.63 -9.68
N ASP C 45 -5.70 9.77 -10.62
CA ASP C 45 -5.59 9.13 -11.94
C ASP C 45 -4.99 10.05 -12.99
N GLU C 46 -4.84 11.31 -12.64
CA GLU C 46 -4.14 12.27 -13.49
C GLU C 46 -3.56 13.31 -12.59
N LEU C 47 -2.29 13.65 -12.83
CA LEU C 47 -1.60 14.66 -12.06
C LEU C 47 -1.16 15.75 -13.02
N ALA C 48 -1.44 16.99 -12.67
CA ALA C 48 -1.02 18.14 -13.47
C ALA C 48 -0.10 19.01 -12.63
N LEU C 49 0.92 19.56 -13.29
CA LEU C 49 1.87 20.49 -12.67
C LEU C 49 1.84 21.82 -13.43
N VAL C 50 1.92 22.92 -12.70
CA VAL C 50 1.96 24.25 -13.30
C VAL C 50 3.05 25.05 -12.61
N ASP C 51 3.77 25.85 -13.39
CA ASP C 51 4.77 26.78 -12.86
C ASP C 51 5.04 27.85 -13.93
N VAL C 52 5.79 28.90 -13.58
CA VAL C 52 6.18 29.94 -14.56
C VAL C 52 7.55 29.67 -15.18
N ILE C 53 8.41 28.91 -14.49
CA ILE C 53 9.70 28.48 -15.07
C ILE C 53 9.50 27.26 -15.94
N GLU C 54 9.47 27.46 -17.27
CA GLU C 54 9.05 26.42 -18.23
C GLU C 54 9.99 25.22 -18.34
N ASP C 55 11.29 25.47 -18.29
CA ASP C 55 12.29 24.40 -18.41
CA ASP C 55 12.32 24.45 -18.38
C ASP C 55 12.23 23.45 -17.21
N LYS C 56 12.34 24.00 -16.00
CA LYS C 56 12.26 23.27 -14.74
C LYS C 56 10.97 22.45 -14.69
N LEU C 57 9.87 23.02 -15.19
CA LEU C 57 8.56 22.38 -15.19
C LEU C 57 8.52 21.14 -16.05
N LYS C 58 8.95 21.29 -17.29
CA LYS C 58 9.00 20.17 -18.23
C LYS C 58 9.91 19.04 -17.73
N GLY C 59 11.03 19.41 -17.14
CA GLY C 59 12.03 18.48 -16.67
C GLY C 59 11.53 17.66 -15.49
N GLU C 60 10.82 18.31 -14.57
CA GLU C 60 10.18 17.62 -13.45
C GLU C 60 9.08 16.68 -13.95
N MET C 61 8.31 17.13 -14.94
CA MET C 61 7.22 16.34 -15.48
C MET C 61 7.78 15.05 -16.07
N MET C 62 8.84 15.18 -16.86
CA MET C 62 9.45 14.03 -17.53
C MET C 62 10.07 13.05 -16.53
N ASP C 63 10.74 13.58 -15.51
CA ASP C 63 11.36 12.77 -14.47
C ASP C 63 10.29 11.91 -13.75
N LEU C 64 9.15 12.52 -13.43
CA LEU C 64 8.03 11.78 -12.85
C LEU C 64 7.53 10.73 -13.85
N GLN C 65 7.27 11.16 -15.07
CA GLN C 65 6.80 10.28 -16.13
C GLN C 65 7.66 9.03 -16.30
N HIS C 66 8.97 9.19 -16.15
CA HIS C 66 9.91 8.11 -16.37
C HIS C 66 9.83 7.07 -15.25
N GLY C 67 9.20 7.45 -14.13
CA GLY C 67 8.92 6.53 -13.05
C GLY C 67 7.58 5.83 -13.20
N SER C 68 6.89 6.02 -14.33
CA SER C 68 5.50 5.55 -14.48
C SER C 68 5.32 4.04 -14.31
N LEU C 69 6.35 3.28 -14.66
CA LEU C 69 6.35 1.83 -14.46
C LEU C 69 6.07 1.44 -12.99
N PHE C 70 6.51 2.28 -12.06
CA PHE C 70 6.49 1.96 -10.64
C PHE C 70 5.32 2.64 -9.94
N LEU C 71 4.43 3.24 -10.74
CA LEU C 71 3.29 4.00 -10.21
C LEU C 71 1.95 3.49 -10.72
N ARG C 72 0.86 4.06 -10.20
CA ARG C 72 -0.49 3.74 -10.65
C ARG C 72 -1.25 5.02 -10.96
N THR C 73 -0.56 5.96 -11.60
CA THR C 73 -1.16 7.22 -12.01
C THR C 73 -0.82 7.37 -13.48
N PRO C 74 -1.75 6.96 -14.37
CA PRO C 74 -1.43 6.76 -15.77
C PRO C 74 -1.20 8.00 -16.63
N LYS C 75 -1.50 9.19 -16.11
CA LYS C 75 -1.30 10.41 -16.89
C LYS C 75 -0.78 11.54 -16.05
N ILE C 76 0.38 12.03 -16.45
CA ILE C 76 1.04 13.17 -15.81
C ILE C 76 1.25 14.25 -16.87
N VAL C 77 0.78 15.46 -16.61
CA VAL C 77 0.86 16.54 -17.57
C VAL C 77 1.40 17.79 -16.89
N SER C 78 1.90 18.72 -17.69
CA SER C 78 2.30 20.02 -17.18
C SER C 78 2.23 21.10 -18.26
N GLY C 79 2.29 22.35 -17.81
CA GLY C 79 2.22 23.51 -18.68
C GLY C 79 2.11 24.79 -17.88
N LYS C 80 2.49 25.91 -18.49
CA LYS C 80 2.33 27.23 -17.89
C LYS C 80 0.87 27.65 -18.02
N ASP C 81 0.23 27.18 -19.08
CA ASP C 81 -1.17 27.46 -19.32
C ASP C 81 -2.03 26.58 -18.44
N TYR C 82 -3.08 27.15 -17.88
CA TYR C 82 -3.90 26.44 -16.92
C TYR C 82 -4.93 25.49 -17.53
N ASN C 83 -5.00 25.40 -18.86
CA ASN C 83 -5.89 24.42 -19.46
C ASN C 83 -5.49 22.97 -19.12
N VAL C 84 -4.23 22.80 -18.73
CA VAL C 84 -3.76 21.45 -18.35
C VAL C 84 -4.32 21.01 -17.02
N THR C 85 -4.84 21.97 -16.24
CA THR C 85 -5.34 21.69 -14.90
C THR C 85 -6.84 21.39 -14.88
N ALA C 86 -7.47 21.44 -16.05
CA ALA C 86 -8.92 21.28 -16.18
C ALA C 86 -9.46 20.05 -15.47
N ASN C 87 -10.60 20.24 -14.79
CA ASN C 87 -11.31 19.16 -14.12
C ASN C 87 -10.53 18.49 -12.99
N SER C 88 -9.77 19.29 -12.25
CA SER C 88 -9.12 18.86 -11.02
C SER C 88 -10.14 18.85 -9.87
N LYS C 89 -10.10 17.79 -9.06
CA LYS C 89 -10.86 17.72 -7.81
C LYS C 89 -10.17 18.55 -6.77
N LEU C 90 -8.84 18.51 -6.81
CA LEU C 90 -8.05 19.16 -5.80
C LEU C 90 -6.91 19.88 -6.48
N VAL C 91 -6.70 21.12 -6.05
CA VAL C 91 -5.60 21.92 -6.60
C VAL C 91 -4.78 22.43 -5.45
N ILE C 92 -3.48 22.13 -5.47
CA ILE C 92 -2.62 22.44 -4.36
C ILE C 92 -1.65 23.53 -4.74
N ILE C 93 -1.72 24.64 -4.01
CA ILE C 93 -0.96 25.84 -4.38
C ILE C 93 0.23 25.93 -3.47
N THR C 94 1.42 25.80 -4.04
CA THR C 94 2.65 25.96 -3.27
C THR C 94 3.48 27.10 -3.83
N ALA C 95 2.99 27.74 -4.90
CA ALA C 95 3.77 28.77 -5.61
C ALA C 95 4.10 29.97 -4.76
N GLY C 96 5.39 30.31 -4.75
CA GLY C 96 5.93 31.43 -3.99
C GLY C 96 7.42 31.55 -4.32
N ALA C 97 8.24 31.84 -3.32
CA ALA C 97 9.69 31.94 -3.51
C ALA C 97 10.47 31.97 -2.18
N ARG C 98 10.01 31.18 -1.21
CA ARG C 98 10.62 31.13 0.12
C ARG C 98 10.77 32.54 0.74
N LEU C 106 5.27 41.61 5.83
CA LEU C 106 4.27 42.32 5.06
C LEU C 106 4.73 42.59 3.62
N ASN C 107 6.05 42.52 3.40
CA ASN C 107 6.61 42.47 2.06
C ASN C 107 6.17 41.21 1.34
N LEU C 108 6.30 40.09 2.04
CA LEU C 108 6.00 38.78 1.49
C LEU C 108 4.53 38.67 1.09
N VAL C 109 3.64 39.39 1.77
CA VAL C 109 2.20 39.25 1.55
C VAL C 109 1.79 39.84 0.20
N GLN C 110 1.86 41.16 0.06
CA GLN C 110 1.43 41.81 -1.19
C GLN C 110 2.18 41.24 -2.40
N ARG C 111 3.48 40.97 -2.22
CA ARG C 111 4.27 40.26 -3.22
C ARG C 111 3.51 39.00 -3.67
N ASN C 112 3.15 38.13 -2.73
CA ASN C 112 2.42 36.90 -3.04
C ASN C 112 0.93 37.10 -3.35
N VAL C 113 0.34 38.19 -2.87
CA VAL C 113 -1.06 38.48 -3.22
C VAL C 113 -1.19 38.74 -4.72
N ASN C 114 -0.24 39.49 -5.29
CA ASN C 114 -0.22 39.76 -6.73
C ASN C 114 -0.16 38.47 -7.57
N ILE C 115 0.59 37.49 -7.08
CA ILE C 115 0.72 36.19 -7.74
C ILE C 115 -0.63 35.44 -7.76
N PHE C 116 -1.32 35.43 -6.63
CA PHE C 116 -2.61 34.73 -6.54
C PHE C 116 -3.66 35.36 -7.44
N LYS C 117 -3.56 36.66 -7.64
CA LYS C 117 -4.49 37.39 -8.51
C LYS C 117 -4.46 36.84 -9.93
N PHE C 118 -3.33 36.24 -10.30
CA PHE C 118 -3.22 35.54 -11.59
C PHE C 118 -3.63 34.07 -11.46
N ILE C 119 -3.08 33.39 -10.46
CA ILE C 119 -3.29 31.94 -10.29
C ILE C 119 -4.74 31.53 -10.01
N ILE C 120 -5.33 32.11 -8.98
CA ILE C 120 -6.66 31.67 -8.56
C ILE C 120 -7.71 31.75 -9.66
N PRO C 121 -7.80 32.89 -10.36
CA PRO C 121 -8.86 32.95 -11.37
C PRO C 121 -8.67 31.92 -12.48
N ASN C 122 -7.41 31.67 -12.84
CA ASN C 122 -7.11 30.62 -13.82
C ASN C 122 -7.49 29.21 -13.32
N VAL C 123 -7.17 28.92 -12.06
CA VAL C 123 -7.56 27.64 -11.45
C VAL C 123 -9.09 27.50 -11.49
N VAL C 124 -9.76 28.54 -11.01
CA VAL C 124 -11.24 28.56 -11.01
C VAL C 124 -11.80 28.39 -12.43
N LYS C 125 -11.24 29.11 -13.39
CA LYS C 125 -11.67 29.03 -14.79
C LYS C 125 -11.75 27.58 -15.27
N TYR C 126 -10.73 26.77 -14.98
CA TYR C 126 -10.65 25.42 -15.53
C TYR C 126 -11.16 24.31 -14.61
N SER C 127 -11.21 24.55 -13.31
CA SER C 127 -11.82 23.58 -12.39
C SER C 127 -12.70 24.34 -11.41
N PRO C 128 -13.82 24.91 -11.91
CA PRO C 128 -14.70 25.77 -11.11
C PRO C 128 -15.18 25.11 -9.83
N ASN C 129 -15.27 23.78 -9.85
CA ASN C 129 -15.77 23.01 -8.73
C ASN C 129 -14.71 22.22 -7.94
N CYS C 130 -13.44 22.67 -7.97
CA CYS C 130 -12.37 22.00 -7.22
C CYS C 130 -12.29 22.44 -5.77
N LYS C 131 -11.54 21.70 -4.96
CA LYS C 131 -11.11 22.16 -3.65
C LYS C 131 -9.72 22.77 -3.79
N LEU C 132 -9.51 23.90 -3.12
CA LEU C 132 -8.22 24.57 -3.04
C LEU C 132 -7.52 24.24 -1.73
N LEU C 133 -6.26 23.81 -1.81
CA LEU C 133 -5.45 23.57 -0.65
C LEU C 133 -4.25 24.46 -0.75
N ILE C 134 -4.19 25.45 0.12
CA ILE C 134 -3.13 26.45 0.10
C ILE C 134 -2.01 26.06 1.05
N VAL C 135 -0.80 26.01 0.52
CA VAL C 135 0.38 25.70 1.31
C VAL C 135 1.32 26.90 1.45
N SER C 136 1.38 27.73 0.40
CA SER C 136 2.27 28.91 0.35
C SER C 136 2.08 29.80 1.58
N ASN C 137 3.18 30.37 2.05
CA ASN C 137 3.16 31.23 3.22
C ASN C 137 3.04 32.71 2.88
N PRO C 138 2.48 33.52 3.83
CA PRO C 138 1.88 33.10 5.10
C PRO C 138 0.56 32.38 4.83
N VAL C 139 0.47 31.13 5.27
CA VAL C 139 -0.59 30.25 4.78
C VAL C 139 -1.99 30.68 5.26
N ASP C 140 -2.10 31.22 6.45
CA ASP C 140 -3.41 31.65 6.96
C ASP C 140 -3.89 32.90 6.22
N ILE C 141 -3.02 33.88 6.06
CA ILE C 141 -3.36 35.02 5.21
C ILE C 141 -3.68 34.57 3.79
N LEU C 142 -2.82 33.73 3.20
CA LEU C 142 -2.99 33.38 1.78
C LEU C 142 -4.19 32.48 1.55
N THR C 143 -4.61 31.75 2.56
CA THR C 143 -5.84 30.99 2.43
C THR C 143 -7.01 31.97 2.34
N TYR C 144 -6.97 33.05 3.13
CA TYR C 144 -8.02 34.08 3.05
C TYR C 144 -8.06 34.71 1.67
N VAL C 145 -6.87 35.08 1.18
CA VAL C 145 -6.73 35.68 -0.16
C VAL C 145 -7.34 34.80 -1.24
N ALA C 146 -7.07 33.50 -1.18
CA ALA C 146 -7.62 32.55 -2.14
C ALA C 146 -9.14 32.40 -2.01
N TRP C 147 -9.62 32.33 -0.78
CA TRP C 147 -11.06 32.28 -0.52
C TRP C 147 -11.73 33.51 -1.12
N LYS C 148 -11.15 34.68 -0.86
CA LYS C 148 -11.65 35.96 -1.37
C LYS C 148 -11.67 36.00 -2.91
N ILE C 149 -10.53 35.80 -3.54
CA ILE C 149 -10.42 35.90 -5.01
C ILE C 149 -11.27 34.85 -5.75
N SER C 150 -11.30 33.62 -5.24
CA SER C 150 -12.01 32.56 -5.94
C SER C 150 -13.52 32.68 -5.81
N GLY C 151 -13.96 33.24 -4.69
CA GLY C 151 -15.37 33.27 -4.34
C GLY C 151 -15.97 31.92 -4.03
N PHE C 152 -15.15 30.94 -3.67
CA PHE C 152 -15.67 29.62 -3.30
C PHE C 152 -16.27 29.69 -1.90
N PRO C 153 -17.26 28.81 -1.62
CA PRO C 153 -17.72 28.64 -0.24
C PRO C 153 -16.59 28.19 0.70
N LYS C 154 -16.69 28.55 1.98
CA LYS C 154 -15.60 28.32 2.92
CA LYS C 154 -15.70 28.25 3.04
C LYS C 154 -15.10 26.85 2.93
N ASN C 155 -15.98 25.88 2.72
CA ASN C 155 -15.58 24.48 2.78
C ASN C 155 -14.59 24.06 1.71
N ARG C 156 -14.57 24.77 0.59
CA ARG C 156 -13.70 24.41 -0.52
C ARG C 156 -12.33 25.13 -0.54
N VAL C 157 -12.01 25.88 0.51
CA VAL C 157 -10.74 26.60 0.62
C VAL C 157 -10.06 26.25 1.92
N ILE C 158 -9.05 25.41 1.83
CA ILE C 158 -8.41 24.83 2.99
C ILE C 158 -6.96 25.27 3.01
N GLY C 159 -6.49 25.70 4.17
CA GLY C 159 -5.07 26.01 4.33
C GLY C 159 -4.38 24.86 5.01
N SER C 160 -3.12 24.64 4.64
CA SER C 160 -2.34 23.59 5.25
C SER C 160 -2.19 23.88 6.73
N GLY C 161 -2.14 25.16 7.08
CA GLY C 161 -2.18 25.59 8.47
C GLY C 161 -1.22 24.90 9.42
N CYS C 162 -1.76 24.33 10.52
CA CYS C 162 -0.95 23.69 11.53
C CYS C 162 -0.76 22.16 11.37
N ASN C 163 -1.06 21.64 10.19
CA ASN C 163 -0.91 20.21 9.93
C ASN C 163 0.52 19.72 10.12
N LEU C 164 1.46 20.41 9.51
CA LEU C 164 2.88 20.12 9.74
C LEU C 164 3.34 20.41 11.18
N ASP C 165 2.89 21.53 11.76
CA ASP C 165 3.23 21.87 13.15
C ASP C 165 2.89 20.73 14.12
N SER C 166 1.65 20.25 13.98
CA SER C 166 1.13 19.16 14.81
C SER C 166 1.90 17.88 14.57
N ALA C 167 2.25 17.63 13.31
CA ALA C 167 2.98 16.42 12.97
C ALA C 167 4.36 16.43 13.63
N ARG C 168 5.03 17.57 13.56
CA ARG C 168 6.33 17.74 14.21
C ARG C 168 6.22 17.61 15.71
N PHE C 169 5.14 18.16 16.25
CA PHE C 169 4.86 18.02 17.66
C PHE C 169 4.77 16.54 18.06
N ARG C 170 4.03 15.77 17.26
CA ARG C 170 3.77 14.37 17.60
C ARG C 170 5.03 13.55 17.46
N TYR C 171 5.89 13.91 16.52
CA TYR C 171 7.19 13.26 16.40
C TYR C 171 8.01 13.53 17.67
N LEU C 172 8.08 14.79 18.09
CA LEU C 172 8.88 15.17 19.27
C LEU C 172 8.34 14.58 20.57
N MET C 173 7.02 14.48 20.64
CA MET C 173 6.36 13.83 21.77
C MET C 173 6.69 12.33 21.79
N GLY C 174 6.66 11.70 20.62
CA GLY C 174 6.93 10.28 20.53
C GLY C 174 8.36 9.94 20.90
N GLU C 175 9.28 10.85 20.57
CA GLU C 175 10.69 10.72 20.97
C GLU C 175 10.87 10.80 22.47
N ARG C 176 10.20 11.76 23.10
CA ARG C 176 10.23 11.83 24.55
C ARG C 176 9.72 10.54 25.18
N LEU C 177 8.55 10.06 24.74
CA LEU C 177 7.89 8.93 25.40
C LEU C 177 8.37 7.55 24.97
N GLY C 178 9.06 7.46 23.84
CA GLY C 178 9.45 6.18 23.29
C GLY C 178 8.26 5.46 22.67
N VAL C 179 7.42 6.23 21.97
CA VAL C 179 6.15 5.74 21.42
C VAL C 179 5.95 6.26 19.99
N HIS C 180 5.44 5.42 19.10
CA HIS C 180 5.23 5.87 17.71
C HIS C 180 4.34 7.11 17.70
N PRO C 181 4.65 8.08 16.84
CA PRO C 181 3.86 9.31 16.77
C PRO C 181 2.38 9.06 16.52
N LEU C 182 2.07 8.01 15.78
CA LEU C 182 0.67 7.63 15.56
C LEU C 182 -0.13 7.48 16.84
N SER C 183 0.53 6.98 17.89
CA SER C 183 -0.13 6.73 19.18
C SER C 183 0.04 7.87 20.20
N CYS C 184 0.77 8.91 19.81
CA CYS C 184 0.93 10.14 20.59
C CYS C 184 0.03 11.22 20.02
N HIS C 185 -0.96 11.64 20.79
CA HIS C 185 -1.92 12.64 20.32
C HIS C 185 -1.71 13.98 20.98
N GLY C 186 -1.86 15.03 20.18
CA GLY C 186 -1.61 16.39 20.63
C GLY C 186 -1.90 17.34 19.49
N TRP C 187 -2.48 18.48 19.81
CA TRP C 187 -2.90 19.44 18.78
C TRP C 187 -2.22 20.81 18.93
N VAL C 188 -1.67 21.29 17.81
CA VAL C 188 -1.13 22.64 17.71
C VAL C 188 -2.08 23.40 16.80
N LEU C 189 -2.69 24.44 17.34
CA LEU C 189 -3.76 25.15 16.66
C LEU C 189 -3.44 26.63 16.50
N GLY C 190 -4.36 27.34 15.86
CA GLY C 190 -4.23 28.78 15.69
C GLY C 190 -3.49 29.18 14.44
N GLU C 191 -2.57 30.13 14.59
CA GLU C 191 -1.82 30.70 13.49
C GLU C 191 -0.62 29.81 13.21
N HIS C 192 -0.44 29.40 11.96
CA HIS C 192 0.72 28.57 11.60
C HIS C 192 2.03 29.25 11.91
N GLY C 193 2.95 28.49 12.50
CA GLY C 193 4.35 28.89 12.56
C GLY C 193 4.75 29.35 13.93
N ASP C 194 5.18 30.61 14.03
CA ASP C 194 5.75 31.15 15.25
C ASP C 194 4.75 31.30 16.39
N SER C 195 3.52 31.72 16.07
CA SER C 195 2.51 32.05 17.08
C SER C 195 1.49 30.93 17.37
N SER C 196 1.83 29.70 16.98
CA SER C 196 0.94 28.55 17.14
C SER C 196 0.70 28.21 18.61
N VAL C 197 -0.41 27.51 18.86
CA VAL C 197 -0.85 27.24 20.21
C VAL C 197 -0.91 25.75 20.49
N PRO C 198 -0.02 25.24 21.37
CA PRO C 198 -0.10 23.84 21.78
C PRO C 198 -1.20 23.67 22.82
N VAL C 199 -2.23 22.93 22.48
CA VAL C 199 -3.36 22.75 23.38
C VAL C 199 -3.09 21.61 24.38
N TRP C 200 -2.46 21.96 25.51
CA TRP C 200 -1.98 20.94 26.46
C TRP C 200 -3.07 19.97 26.97
N SER C 201 -4.32 20.45 27.03
CA SER C 201 -5.43 19.64 27.53
C SER C 201 -5.76 18.43 26.65
N GLY C 202 -5.38 18.49 25.38
CA GLY C 202 -5.69 17.41 24.46
C GLY C 202 -4.58 16.40 24.29
N MET C 203 -3.43 16.66 24.89
CA MET C 203 -2.27 15.76 24.77
C MET C 203 -2.47 14.47 25.55
N ASN C 204 -2.35 13.34 24.86
CA ASN C 204 -2.61 12.05 25.49
C ASN C 204 -2.02 10.88 24.74
N VAL C 205 -1.92 9.77 25.46
CA VAL C 205 -1.59 8.48 24.89
C VAL C 205 -2.65 7.55 25.44
N ALA C 206 -3.32 6.83 24.53
CA ALA C 206 -4.39 5.90 24.90
C ALA C 206 -5.52 6.53 25.75
N GLY C 207 -5.78 7.80 25.52
CA GLY C 207 -6.85 8.51 26.19
C GLY C 207 -6.46 8.98 27.57
N VAL C 208 -5.20 8.81 27.95
CA VAL C 208 -4.72 9.23 29.24
C VAL C 208 -4.13 10.63 29.04
N SER C 209 -4.92 11.62 29.41
CA SER C 209 -4.56 13.04 29.31
C SER C 209 -3.33 13.34 30.14
N LEU C 210 -2.31 13.87 29.50
CA LEU C 210 -1.07 14.20 30.21
C LEU C 210 -1.28 15.36 31.18
N LYS C 211 -2.25 16.22 30.87
CA LYS C 211 -2.60 17.33 31.76
C LYS C 211 -3.11 16.80 33.11
N THR C 212 -3.94 15.77 33.06
CA THR C 212 -4.51 15.20 34.28
C THR C 212 -3.44 14.55 35.14
N LEU C 213 -2.57 13.74 34.54
CA LEU C 213 -1.46 13.15 35.27
C LEU C 213 -0.48 14.20 35.79
N HIS C 214 -0.27 15.25 34.99
CA HIS C 214 0.76 16.27 35.25
C HIS C 214 0.09 17.63 35.11
N PRO C 215 -0.56 18.11 36.19
CA PRO C 215 -1.36 19.35 36.10
C PRO C 215 -0.54 20.62 35.80
N ASP C 216 0.77 20.55 36.03
CA ASP C 216 1.67 21.64 35.69
C ASP C 216 2.19 21.55 34.25
N LEU C 217 1.54 20.73 33.41
CA LEU C 217 1.98 20.56 32.02
C LEU C 217 1.88 21.85 31.23
N GLY C 218 2.97 22.21 30.55
CA GLY C 218 2.99 23.36 29.66
C GLY C 218 2.89 24.73 30.32
N THR C 219 3.19 24.79 31.62
CA THR C 219 3.22 26.07 32.36
C THR C 219 4.67 26.40 32.76
N ASP C 220 4.88 27.66 33.16
CA ASP C 220 6.19 28.11 33.66
C ASP C 220 6.70 27.28 34.84
N LYS C 221 5.77 26.69 35.60
CA LYS C 221 6.10 25.90 36.79
C LYS C 221 6.64 24.51 36.46
N ASP C 222 5.97 23.81 35.54
CA ASP C 222 6.34 22.45 35.11
C ASP C 222 7.79 22.10 35.38
N LYS C 223 8.01 21.09 36.21
CA LYS C 223 9.37 20.65 36.52
C LYS C 223 10.06 19.96 35.33
N GLU C 224 9.28 19.48 34.36
CA GLU C 224 9.83 18.80 33.18
C GLU C 224 9.83 19.64 31.91
N GLN C 225 9.28 20.85 32.00
CA GLN C 225 9.34 21.82 30.90
C GLN C 225 8.85 21.23 29.58
N TRP C 226 7.62 20.76 29.56
CA TRP C 226 7.02 20.27 28.32
C TRP C 226 6.73 21.39 27.32
N LYS C 227 6.73 22.63 27.79
CA LYS C 227 6.69 23.77 26.85
C LYS C 227 7.86 23.72 25.86
N GLU C 228 8.95 23.05 26.25
CA GLU C 228 10.11 22.92 25.37
C GLU C 228 9.74 22.22 24.06
N VAL C 229 8.81 21.28 24.13
CA VAL C 229 8.40 20.51 22.97
C VAL C 229 7.80 21.43 21.91
N HIS C 230 6.88 22.31 22.32
CA HIS C 230 6.32 23.27 21.38
C HIS C 230 7.38 24.23 20.88
N LYS C 231 8.25 24.70 21.78
CA LYS C 231 9.35 25.56 21.39
C LYS C 231 10.23 24.86 20.35
N GLN C 232 10.47 23.56 20.56
CA GLN C 232 11.27 22.80 19.61
C GLN C 232 10.58 22.66 18.25
N VAL C 233 9.26 22.71 18.22
CA VAL C 233 8.58 22.62 16.94
C VAL C 233 9.01 23.80 16.09
N VAL C 234 8.96 25.00 16.66
CA VAL C 234 9.38 26.19 15.90
C VAL C 234 10.88 26.22 15.67
N GLU C 235 11.67 25.82 16.68
CA GLU C 235 13.14 25.80 16.55
C GLU C 235 13.61 24.83 15.48
N SER C 236 12.93 23.68 15.39
CA SER C 236 13.24 22.66 14.38
C SER C 236 13.03 23.21 12.97
N ALA C 237 12.00 24.04 12.80
CA ALA C 237 11.69 24.60 11.49
C ALA C 237 12.80 25.52 10.98
N TYR C 238 13.32 26.35 11.89
CA TYR C 238 14.44 27.25 11.56
C TYR C 238 15.74 26.45 11.38
N GLU C 239 15.94 25.41 12.19
CA GLU C 239 17.14 24.59 12.09
C GLU C 239 17.20 23.79 10.77
N VAL C 240 16.07 23.26 10.33
CA VAL C 240 16.03 22.54 9.06
C VAL C 240 16.48 23.46 7.92
N ILE C 241 15.89 24.66 7.83
CA ILE C 241 16.28 25.66 6.81
C ILE C 241 17.76 26.02 6.91
N LYS C 242 18.24 26.20 8.14
CA LYS C 242 19.67 26.48 8.38
C LYS C 242 20.57 25.38 7.85
N LEU C 243 20.12 24.13 7.96
CA LEU C 243 20.93 22.96 7.61
C LEU C 243 20.89 22.57 6.14
N LYS C 244 19.70 22.50 5.56
CA LYS C 244 19.56 22.09 4.15
C LYS C 244 19.03 23.19 3.21
N GLY C 245 18.72 24.38 3.75
CA GLY C 245 18.28 25.50 2.91
C GLY C 245 16.78 25.64 2.75
N TYR C 246 16.06 24.53 2.90
CA TYR C 246 14.64 24.52 2.69
C TYR C 246 14.07 23.29 3.40
N THR C 247 12.74 23.23 3.45
CA THR C 247 12.00 22.09 3.98
C THR C 247 11.23 21.48 2.81
N SER C 248 11.06 20.17 2.79
CA SER C 248 10.39 19.52 1.66
C SER C 248 9.68 18.22 2.03
N TRP C 249 10.41 17.26 2.57
CA TRP C 249 9.86 15.91 2.75
C TRP C 249 8.65 15.92 3.68
N ALA C 250 8.79 16.50 4.86
CA ALA C 250 7.72 16.47 5.86
C ALA C 250 6.45 17.21 5.42
N ILE C 251 6.60 18.38 4.79
CA ILE C 251 5.43 19.10 4.33
C ILE C 251 4.75 18.30 3.22
N GLY C 252 5.52 17.74 2.30
CA GLY C 252 4.96 16.91 1.24
C GLY C 252 4.19 15.67 1.73
N LEU C 253 4.74 14.98 2.72
CA LEU C 253 4.05 13.86 3.33
C LEU C 253 2.75 14.30 4.03
N SER C 254 2.76 15.46 4.69
CA SER C 254 1.57 15.93 5.42
C SER C 254 0.46 16.40 4.46
N VAL C 255 0.85 17.01 3.35
CA VAL C 255 -0.11 17.46 2.35
C VAL C 255 -0.73 16.24 1.67
N ALA C 256 0.09 15.23 1.41
CA ALA C 256 -0.42 14.01 0.81
C ALA C 256 -1.47 13.34 1.73
N ASP C 257 -1.28 13.43 3.04
CA ASP C 257 -2.22 12.87 4.01
C ASP C 257 -3.57 13.60 3.99
N LEU C 258 -3.52 14.93 3.87
CA LEU C 258 -4.73 15.73 3.69
C LEU C 258 -5.43 15.37 2.38
N ALA C 259 -4.66 15.23 1.31
CA ALA C 259 -5.23 14.89 0.03
C ALA C 259 -5.91 13.53 0.08
N GLU C 260 -5.33 12.61 0.85
CA GLU C 260 -5.94 11.31 1.00
C GLU C 260 -7.35 11.41 1.61
N SER C 261 -7.50 12.16 2.69
CA SER C 261 -8.82 12.31 3.29
C SER C 261 -9.83 12.95 2.34
N ILE C 262 -9.38 13.98 1.63
CA ILE C 262 -10.24 14.70 0.69
C ILE C 262 -10.67 13.80 -0.47
N MET C 263 -9.70 13.23 -1.18
CA MET C 263 -9.96 12.44 -2.37
C MET C 263 -10.72 11.15 -2.08
N LYS C 264 -10.51 10.57 -0.90
CA LYS C 264 -11.18 9.30 -0.57
C LYS C 264 -12.34 9.53 0.42
N ASN C 265 -12.75 10.78 0.57
CA ASN C 265 -13.88 11.16 1.42
C ASN C 265 -13.86 10.41 2.73
N LEU C 266 -12.72 10.49 3.42
CA LEU C 266 -12.53 9.73 4.65
C LEU C 266 -13.23 10.33 5.86
N ARG C 267 -13.36 11.65 5.92
CA ARG C 267 -13.89 12.35 7.12
C ARG C 267 -13.04 12.09 8.36
N ARG C 268 -11.73 12.04 8.15
CA ARG C 268 -10.78 12.08 9.22
C ARG C 268 -10.67 13.53 9.64
N VAL C 269 -10.13 13.74 10.84
CA VAL C 269 -9.97 15.07 11.41
C VAL C 269 -8.52 15.50 11.40
N HIS C 270 -8.26 16.72 10.90
CA HIS C 270 -6.94 17.25 10.72
C HIS C 270 -6.90 18.70 11.16
N PRO C 271 -5.74 19.17 11.62
CA PRO C 271 -5.59 20.56 11.93
C PRO C 271 -5.21 21.34 10.68
N VAL C 272 -6.21 22.00 10.12
CA VAL C 272 -6.04 22.83 8.93
C VAL C 272 -6.69 24.20 9.11
N SER C 273 -6.30 25.13 8.25
CA SER C 273 -6.70 26.53 8.38
C SER C 273 -8.03 26.75 7.70
N THR C 274 -8.99 27.26 8.48
CA THR C 274 -10.36 27.49 7.99
C THR C 274 -10.86 28.79 8.63
N MET C 275 -11.92 29.37 8.09
CA MET C 275 -12.38 30.64 8.64
C MET C 275 -12.95 30.43 10.02
N ILE C 276 -12.36 31.06 11.02
CA ILE C 276 -12.80 30.88 12.41
C ILE C 276 -13.76 31.96 12.91
N LYS C 277 -14.22 32.84 12.02
CA LYS C 277 -15.19 33.87 12.40
C LYS C 277 -16.38 33.27 13.13
N GLY C 278 -16.64 33.73 14.35
CA GLY C 278 -17.72 33.18 15.17
C GLY C 278 -17.23 32.41 16.38
N LEU C 279 -15.93 32.09 16.40
CA LEU C 279 -15.35 31.32 17.48
C LEU C 279 -14.35 32.15 18.27
N TYR C 280 -14.27 31.87 19.56
CA TYR C 280 -13.32 32.51 20.48
C TYR C 280 -13.39 34.03 20.43
N GLY C 281 -14.60 34.57 20.25
CA GLY C 281 -14.81 36.01 20.16
C GLY C 281 -14.17 36.71 18.97
N ILE C 282 -13.94 35.98 17.88
CA ILE C 282 -13.37 36.56 16.66
C ILE C 282 -14.49 36.87 15.68
N LYS C 283 -14.52 38.11 15.20
CA LYS C 283 -15.59 38.58 14.30
C LYS C 283 -15.08 38.96 12.92
N ASP C 284 -13.77 38.92 12.72
CA ASP C 284 -13.16 39.22 11.43
C ASP C 284 -13.15 38.00 10.50
N ASP C 285 -13.12 38.27 9.20
CA ASP C 285 -13.07 37.23 8.18
C ASP C 285 -11.63 36.74 8.08
N VAL C 286 -11.23 35.87 9.01
CA VAL C 286 -9.86 35.35 9.00
C VAL C 286 -9.80 33.83 9.22
N PHE C 287 -8.69 33.25 8.78
CA PHE C 287 -8.49 31.80 8.77
C PHE C 287 -7.45 31.40 9.80
N LEU C 288 -7.78 30.39 10.61
CA LEU C 288 -6.84 29.85 11.60
C LEU C 288 -7.04 28.33 11.69
N SER C 289 -6.11 27.65 12.35
CA SER C 289 -6.16 26.19 12.43
C SER C 289 -6.98 25.69 13.60
N VAL C 290 -8.01 24.91 13.27
CA VAL C 290 -8.72 24.07 14.23
C VAL C 290 -8.86 22.68 13.61
N PRO C 291 -9.21 21.67 14.43
CA PRO C 291 -9.43 20.37 13.82
C PRO C 291 -10.65 20.37 12.92
N CYS C 292 -10.48 20.02 11.65
CA CYS C 292 -11.59 19.95 10.72
C CYS C 292 -11.79 18.57 10.20
N ILE C 293 -13.03 18.26 9.87
CA ILE C 293 -13.39 17.03 9.20
C ILE C 293 -13.21 17.22 7.70
N LEU C 294 -12.31 16.44 7.10
CA LEU C 294 -12.04 16.52 5.67
C LEU C 294 -12.62 15.39 4.86
N GLY C 295 -13.15 15.75 3.69
CA GLY C 295 -13.83 14.82 2.83
C GLY C 295 -13.96 15.39 1.43
N GLN C 296 -14.88 14.81 0.64
CA GLN C 296 -14.96 15.10 -0.79
C GLN C 296 -15.54 16.47 -1.17
N ASN C 297 -16.09 17.23 -0.22
CA ASN C 297 -16.29 18.66 -0.47
C ASN C 297 -15.53 19.53 0.51
N GLY C 298 -14.34 19.05 0.90
CA GLY C 298 -13.41 19.83 1.67
C GLY C 298 -13.74 19.78 3.15
N ILE C 299 -13.77 20.94 3.81
CA ILE C 299 -14.11 21.04 5.22
C ILE C 299 -15.63 21.08 5.39
N SER C 300 -16.23 19.93 5.68
CA SER C 300 -17.68 19.85 5.92
C SER C 300 -18.08 20.22 7.34
N ASP C 301 -17.15 20.06 8.28
CA ASP C 301 -17.42 20.27 9.71
C ASP C 301 -16.12 20.66 10.39
N LEU C 302 -16.21 21.36 11.52
CA LEU C 302 -15.05 21.53 12.37
C LEU C 302 -15.34 21.11 13.80
N VAL C 303 -14.27 20.78 14.53
CA VAL C 303 -14.38 20.42 15.93
C VAL C 303 -14.19 21.67 16.78
N LYS C 304 -15.14 21.91 17.69
CA LYS C 304 -15.09 23.03 18.61
C LYS C 304 -14.27 22.64 19.83
N VAL C 305 -12.97 22.88 19.76
CA VAL C 305 -12.07 22.61 20.87
C VAL C 305 -12.31 23.61 22.00
N THR C 306 -12.43 23.11 23.24
CA THR C 306 -12.49 23.98 24.42
C THR C 306 -11.08 24.46 24.73
N LEU C 307 -10.90 25.77 24.66
CA LEU C 307 -9.64 26.38 25.00
C LEU C 307 -9.77 27.08 26.33
N THR C 308 -8.65 27.18 27.03
CA THR C 308 -8.55 27.99 28.23
C THR C 308 -8.60 29.46 27.83
N SER C 309 -8.76 30.34 28.82
CA SER C 309 -8.83 31.78 28.55
C SER C 309 -7.54 32.29 27.91
N GLU C 310 -6.41 31.79 28.40
CA GLU C 310 -5.09 32.11 27.83
C GLU C 310 -4.94 31.64 26.38
N GLU C 311 -5.52 30.49 26.06
CA GLU C 311 -5.43 29.95 24.70
C GLU C 311 -6.31 30.71 23.72
N GLU C 312 -7.53 31.02 24.12
CA GLU C 312 -8.43 31.85 23.32
C GLU C 312 -7.79 33.19 23.03
N ALA C 313 -7.25 33.82 24.07
CA ALA C 313 -6.58 35.12 23.94
C ALA C 313 -5.47 35.08 22.87
N ARG C 314 -4.69 33.99 22.85
CA ARG C 314 -3.64 33.84 21.85
C ARG C 314 -4.17 33.75 20.43
N LEU C 315 -5.28 33.03 20.24
CA LEU C 315 -5.94 32.95 18.92
C LEU C 315 -6.55 34.30 18.52
N LYS C 316 -7.09 35.02 19.52
CA LYS C 316 -7.75 36.31 19.27
C LYS C 316 -6.72 37.36 18.86
N LYS C 317 -5.54 37.30 19.48
CA LYS C 317 -4.42 38.16 19.12
C LYS C 317 -3.89 37.90 17.71
N SER C 318 -3.80 36.62 17.33
CA SER C 318 -3.45 36.26 15.96
C SER C 318 -4.50 36.73 14.96
N ALA C 319 -5.77 36.56 15.29
CA ALA C 319 -6.83 37.01 14.39
C ALA C 319 -6.83 38.54 14.19
N ASP C 320 -6.47 39.28 15.24
CA ASP C 320 -6.36 40.74 15.14
C ASP C 320 -5.16 41.12 14.27
N THR C 321 -4.00 40.55 14.56
CA THR C 321 -2.80 40.79 13.75
C THR C 321 -3.05 40.52 12.29
N LEU C 322 -3.80 39.44 12.01
CA LEU C 322 -4.03 39.02 10.63
C LEU C 322 -5.05 39.89 9.91
N TRP C 323 -6.10 40.33 10.61
CA TRP C 323 -7.05 41.27 10.01
C TRP C 323 -6.41 42.65 9.79
N GLY C 324 -5.47 43.01 10.66
CA GLY C 324 -4.74 44.27 10.54
C GLY C 324 -3.92 44.33 9.25
N ILE C 325 -3.43 43.18 8.83
CA ILE C 325 -2.72 43.06 7.56
C ILE C 325 -3.70 42.99 6.40
N GLN C 326 -4.82 42.30 6.62
CA GLN C 326 -5.77 42.01 5.53
C GLN C 326 -6.65 43.19 5.11
N LYS C 327 -6.96 44.09 6.05
CA LYS C 327 -7.79 45.26 5.69
C LYS C 327 -7.01 46.23 4.80
N GLU C 328 -5.68 46.17 4.92
CA GLU C 328 -4.78 46.99 4.11
C GLU C 328 -4.42 46.38 2.76
N LEU C 329 -5.14 45.34 2.35
CA LEU C 329 -4.82 44.63 1.11
C LEU C 329 -5.64 45.13 -0.08
N GLN C 330 -5.00 45.16 -1.24
CA GLN C 330 -5.60 45.59 -2.50
C GLN C 330 -5.90 44.39 -3.40
N PHE C 331 -7.18 44.13 -3.64
CA PHE C 331 -7.61 43.03 -4.51
C PHE C 331 -8.07 43.54 -5.87
N ALA D 1 7.74 10.61 40.34
CA ALA D 1 8.50 10.16 39.15
C ALA D 1 8.38 11.18 38.00
N THR D 2 9.06 10.92 36.89
CA THR D 2 8.89 11.72 35.68
C THR D 2 7.54 11.38 35.01
N LEU D 3 7.16 12.16 34.00
CA LEU D 3 5.86 11.96 33.37
C LEU D 3 5.82 10.66 32.59
N LYS D 4 6.89 10.38 31.84
CA LYS D 4 7.04 9.12 31.12
C LYS D 4 6.87 7.92 32.05
N ASP D 5 7.46 7.98 33.25
CA ASP D 5 7.39 6.86 34.20
C ASP D 5 5.99 6.71 34.80
N GLN D 6 5.30 7.83 35.02
CA GLN D 6 3.93 7.80 35.52
C GLN D 6 2.96 7.26 34.46
N LEU D 7 3.28 7.52 33.20
CA LEU D 7 2.43 7.11 32.08
C LEU D 7 2.66 5.66 31.69
N ILE D 8 3.93 5.28 31.64
CA ILE D 8 4.34 4.03 31.03
C ILE D 8 5.15 3.16 31.98
N TYR D 9 4.71 1.92 32.13
CA TYR D 9 5.48 0.91 32.85
C TYR D 9 6.30 0.14 31.83
N ASN D 10 7.60 0.05 32.09
CA ASN D 10 8.50 -0.68 31.22
C ASN D 10 8.63 -2.13 31.65
N LEU D 11 8.46 -3.04 30.69
CA LEU D 11 8.65 -4.46 30.94
C LEU D 11 10.10 -4.89 30.77
N LEU D 12 10.77 -4.35 29.75
CA LEU D 12 12.19 -4.62 29.51
C LEU D 12 12.82 -3.57 28.59
N LYS D 13 14.14 -3.40 28.69
CA LYS D 13 14.84 -2.41 27.86
C LYS D 13 15.88 -3.12 27.00
N GLU D 14 15.66 -4.41 26.80
CA GLU D 14 16.69 -5.28 26.25
C GLU D 14 16.93 -5.12 24.75
N GLU D 15 17.99 -5.75 24.28
CA GLU D 15 18.27 -5.99 22.87
C GLU D 15 18.05 -4.75 21.97
N GLN D 16 17.18 -4.86 20.97
CA GLN D 16 16.93 -3.80 19.99
C GLN D 16 18.02 -3.78 18.90
N THR D 17 17.89 -4.73 17.98
CA THR D 17 18.75 -4.84 16.81
C THR D 17 17.89 -4.89 15.53
N PRO D 18 18.23 -4.05 14.53
CA PRO D 18 17.33 -3.84 13.39
C PRO D 18 17.20 -5.08 12.53
N GLN D 19 15.97 -5.36 12.11
CA GLN D 19 15.68 -6.56 11.34
C GLN D 19 15.64 -6.33 9.84
N ASN D 20 15.36 -5.09 9.42
CA ASN D 20 15.23 -4.77 7.98
C ASN D 20 15.79 -3.41 7.67
N LYS D 21 17.03 -3.21 8.06
CA LYS D 21 17.66 -1.91 8.00
C LYS D 21 18.23 -1.72 6.61
N ILE D 22 18.01 -0.52 6.08
CA ILE D 22 18.59 -0.12 4.81
C ILE D 22 19.44 1.14 5.05
N THR D 23 20.60 1.20 4.40
CA THR D 23 21.44 2.40 4.43
C THR D 23 21.51 3.02 3.03
N VAL D 24 21.38 4.34 2.98
CA VAL D 24 21.68 5.09 1.76
C VAL D 24 22.90 5.99 1.99
N VAL D 25 23.91 5.85 1.13
CA VAL D 25 25.14 6.66 1.20
C VAL D 25 25.12 7.70 0.10
N GLY D 26 25.14 8.97 0.49
CA GLY D 26 25.04 10.06 -0.45
C GLY D 26 23.62 10.61 -0.42
N VAL D 27 23.43 11.75 0.23
CA VAL D 27 22.11 12.37 0.36
C VAL D 27 21.93 13.53 -0.63
N GLY D 28 22.38 13.34 -1.86
CA GLY D 28 22.08 14.28 -2.93
C GLY D 28 20.68 14.00 -3.47
N ALA D 29 20.39 14.53 -4.63
CA ALA D 29 19.05 14.37 -5.20
C ALA D 29 18.68 12.91 -5.41
N VAL D 30 19.64 12.11 -5.88
CA VAL D 30 19.41 10.71 -6.13
C VAL D 30 19.19 9.95 -4.83
N GLY D 31 20.09 10.14 -3.88
CA GLY D 31 20.01 9.52 -2.56
C GLY D 31 18.69 9.78 -1.83
N MET D 32 18.25 11.02 -1.83
CA MET D 32 17.04 11.39 -1.09
C MET D 32 15.77 10.90 -1.77
N ALA D 33 15.79 10.80 -3.09
CA ALA D 33 14.70 10.21 -3.83
C ALA D 33 14.61 8.72 -3.57
N CYS D 34 15.76 8.05 -3.47
CA CYS D 34 15.77 6.65 -3.07
C CYS D 34 15.17 6.53 -1.67
N ALA D 35 15.63 7.38 -0.76
CA ALA D 35 15.16 7.39 0.63
C ALA D 35 13.65 7.58 0.76
N ILE D 36 13.07 8.52 0.03
CA ILE D 36 11.65 8.80 0.22
C ILE D 36 10.81 7.71 -0.40
N SER D 37 11.27 7.15 -1.52
CA SER D 37 10.54 6.09 -2.18
C SER D 37 10.59 4.80 -1.35
N ILE D 38 11.74 4.53 -0.75
CA ILE D 38 11.90 3.39 0.13
C ILE D 38 11.04 3.52 1.39
N LEU D 39 10.96 4.73 1.91
CA LEU D 39 10.14 4.99 3.10
C LEU D 39 8.65 4.84 2.84
N MET D 40 8.19 5.31 1.69
CA MET D 40 6.77 5.26 1.35
C MET D 40 6.34 3.88 0.89
N LYS D 41 7.30 2.97 0.70
CA LYS D 41 6.99 1.58 0.37
C LYS D 41 7.13 0.64 1.59
N ASP D 42 7.34 1.20 2.78
CA ASP D 42 7.43 0.39 3.98
C ASP D 42 8.39 -0.80 3.84
N LEU D 43 9.56 -0.56 3.25
CA LEU D 43 10.53 -1.62 3.02
C LEU D 43 11.45 -1.87 4.23
N ALA D 44 11.62 -0.87 5.09
CA ALA D 44 12.64 -0.92 6.13
C ALA D 44 12.10 -0.63 7.50
N ASP D 45 12.72 -1.21 8.52
CA ASP D 45 12.39 -0.82 9.89
C ASP D 45 13.36 0.22 10.46
N GLU D 46 14.44 0.46 9.72
CA GLU D 46 15.39 1.49 10.05
C GLU D 46 16.08 1.92 8.77
N LEU D 47 16.20 3.23 8.60
CA LEU D 47 16.90 3.82 7.50
C LEU D 47 18.08 4.62 8.06
N ALA D 48 19.30 4.34 7.55
CA ALA D 48 20.48 5.13 7.88
C ALA D 48 20.92 5.97 6.67
N LEU D 49 21.31 7.22 6.92
CA LEU D 49 21.84 8.10 5.88
C LEU D 49 23.28 8.49 6.20
N VAL D 50 24.12 8.49 5.17
CA VAL D 50 25.52 8.85 5.31
C VAL D 50 25.94 9.83 4.20
N ASP D 51 26.74 10.81 4.58
CA ASP D 51 27.34 11.75 3.64
C ASP D 51 28.58 12.37 4.29
N VAL D 52 29.33 13.15 3.51
CA VAL D 52 30.42 13.96 4.08
C VAL D 52 29.97 15.37 4.47
N ILE D 53 28.95 15.91 3.78
CA ILE D 53 28.42 17.23 4.15
C ILE D 53 27.50 17.10 5.35
N GLU D 54 28.00 17.52 6.51
CA GLU D 54 27.35 17.27 7.80
C GLU D 54 26.06 18.05 8.03
N ASP D 55 26.03 19.30 7.58
CA ASP D 55 24.86 20.17 7.73
C ASP D 55 23.67 19.60 6.95
N LYS D 56 23.83 19.52 5.64
CA LYS D 56 22.88 18.88 4.74
C LYS D 56 22.41 17.51 5.26
N LEU D 57 23.35 16.67 5.68
CA LEU D 57 23.02 15.35 6.17
C LEU D 57 22.02 15.41 7.31
N LYS D 58 22.32 16.24 8.31
CA LYS D 58 21.48 16.38 9.49
C LYS D 58 20.10 16.95 9.17
N GLY D 59 20.03 17.93 8.28
CA GLY D 59 18.76 18.55 7.88
C GLY D 59 17.86 17.63 7.08
N GLU D 60 18.47 16.80 6.22
CA GLU D 60 17.73 15.79 5.45
C GLU D 60 17.12 14.73 6.38
N MET D 61 17.92 14.26 7.33
CA MET D 61 17.45 13.34 8.33
C MET D 61 16.27 13.92 9.09
N MET D 62 16.43 15.12 9.61
CA MET D 62 15.39 15.78 10.40
C MET D 62 14.10 15.90 9.59
N ASP D 63 14.24 16.28 8.32
CA ASP D 63 13.12 16.53 7.45
C ASP D 63 12.32 15.22 7.25
N LEU D 64 13.00 14.11 7.03
CA LEU D 64 12.36 12.79 7.00
C LEU D 64 11.71 12.43 8.34
N GLN D 65 12.42 12.68 9.44
CA GLN D 65 11.89 12.37 10.77
C GLN D 65 10.61 13.12 11.10
N HIS D 66 10.51 14.37 10.65
CA HIS D 66 9.32 15.18 10.90
C HIS D 66 8.08 14.67 10.16
N GLY D 67 8.28 13.80 9.17
CA GLY D 67 7.20 13.10 8.48
C GLY D 67 6.88 11.74 9.09
N SER D 68 7.47 11.43 10.24
CA SER D 68 7.33 10.11 10.85
C SER D 68 5.88 9.69 11.07
N LEU D 69 5.03 10.65 11.42
CA LEU D 69 3.60 10.39 11.64
C LEU D 69 2.96 9.67 10.45
N PHE D 70 3.49 9.91 9.26
CA PHE D 70 2.88 9.46 8.02
C PHE D 70 3.60 8.27 7.43
N LEU D 71 4.55 7.71 8.18
CA LEU D 71 5.35 6.58 7.70
C LEU D 71 5.25 5.40 8.66
N ARG D 72 5.86 4.28 8.28
CA ARG D 72 5.93 3.10 9.14
CA ARG D 72 5.93 3.10 9.15
C ARG D 72 7.39 2.60 9.21
N THR D 73 8.32 3.55 9.26
CA THR D 73 9.74 3.25 9.43
C THR D 73 10.12 4.00 10.70
N PRO D 74 10.16 3.29 11.84
CA PRO D 74 10.15 3.93 13.15
C PRO D 74 11.45 4.55 13.56
N LYS D 75 12.50 4.33 12.78
CA LYS D 75 13.80 4.89 13.14
C LYS D 75 14.57 5.32 11.90
N ILE D 76 14.96 6.59 11.91
CA ILE D 76 15.80 7.18 10.90
C ILE D 76 17.01 7.79 11.60
N VAL D 77 18.19 7.37 11.16
CA VAL D 77 19.44 7.85 11.72
C VAL D 77 20.34 8.36 10.62
N SER D 78 21.35 9.13 11.01
CA SER D 78 22.30 9.65 10.05
C SER D 78 23.61 10.01 10.70
N GLY D 79 24.67 10.05 9.90
CA GLY D 79 25.97 10.41 10.43
C GLY D 79 27.09 10.27 9.42
N LYS D 80 28.19 10.96 9.68
CA LYS D 80 29.37 10.86 8.84
C LYS D 80 30.10 9.55 9.15
N ASP D 81 29.91 9.05 10.37
CA ASP D 81 30.50 7.81 10.84
C ASP D 81 29.62 6.63 10.44
N TYR D 82 30.27 5.56 10.00
CA TYR D 82 29.56 4.39 9.48
C TYR D 82 29.01 3.47 10.57
N ASN D 83 29.23 3.81 11.85
CA ASN D 83 28.61 3.06 12.94
C ASN D 83 27.08 3.12 12.92
N VAL D 84 26.54 4.16 12.30
CA VAL D 84 25.08 4.31 12.14
C VAL D 84 24.51 3.33 11.10
N THR D 85 25.37 2.72 10.30
CA THR D 85 24.96 1.81 9.24
C THR D 85 25.00 0.34 9.64
N ALA D 86 25.35 0.05 10.89
CA ALA D 86 25.58 -1.32 11.36
C ALA D 86 24.36 -2.19 11.16
N ASN D 87 24.59 -3.43 10.71
CA ASN D 87 23.55 -4.44 10.54
C ASN D 87 22.52 -4.11 9.46
N SER D 88 22.96 -3.38 8.42
CA SER D 88 22.12 -3.13 7.26
C SER D 88 21.97 -4.38 6.43
N LYS D 89 20.75 -4.65 5.96
CA LYS D 89 20.49 -5.75 5.00
C LYS D 89 20.88 -5.33 3.62
N LEU D 90 20.72 -4.04 3.34
CA LEU D 90 20.96 -3.48 2.03
C LEU D 90 21.61 -2.11 2.20
N VAL D 91 22.63 -1.87 1.39
CA VAL D 91 23.32 -0.59 1.43
C VAL D 91 23.37 -0.04 0.02
N ILE D 92 22.83 1.16 -0.15
CA ILE D 92 22.67 1.75 -1.46
C ILE D 92 23.67 2.90 -1.58
N ILE D 93 24.48 2.89 -2.64
CA ILE D 93 25.53 3.87 -2.81
C ILE D 93 25.19 4.81 -3.94
N THR D 94 24.95 6.07 -3.57
CA THR D 94 24.57 7.13 -4.48
C THR D 94 25.50 8.31 -4.25
N ALA D 95 26.69 8.01 -3.75
CA ALA D 95 27.65 9.05 -3.40
C ALA D 95 28.49 9.44 -4.61
N GLY D 96 29.08 10.63 -4.58
CA GLY D 96 30.17 10.95 -5.51
C GLY D 96 30.10 12.30 -6.20
N ALA D 97 28.99 13.01 -6.02
CA ALA D 97 28.68 14.23 -6.77
C ALA D 97 28.58 13.97 -8.28
N ARG D 98 27.49 14.43 -8.88
CA ARG D 98 27.21 14.17 -10.30
C ARG D 98 28.16 14.86 -11.29
N GLN D 99 28.24 14.33 -12.50
CA GLN D 99 29.11 14.88 -13.54
C GLN D 99 28.56 16.20 -14.07
N GLN D 100 29.46 17.16 -14.32
CA GLN D 100 29.07 18.50 -14.79
C GLN D 100 28.61 18.46 -16.24
N GLY D 102 30.92 20.66 -17.77
CA GLY D 102 31.08 19.42 -18.53
C GLY D 102 32.36 18.68 -18.18
N GLU D 103 32.24 17.56 -17.48
CA GLU D 103 33.37 16.67 -17.21
C GLU D 103 33.18 15.31 -17.90
N SER D 104 34.29 14.57 -18.02
CA SER D 104 34.31 13.32 -18.76
C SER D 104 34.09 12.11 -17.87
N ARG D 105 34.05 10.95 -18.53
CA ARG D 105 33.92 9.66 -17.86
C ARG D 105 35.15 9.34 -17.01
N LEU D 106 36.36 9.47 -17.59
CA LEU D 106 37.62 9.23 -16.86
C LEU D 106 37.75 10.05 -15.56
N ASN D 107 37.38 11.34 -15.63
CA ASN D 107 37.40 12.19 -14.45
C ASN D 107 36.38 11.75 -13.41
N LEU D 108 35.22 11.33 -13.90
CA LEU D 108 34.16 10.77 -13.05
C LEU D 108 34.67 9.47 -12.44
N VAL D 109 35.22 8.60 -13.29
CA VAL D 109 35.78 7.33 -12.86
C VAL D 109 36.80 7.51 -11.74
N GLN D 110 37.82 8.33 -11.94
CA GLN D 110 38.91 8.37 -10.96
C GLN D 110 38.50 8.99 -9.61
N ARG D 111 37.72 10.07 -9.67
CA ARG D 111 37.19 10.71 -8.46
C ARG D 111 36.29 9.77 -7.64
N ASN D 112 35.42 9.01 -8.31
CA ASN D 112 34.49 8.12 -7.62
C ASN D 112 35.13 6.81 -7.17
N VAL D 113 36.05 6.27 -7.97
CA VAL D 113 36.91 5.17 -7.49
C VAL D 113 37.60 5.56 -6.18
N ASN D 114 38.12 6.77 -6.12
CA ASN D 114 38.79 7.25 -4.90
C ASN D 114 37.84 7.32 -3.72
N ILE D 115 36.65 7.84 -3.96
CA ILE D 115 35.60 7.90 -2.94
C ILE D 115 35.23 6.47 -2.44
N PHE D 116 35.05 5.52 -3.34
CA PHE D 116 34.67 4.14 -2.96
C PHE D 116 35.71 3.43 -2.11
N LYS D 117 36.97 3.78 -2.33
CA LYS D 117 38.09 3.18 -1.58
C LYS D 117 37.99 3.42 -0.10
N PHE D 118 37.25 4.45 0.29
CA PHE D 118 37.01 4.68 1.72
C PHE D 118 35.59 4.30 2.17
N ILE D 119 34.60 4.51 1.30
CA ILE D 119 33.22 4.07 1.57
C ILE D 119 33.09 2.55 1.75
N ILE D 120 33.54 1.79 0.77
CA ILE D 120 33.25 0.37 0.75
C ILE D 120 33.81 -0.39 1.97
N PRO D 121 35.10 -0.16 2.33
CA PRO D 121 35.55 -0.91 3.52
C PRO D 121 34.79 -0.55 4.81
N ASN D 122 34.36 0.69 4.92
CA ASN D 122 33.57 1.13 6.09
C ASN D 122 32.18 0.48 6.09
N VAL D 123 31.58 0.32 4.92
CA VAL D 123 30.31 -0.38 4.79
C VAL D 123 30.49 -1.85 5.17
N VAL D 124 31.57 -2.46 4.68
CA VAL D 124 31.82 -3.88 4.91
C VAL D 124 32.07 -4.15 6.38
N LYS D 125 32.76 -3.23 7.04
CA LYS D 125 33.06 -3.39 8.48
C LYS D 125 31.79 -3.49 9.30
N TYR D 126 30.88 -2.55 9.08
CA TYR D 126 29.67 -2.47 9.92
C TYR D 126 28.52 -3.36 9.42
N SER D 127 28.52 -3.73 8.15
CA SER D 127 27.50 -4.64 7.61
C SER D 127 28.14 -5.71 6.72
N PRO D 128 28.93 -6.63 7.30
CA PRO D 128 29.62 -7.66 6.51
C PRO D 128 28.72 -8.51 5.62
N ASN D 129 27.45 -8.69 6.01
CA ASN D 129 26.54 -9.57 5.29
C ASN D 129 25.48 -8.89 4.43
N CYS D 130 25.65 -7.61 4.18
CA CYS D 130 24.70 -6.85 3.39
C CYS D 130 24.80 -7.13 1.91
N LYS D 131 23.72 -6.83 1.21
CA LYS D 131 23.75 -6.71 -0.23
C LYS D 131 24.13 -5.24 -0.53
N LEU D 132 24.99 -5.05 -1.52
CA LEU D 132 25.43 -3.73 -1.96
C LEU D 132 24.72 -3.39 -3.25
N LEU D 133 24.12 -2.21 -3.34
CA LEU D 133 23.45 -1.80 -4.55
C LEU D 133 24.07 -0.50 -5.02
N ILE D 134 24.73 -0.54 -6.17
CA ILE D 134 25.52 0.59 -6.64
C ILE D 134 24.72 1.35 -7.66
N VAL D 135 24.57 2.65 -7.42
CA VAL D 135 23.85 3.54 -8.32
C VAL D 135 24.83 4.57 -8.93
N SER D 136 25.79 5.07 -8.13
CA SER D 136 26.78 6.07 -8.62
C SER D 136 27.39 5.71 -9.98
N ASN D 137 27.65 6.73 -10.80
CA ASN D 137 28.14 6.54 -12.17
C ASN D 137 29.64 6.76 -12.29
N PRO D 138 30.27 6.13 -13.31
CA PRO D 138 29.68 5.18 -14.26
C PRO D 138 29.36 3.87 -13.57
N VAL D 139 28.10 3.43 -13.65
CA VAL D 139 27.60 2.44 -12.70
C VAL D 139 28.21 1.05 -12.88
N ASP D 140 28.47 0.66 -14.13
CA ASP D 140 29.00 -0.66 -14.40
C ASP D 140 30.43 -0.81 -13.89
N ILE D 141 31.24 0.22 -14.11
CA ILE D 141 32.62 0.27 -13.61
C ILE D 141 32.62 0.30 -12.09
N LEU D 142 31.81 1.17 -11.51
CA LEU D 142 31.79 1.32 -10.06
C LEU D 142 31.21 0.12 -9.33
N THR D 143 30.42 -0.71 -10.02
CA THR D 143 29.92 -1.94 -9.42
C THR D 143 31.09 -2.94 -9.36
N TYR D 144 31.90 -2.96 -10.41
CA TYR D 144 33.11 -3.78 -10.41
C TYR D 144 33.99 -3.37 -9.23
N VAL D 145 34.16 -2.06 -9.07
CA VAL D 145 35.02 -1.50 -8.04
C VAL D 145 34.49 -1.89 -6.68
N ALA D 146 33.16 -1.83 -6.50
CA ALA D 146 32.56 -2.22 -5.22
C ALA D 146 32.84 -3.69 -4.95
N TRP D 147 32.72 -4.50 -6.00
CA TRP D 147 33.00 -5.94 -5.87
C TRP D 147 34.47 -6.20 -5.52
N LYS D 148 35.39 -5.54 -6.23
CA LYS D 148 36.83 -5.78 -6.00
C LYS D 148 37.24 -5.43 -4.58
N ILE D 149 36.82 -4.26 -4.10
CA ILE D 149 37.18 -3.80 -2.76
C ILE D 149 36.49 -4.59 -1.65
N SER D 150 35.21 -4.91 -1.81
CA SER D 150 34.47 -5.50 -0.72
C SER D 150 34.92 -6.92 -0.45
N GLY D 151 35.35 -7.62 -1.50
CA GLY D 151 35.58 -9.06 -1.42
C GLY D 151 34.29 -9.87 -1.36
N PHE D 152 33.14 -9.21 -1.54
CA PHE D 152 31.84 -9.88 -1.50
C PHE D 152 31.70 -10.92 -2.63
N PRO D 153 30.96 -12.00 -2.38
CA PRO D 153 30.65 -12.86 -3.51
C PRO D 153 29.80 -12.12 -4.55
N LYS D 154 29.76 -12.64 -5.78
CA LYS D 154 29.08 -11.96 -6.90
C LYS D 154 27.63 -11.63 -6.61
N ASN D 155 26.93 -12.54 -5.91
CA ASN D 155 25.48 -12.39 -5.69
C ASN D 155 25.11 -11.17 -4.87
N ARG D 156 26.05 -10.67 -4.07
CA ARG D 156 25.77 -9.55 -3.19
C ARG D 156 26.28 -8.18 -3.64
N VAL D 157 26.68 -8.06 -4.90
CA VAL D 157 27.07 -6.77 -5.47
C VAL D 157 26.28 -6.55 -6.76
N ILE D 158 25.36 -5.60 -6.68
CA ILE D 158 24.39 -5.35 -7.73
C ILE D 158 24.53 -3.92 -8.18
N GLY D 159 24.58 -3.73 -9.48
CA GLY D 159 24.58 -2.37 -10.04
C GLY D 159 23.19 -2.06 -10.54
N SER D 160 22.72 -0.85 -10.27
CA SER D 160 21.44 -0.39 -10.82
C SER D 160 21.38 -0.62 -12.32
N GLY D 161 22.49 -0.36 -12.99
CA GLY D 161 22.65 -0.77 -14.38
C GLY D 161 21.55 -0.27 -15.31
N CYS D 162 20.95 -1.18 -16.06
CA CYS D 162 19.96 -0.80 -17.06
C CYS D 162 18.52 -0.77 -16.54
N ASN D 163 18.35 -0.71 -15.22
CA ASN D 163 17.00 -0.78 -14.66
C ASN D 163 16.20 0.47 -15.02
N LEU D 164 16.79 1.66 -14.84
CA LEU D 164 16.18 2.93 -15.29
C LEU D 164 16.02 3.03 -16.81
N ASP D 165 17.05 2.64 -17.56
CA ASP D 165 16.99 2.62 -19.03
C ASP D 165 15.76 1.83 -19.49
N SER D 166 15.55 0.67 -18.87
CA SER D 166 14.43 -0.20 -19.22
C SER D 166 13.08 0.42 -18.82
N ALA D 167 13.01 1.03 -17.65
CA ALA D 167 11.81 1.75 -17.18
C ALA D 167 11.40 2.86 -18.14
N ARG D 168 12.37 3.67 -18.57
CA ARG D 168 12.09 4.72 -19.55
C ARG D 168 11.63 4.14 -20.86
N PHE D 169 12.28 3.06 -21.30
CA PHE D 169 11.90 2.37 -22.53
C PHE D 169 10.44 1.91 -22.50
N ARG D 170 10.03 1.35 -21.38
CA ARG D 170 8.67 0.84 -21.23
C ARG D 170 7.68 2.02 -21.12
N TYR D 171 8.09 3.09 -20.46
CA TYR D 171 7.29 4.31 -20.47
C TYR D 171 7.03 4.77 -21.90
N LEU D 172 8.09 4.91 -22.69
CA LEU D 172 7.99 5.40 -24.06
C LEU D 172 7.16 4.43 -24.89
N MET D 173 7.40 3.14 -24.71
CA MET D 173 6.65 2.13 -25.43
C MET D 173 5.17 2.22 -25.09
N GLY D 174 4.84 2.42 -23.82
CA GLY D 174 3.44 2.57 -23.39
C GLY D 174 2.76 3.77 -24.02
N GLU D 175 3.53 4.84 -24.21
CA GLU D 175 2.99 6.06 -24.84
C GLU D 175 2.58 5.82 -26.27
N ARG D 176 3.46 5.19 -27.02
CA ARG D 176 3.14 4.88 -28.42
C ARG D 176 1.96 3.94 -28.52
N LEU D 177 1.82 3.01 -27.59
CA LEU D 177 0.78 2.00 -27.73
C LEU D 177 -0.55 2.32 -26.99
N GLY D 178 -0.52 3.33 -26.12
CA GLY D 178 -1.68 3.59 -25.26
C GLY D 178 -1.96 2.44 -24.32
N VAL D 179 -0.89 1.84 -23.80
CA VAL D 179 -0.97 0.77 -22.81
C VAL D 179 -0.08 1.12 -21.63
N HIS D 180 -0.46 0.70 -20.42
CA HIS D 180 0.33 0.96 -19.23
C HIS D 180 1.71 0.30 -19.40
N PRO D 181 2.79 0.97 -18.96
CA PRO D 181 4.14 0.40 -19.05
C PRO D 181 4.28 -1.01 -18.46
N LEU D 182 3.54 -1.29 -17.39
CA LEU D 182 3.53 -2.63 -16.80
C LEU D 182 3.21 -3.73 -17.78
N SER D 183 2.34 -3.44 -18.76
CA SER D 183 1.89 -4.43 -19.72
C SER D 183 2.67 -4.34 -21.05
N CYS D 184 3.62 -3.42 -21.11
CA CYS D 184 4.53 -3.32 -22.25
C CYS D 184 5.88 -3.88 -21.82
N HIS D 185 6.25 -5.03 -22.38
CA HIS D 185 7.48 -5.70 -21.93
C HIS D 185 8.60 -5.49 -22.94
N GLY D 186 9.79 -5.26 -22.42
CA GLY D 186 10.93 -4.94 -23.29
C GLY D 186 12.16 -4.70 -22.44
N TRP D 187 13.30 -5.15 -22.94
CA TRP D 187 14.53 -5.21 -22.15
C TRP D 187 15.66 -4.43 -22.81
N VAL D 188 16.23 -3.50 -22.04
CA VAL D 188 17.40 -2.75 -22.44
C VAL D 188 18.54 -3.30 -21.60
N LEU D 189 19.56 -3.86 -22.26
CA LEU D 189 20.61 -4.60 -21.57
C LEU D 189 22.01 -4.06 -21.90
N GLY D 190 23.02 -4.63 -21.27
CA GLY D 190 24.41 -4.27 -21.52
C GLY D 190 24.88 -3.15 -20.62
N GLU D 191 25.61 -2.20 -21.22
CA GLU D 191 26.19 -1.08 -20.51
C GLU D 191 25.15 0.00 -20.30
N HIS D 192 25.03 0.43 -19.04
CA HIS D 192 24.12 1.50 -18.72
C HIS D 192 24.42 2.78 -19.49
N GLY D 193 23.37 3.45 -19.95
CA GLY D 193 23.47 4.78 -20.54
C GLY D 193 23.59 4.74 -22.04
N ASP D 194 24.56 5.49 -22.58
CA ASP D 194 24.66 5.75 -24.03
C ASP D 194 24.74 4.49 -24.89
N SER D 195 25.47 3.50 -24.39
CA SER D 195 25.78 2.31 -25.17
C SER D 195 24.83 1.12 -24.91
N SER D 196 23.72 1.37 -24.23
CA SER D 196 22.79 0.29 -23.87
C SER D 196 22.24 -0.40 -25.10
N VAL D 197 21.77 -1.64 -24.94
CA VAL D 197 21.24 -2.42 -26.05
C VAL D 197 19.77 -2.79 -25.86
N PRO D 198 18.89 -2.28 -26.73
CA PRO D 198 17.48 -2.68 -26.71
C PRO D 198 17.29 -4.02 -27.41
N VAL D 199 16.73 -5.02 -26.71
CA VAL D 199 16.62 -6.37 -27.25
C VAL D 199 15.27 -6.53 -27.95
N TRP D 200 15.25 -6.27 -29.26
CA TRP D 200 14.00 -6.13 -30.00
C TRP D 200 13.14 -7.39 -29.96
N SER D 201 13.80 -8.54 -30.04
CA SER D 201 13.12 -9.84 -30.07
C SER D 201 12.25 -10.10 -28.84
N GLY D 202 12.57 -9.46 -27.70
CA GLY D 202 11.80 -9.62 -26.47
C GLY D 202 10.67 -8.62 -26.25
N MET D 203 10.53 -7.64 -27.12
CA MET D 203 9.53 -6.60 -26.93
CA MET D 203 9.52 -6.62 -26.93
C MET D 203 8.15 -7.12 -27.30
N ASN D 204 7.23 -7.10 -26.34
CA ASN D 204 5.94 -7.70 -26.55
C ASN D 204 4.83 -7.15 -25.65
N VAL D 205 3.60 -7.37 -26.08
CA VAL D 205 2.44 -7.12 -25.25
C VAL D 205 1.66 -8.41 -25.24
N ALA D 206 1.35 -8.87 -24.04
CA ALA D 206 0.60 -10.10 -23.87
C ALA D 206 1.22 -11.29 -24.60
N GLY D 207 2.55 -11.33 -24.63
CA GLY D 207 3.25 -12.43 -25.29
C GLY D 207 3.27 -12.37 -26.81
N VAL D 208 2.74 -11.30 -27.39
CA VAL D 208 2.77 -11.12 -28.85
C VAL D 208 4.02 -10.33 -29.23
N SER D 209 4.93 -10.98 -29.96
CA SER D 209 6.18 -10.34 -30.35
C SER D 209 5.94 -9.21 -31.36
N LEU D 210 6.37 -8.00 -31.02
CA LEU D 210 6.27 -6.87 -31.93
C LEU D 210 7.12 -7.13 -33.19
N LYS D 211 8.31 -7.68 -32.99
CA LYS D 211 9.22 -8.02 -34.09
C LYS D 211 8.58 -9.02 -35.06
N THR D 212 7.86 -10.01 -34.53
CA THR D 212 7.16 -10.96 -35.40
C THR D 212 6.08 -10.28 -36.24
N LEU D 213 5.31 -9.40 -35.60
CA LEU D 213 4.31 -8.63 -36.32
C LEU D 213 4.91 -7.67 -37.33
N HIS D 214 6.04 -7.09 -36.97
CA HIS D 214 6.68 -6.01 -37.72
C HIS D 214 8.18 -6.32 -37.91
N PRO D 215 8.50 -7.11 -38.95
CA PRO D 215 9.88 -7.60 -39.06
C PRO D 215 10.96 -6.53 -39.11
N ASP D 216 10.62 -5.35 -39.64
CA ASP D 216 11.56 -4.22 -39.74
C ASP D 216 11.84 -3.52 -38.41
N LEU D 217 11.08 -3.86 -37.37
CA LEU D 217 11.27 -3.30 -36.03
C LEU D 217 12.73 -3.34 -35.58
N GLY D 218 13.25 -2.19 -35.16
CA GLY D 218 14.63 -2.11 -34.70
C GLY D 218 15.66 -1.86 -35.79
N THR D 219 15.23 -1.82 -37.06
CA THR D 219 16.15 -1.61 -38.19
C THR D 219 16.01 -0.21 -38.79
N ASP D 220 16.92 0.14 -39.69
CA ASP D 220 16.85 1.44 -40.38
C ASP D 220 15.72 1.47 -41.38
N LYS D 221 15.30 0.30 -41.86
CA LYS D 221 14.22 0.18 -42.84
C LYS D 221 12.82 0.28 -42.24
N ASP D 222 12.73 0.69 -40.98
CA ASP D 222 11.45 0.74 -40.28
C ASP D 222 10.76 2.06 -40.58
N LYS D 223 9.63 1.99 -41.29
CA LYS D 223 8.87 3.18 -41.66
C LYS D 223 8.28 3.90 -40.45
N GLU D 224 8.13 3.19 -39.33
CA GLU D 224 7.60 3.77 -38.10
C GLU D 224 8.72 4.14 -37.12
N GLN D 225 9.95 3.78 -37.48
CA GLN D 225 11.14 4.15 -36.72
C GLN D 225 11.06 3.80 -35.22
N TRP D 226 10.63 2.58 -34.91
CA TRP D 226 10.59 2.14 -33.52
C TRP D 226 11.98 2.16 -32.86
N LYS D 227 13.03 2.12 -33.68
CA LYS D 227 14.41 2.32 -33.21
C LYS D 227 14.62 3.65 -32.47
N GLU D 228 13.75 4.63 -32.74
CA GLU D 228 13.81 5.94 -32.07
C GLU D 228 13.41 5.85 -30.61
N VAL D 229 12.60 4.85 -30.27
CA VAL D 229 12.23 4.61 -28.89
C VAL D 229 13.47 4.40 -28.01
N HIS D 230 14.46 3.66 -28.48
CA HIS D 230 15.68 3.48 -27.69
C HIS D 230 16.52 4.73 -27.71
N LYS D 231 16.55 5.40 -28.87
CA LYS D 231 17.27 6.66 -29.02
C LYS D 231 16.70 7.71 -28.07
N GLN D 232 15.38 7.74 -27.96
CA GLN D 232 14.70 8.69 -27.07
C GLN D 232 14.98 8.41 -25.60
N VAL D 233 15.16 7.13 -25.24
CA VAL D 233 15.63 6.79 -23.89
C VAL D 233 16.94 7.50 -23.55
N VAL D 234 17.87 7.48 -24.51
CA VAL D 234 19.16 8.19 -24.37
C VAL D 234 18.91 9.70 -24.41
N GLU D 235 18.17 10.18 -25.41
CA GLU D 235 17.86 11.61 -25.55
C GLU D 235 17.10 12.21 -24.34
N SER D 236 16.09 11.50 -23.85
CA SER D 236 15.28 11.99 -22.73
C SER D 236 16.13 12.19 -21.47
N ALA D 237 17.17 11.39 -21.31
CA ALA D 237 18.03 11.53 -20.13
C ALA D 237 18.80 12.84 -20.17
N TYR D 238 19.40 13.15 -21.34
CA TYR D 238 20.11 14.42 -21.52
C TYR D 238 19.15 15.59 -21.38
N GLU D 239 17.98 15.47 -21.99
CA GLU D 239 16.95 16.50 -21.88
C GLU D 239 16.56 16.80 -20.44
N VAL D 240 16.32 15.78 -19.63
CA VAL D 240 15.95 16.05 -18.23
C VAL D 240 17.05 16.83 -17.52
N ILE D 241 18.29 16.47 -17.81
CA ILE D 241 19.43 17.10 -17.16
C ILE D 241 19.57 18.57 -17.63
N LYS D 242 19.27 18.81 -18.90
CA LYS D 242 19.26 20.17 -19.43
C LYS D 242 18.16 21.00 -18.78
N LEU D 243 16.97 20.42 -18.62
CA LEU D 243 15.80 21.16 -18.10
C LEU D 243 15.80 21.47 -16.60
N LYS D 244 16.04 20.45 -15.76
CA LYS D 244 16.01 20.63 -14.29
C LYS D 244 17.38 20.52 -13.59
N GLY D 245 18.43 20.14 -14.33
CA GLY D 245 19.80 20.11 -13.79
C GLY D 245 20.27 18.76 -13.26
N TYR D 246 19.36 17.80 -13.16
CA TYR D 246 19.68 16.49 -12.60
C TYR D 246 18.49 15.55 -12.80
N THR D 247 18.63 14.30 -12.38
CA THR D 247 17.51 13.38 -12.36
C THR D 247 17.41 12.79 -10.95
N SER D 248 16.18 12.61 -10.47
CA SER D 248 15.99 12.12 -9.11
C SER D 248 14.82 11.13 -9.00
N TRP D 249 13.63 11.55 -9.41
CA TRP D 249 12.41 10.78 -9.12
C TRP D 249 12.40 9.44 -9.81
N ALA D 250 12.75 9.40 -11.10
CA ALA D 250 12.66 8.16 -11.82
C ALA D 250 13.67 7.16 -11.29
N ILE D 251 14.88 7.63 -10.97
CA ILE D 251 15.91 6.71 -10.46
C ILE D 251 15.58 6.21 -9.06
N GLY D 252 15.09 7.11 -8.21
CA GLY D 252 14.66 6.76 -6.87
C GLY D 252 13.54 5.71 -6.84
N LEU D 253 12.59 5.83 -7.75
CA LEU D 253 11.49 4.87 -7.85
C LEU D 253 11.97 3.52 -8.36
N SER D 254 12.89 3.54 -9.31
CA SER D 254 13.42 2.29 -9.87
CA SER D 254 13.42 2.30 -9.87
C SER D 254 14.24 1.56 -8.82
N VAL D 255 15.01 2.31 -8.05
CA VAL D 255 15.86 1.72 -6.99
C VAL D 255 14.99 1.14 -5.87
N ALA D 256 13.88 1.80 -5.52
CA ALA D 256 12.98 1.27 -4.48
C ALA D 256 12.34 -0.04 -4.95
N ASP D 257 12.09 -0.17 -6.24
CA ASP D 257 11.60 -1.43 -6.78
C ASP D 257 12.61 -2.58 -6.61
N LEU D 258 13.88 -2.32 -6.83
CA LEU D 258 14.91 -3.35 -6.67
C LEU D 258 15.00 -3.70 -5.19
N ALA D 259 14.90 -2.68 -4.36
CA ALA D 259 14.96 -2.86 -2.92
C ALA D 259 13.80 -3.72 -2.44
N GLU D 260 12.64 -3.55 -3.06
CA GLU D 260 11.48 -4.35 -2.71
C GLU D 260 11.72 -5.82 -3.01
N SER D 261 12.21 -6.14 -4.20
CA SER D 261 12.51 -7.51 -4.54
C SER D 261 13.50 -8.12 -3.55
N ILE D 262 14.53 -7.36 -3.20
CA ILE D 262 15.60 -7.84 -2.32
C ILE D 262 15.11 -8.03 -0.89
N MET D 263 14.51 -7.00 -0.31
CA MET D 263 14.08 -7.06 1.07
C MET D 263 12.98 -8.11 1.29
N LYS D 264 12.11 -8.32 0.30
CA LYS D 264 11.00 -9.25 0.46
C LYS D 264 11.26 -10.60 -0.22
N ASN D 265 12.48 -10.82 -0.71
CA ASN D 265 12.87 -12.07 -1.32
C ASN D 265 11.94 -12.55 -2.43
N LEU D 266 11.55 -11.62 -3.30
CA LEU D 266 10.52 -11.89 -4.31
C LEU D 266 10.96 -12.78 -5.46
N ARG D 267 12.25 -12.76 -5.81
CA ARG D 267 12.72 -13.48 -6.99
C ARG D 267 12.00 -13.03 -8.28
N ARG D 268 11.79 -11.72 -8.36
CA ARG D 268 11.42 -11.10 -9.61
C ARG D 268 12.67 -10.89 -10.48
N VAL D 269 12.45 -10.81 -11.78
CA VAL D 269 13.53 -10.58 -12.72
C VAL D 269 13.67 -9.10 -13.03
N HIS D 270 14.85 -8.53 -12.78
CA HIS D 270 15.16 -7.12 -13.12
C HIS D 270 16.43 -6.99 -13.97
N PRO D 271 16.49 -5.97 -14.83
CA PRO D 271 17.73 -5.75 -15.59
C PRO D 271 18.73 -4.92 -14.78
N VAL D 272 19.67 -5.60 -14.13
CA VAL D 272 20.66 -4.93 -13.31
C VAL D 272 22.05 -5.45 -13.68
N SER D 273 23.09 -4.72 -13.28
CA SER D 273 24.45 -5.06 -13.67
C SER D 273 25.02 -6.11 -12.74
N THR D 274 25.57 -7.17 -13.33
CA THR D 274 26.17 -8.25 -12.59
C THR D 274 27.43 -8.68 -13.31
N MET D 275 28.25 -9.42 -12.58
CA MET D 275 29.55 -9.90 -13.08
C MET D 275 29.30 -10.93 -14.17
N ILE D 276 29.59 -10.56 -15.41
CA ILE D 276 29.14 -11.31 -16.56
C ILE D 276 30.21 -12.22 -17.20
N LYS D 277 31.36 -12.36 -16.55
CA LYS D 277 32.41 -13.22 -17.07
C LYS D 277 31.88 -14.63 -17.30
N GLY D 278 32.04 -15.12 -18.52
CA GLY D 278 31.58 -16.45 -18.89
C GLY D 278 30.33 -16.48 -19.75
N LEU D 279 29.80 -15.30 -20.11
CA LEU D 279 28.71 -15.21 -21.08
C LEU D 279 29.07 -14.30 -22.25
N TYR D 280 28.48 -14.61 -23.41
CA TYR D 280 28.69 -13.87 -24.65
C TYR D 280 30.16 -13.77 -25.05
N GLY D 281 30.90 -14.86 -24.85
CA GLY D 281 32.33 -14.86 -25.12
C GLY D 281 33.06 -13.76 -24.39
N ILE D 282 32.50 -13.31 -23.26
CA ILE D 282 33.19 -12.34 -22.41
C ILE D 282 34.00 -13.12 -21.39
N LYS D 283 35.28 -12.78 -21.29
CA LYS D 283 36.26 -13.50 -20.46
C LYS D 283 36.87 -12.65 -19.36
N ASP D 284 36.64 -11.34 -19.40
CA ASP D 284 37.15 -10.43 -18.37
C ASP D 284 36.12 -10.12 -17.29
N ASP D 285 36.62 -9.65 -16.14
CA ASP D 285 35.81 -9.32 -14.99
C ASP D 285 35.10 -8.00 -15.23
N VAL D 286 33.99 -8.05 -15.97
CA VAL D 286 33.20 -6.85 -16.17
C VAL D 286 31.77 -7.12 -15.72
N PHE D 287 31.10 -6.06 -15.33
CA PHE D 287 29.71 -6.09 -14.91
C PHE D 287 28.87 -5.43 -15.99
N LEU D 288 27.88 -6.15 -16.54
CA LEU D 288 26.92 -5.59 -17.50
C LEU D 288 25.51 -6.05 -17.13
N SER D 289 24.49 -5.41 -17.70
CA SER D 289 23.10 -5.71 -17.29
C SER D 289 22.55 -6.85 -18.12
N VAL D 290 22.10 -7.88 -17.43
CA VAL D 290 21.24 -8.91 -17.98
C VAL D 290 20.05 -9.05 -17.02
N PRO D 291 19.02 -9.81 -17.42
CA PRO D 291 17.91 -10.05 -16.49
C PRO D 291 18.34 -10.96 -15.35
N CYS D 292 18.24 -10.43 -14.13
CA CYS D 292 18.70 -11.11 -12.91
C CYS D 292 17.54 -11.35 -11.95
N ILE D 293 17.50 -12.56 -11.39
CA ILE D 293 16.53 -12.89 -10.34
CA ILE D 293 16.52 -12.88 -10.35
C ILE D 293 17.07 -12.30 -9.06
N LEU D 294 16.28 -11.45 -8.41
CA LEU D 294 16.68 -10.77 -7.20
C LEU D 294 15.88 -11.17 -5.98
N GLY D 295 16.59 -11.34 -4.87
CA GLY D 295 15.99 -11.73 -3.63
C GLY D 295 16.90 -11.51 -2.44
N GLN D 296 16.69 -12.28 -1.39
CA GLN D 296 17.35 -11.96 -0.10
C GLN D 296 18.85 -12.23 -0.14
N ASN D 297 19.31 -12.94 -1.17
CA ASN D 297 20.75 -13.18 -1.35
C ASN D 297 21.31 -12.31 -2.46
N GLY D 298 20.55 -11.31 -2.87
CA GLY D 298 20.94 -10.45 -3.98
C GLY D 298 20.58 -11.09 -5.31
N ILE D 299 21.55 -11.16 -6.23
CA ILE D 299 21.38 -11.83 -7.51
C ILE D 299 21.66 -13.32 -7.37
N SER D 300 20.61 -14.14 -7.37
CA SER D 300 20.79 -15.57 -7.11
C SER D 300 20.95 -16.36 -8.41
N ASP D 301 20.54 -15.76 -9.52
CA ASP D 301 20.41 -16.44 -10.80
C ASP D 301 20.32 -15.40 -11.89
N LEU D 302 20.67 -15.77 -13.11
CA LEU D 302 20.44 -14.85 -14.22
C LEU D 302 19.84 -15.57 -15.40
N VAL D 303 19.10 -14.80 -16.19
CA VAL D 303 18.46 -15.29 -17.40
C VAL D 303 19.44 -15.19 -18.57
N LYS D 304 19.52 -16.26 -19.36
CA LYS D 304 20.41 -16.33 -20.52
C LYS D 304 19.64 -15.91 -21.76
N VAL D 305 19.82 -14.66 -22.16
CA VAL D 305 19.04 -14.09 -23.24
C VAL D 305 19.72 -14.42 -24.57
N THR D 306 18.97 -15.05 -25.49
CA THR D 306 19.43 -15.24 -26.86
C THR D 306 19.54 -13.88 -27.54
N LEU D 307 20.77 -13.52 -27.90
CA LEU D 307 21.04 -12.25 -28.55
C LEU D 307 21.34 -12.44 -30.03
N THR D 308 21.06 -11.39 -30.81
CA THR D 308 21.39 -11.40 -32.23
C THR D 308 22.89 -11.14 -32.37
N SER D 309 23.44 -11.34 -33.56
CA SER D 309 24.89 -11.12 -33.76
C SER D 309 25.29 -9.71 -33.42
N GLU D 310 24.48 -8.75 -33.84
CA GLU D 310 24.73 -7.34 -33.61
C GLU D 310 24.55 -6.93 -32.14
N GLU D 311 23.65 -7.62 -31.43
CA GLU D 311 23.44 -7.33 -30.00
C GLU D 311 24.58 -7.92 -29.18
N GLU D 312 24.98 -9.14 -29.53
CA GLU D 312 26.13 -9.78 -28.91
C GLU D 312 27.40 -8.93 -29.10
N ALA D 313 27.57 -8.38 -30.30
CA ALA D 313 28.74 -7.53 -30.62
C ALA D 313 28.78 -6.24 -29.81
N ARG D 314 27.64 -5.58 -29.61
CA ARG D 314 27.59 -4.37 -28.80
C ARG D 314 27.94 -4.64 -27.34
N LEU D 315 27.52 -5.79 -26.81
CA LEU D 315 27.88 -6.16 -25.44
C LEU D 315 29.36 -6.45 -25.29
N LYS D 316 29.90 -7.23 -26.24
CA LYS D 316 31.31 -7.59 -26.22
C LYS D 316 32.19 -6.34 -26.32
N LYS D 317 31.73 -5.38 -27.13
CA LYS D 317 32.41 -4.11 -27.30
C LYS D 317 32.42 -3.30 -26.01
N SER D 318 31.25 -3.20 -25.37
CA SER D 318 31.20 -2.58 -24.04
C SER D 318 32.13 -3.29 -23.08
N ALA D 319 32.12 -4.63 -23.08
CA ALA D 319 32.98 -5.40 -22.17
C ALA D 319 34.46 -5.11 -22.43
N ASP D 320 34.85 -5.06 -23.71
CA ASP D 320 36.23 -4.70 -24.06
C ASP D 320 36.58 -3.30 -23.58
N THR D 321 35.68 -2.35 -23.77
CA THR D 321 35.95 -0.97 -23.36
C THR D 321 36.03 -0.83 -21.85
N LEU D 322 35.10 -1.46 -21.14
CA LEU D 322 35.10 -1.37 -19.68
C LEU D 322 36.35 -1.99 -19.11
N TRP D 323 36.72 -3.17 -19.60
CA TRP D 323 37.90 -3.84 -19.06
C TRP D 323 39.18 -3.04 -19.33
N GLY D 324 39.25 -2.43 -20.52
CA GLY D 324 40.32 -1.50 -20.87
C GLY D 324 40.52 -0.40 -19.83
N ILE D 325 39.42 0.14 -19.30
CA ILE D 325 39.50 1.12 -18.22
C ILE D 325 39.91 0.44 -16.92
N GLN D 326 39.28 -0.68 -16.61
CA GLN D 326 39.42 -1.32 -15.31
C GLN D 326 40.82 -1.88 -15.03
N LYS D 327 41.50 -2.38 -16.05
CA LYS D 327 42.85 -2.92 -15.86
C LYS D 327 43.85 -1.85 -15.44
N GLU D 328 43.60 -0.60 -15.83
CA GLU D 328 44.46 0.54 -15.51
C GLU D 328 44.08 1.27 -14.21
N LEU D 329 43.15 0.70 -13.43
CA LEU D 329 42.84 1.19 -12.09
C LEU D 329 43.77 0.53 -11.06
N GLN D 330 44.10 1.26 -9.99
CA GLN D 330 44.99 0.72 -8.94
C GLN D 330 44.28 0.62 -7.57
N PHE D 331 44.39 -0.56 -6.96
CA PHE D 331 43.81 -0.81 -5.62
C PHE D 331 44.90 -1.19 -4.60
N1 EPE E . 9.65 -16.64 33.07
C2 EPE E . 9.80 -17.61 34.22
C3 EPE E . 10.38 -18.99 33.90
N4 EPE E . 10.51 -19.14 32.43
C5 EPE E . 11.32 -18.03 31.89
C6 EPE E . 10.27 -16.94 31.74
C7 EPE E . 10.77 -20.54 32.01
C8 EPE E . 11.87 -20.75 30.97
O8 EPE E . 11.77 -22.10 30.47
C9 EPE E . 8.30 -16.04 32.97
C10 EPE E . 8.52 -14.74 33.78
S EPE E . 7.74 -13.36 33.23
O1S EPE E . 9.02 -12.73 32.84
O2S EPE E . 6.98 -14.05 32.16
O3S EPE E . 7.12 -13.12 34.52
O7N TXD F . -11.70 -11.04 19.56
C7N TXD F . -11.28 -12.22 19.57
N7N TXD F . -10.21 -12.56 20.44
C3N TXD F . -11.92 -13.29 18.72
C2N TXD F . -11.64 -14.69 19.10
C4N TXD F . -13.12 -13.01 17.90
C5N TXD F . -13.51 -14.16 17.01
C6N TXD F . -13.13 -15.58 17.35
N1N TXD F . -12.13 -15.79 18.36
C1'A TXD F . -11.90 -17.24 18.34
O4'A TXD F . -11.16 -17.74 17.28
C2'A TXD F . -13.12 -18.10 18.41
O2'A TXD F . -13.87 -17.88 19.54
C3'A TXD F . -12.44 -19.41 18.38
O3'A TXD F . -11.96 -19.77 19.63
C4'A TXD F . -11.28 -19.18 17.45
C5'A TXD F . -11.54 -19.74 16.17
O5'A TXD F . -12.71 -19.32 15.57
PN TXD F . -13.26 -19.99 14.27
O1N TXD F . -12.23 -19.84 13.16
O2N TXD F . -14.54 -19.27 13.90
O3 TXD F . -13.43 -21.59 14.52
PA TXD F . -13.32 -22.72 13.35
O2P TXD F . -13.99 -23.97 13.88
O1P TXD F . -13.93 -22.25 12.06
O5' TXD F . -11.81 -23.12 13.10
C5' TXD F . -11.02 -23.78 14.02
C4' TXD F . -9.88 -24.48 13.47
C3' TXD F . -10.32 -25.69 12.69
O3' TXD F . -9.82 -25.59 11.39
C2' TXD F . -9.81 -26.78 13.42
O2' TXD F . -9.49 -27.88 12.62
C1' TXD F . -8.60 -26.18 14.06
O4' TXD F . -9.05 -24.94 14.51
N9A TXD F . -8.01 -26.98 15.12
C4A TXD F . -6.68 -27.20 15.26
N3A TXD F . -5.60 -26.80 14.59
C2A TXD F . -4.37 -27.16 14.96
N1A TXD F . -4.17 -27.96 16.02
C6A TXD F . -5.24 -28.39 16.73
N6A TXD F . -5.03 -29.25 17.88
C5A TXD F . -6.53 -28.02 16.39
N7A TXD F . -7.75 -28.25 16.88
C8A TXD F . -8.66 -27.63 16.10
C4 6EY G . -16.26 -12.37 19.63
C6 6EY G . -16.90 -10.24 21.36
C11 6EY G . -16.99 -8.90 21.74
C7 6EY G . -17.71 -11.18 22.02
C8 6EY G . -18.59 -10.78 23.02
C9 6EY G . -18.68 -9.45 23.38
C10 6EY G . -17.88 -8.50 22.74
C13 6EY G . -17.16 -12.53 18.48
C3 6EY G . -16.27 -14.86 19.89
O1 6EY G . -15.03 -13.42 21.36
C2 6EY G . -15.84 -13.48 20.29
S5 6EY G . -15.77 -10.74 20.08
CL 6EY G . -16.00 -7.69 20.96
N14 6EY G . -17.79 -13.71 18.29
C15 6EY G . -17.67 -14.78 19.28
C16 6EY G . -18.72 -14.45 20.34
C17 6EY G . -18.64 -14.87 21.61
S18 6EY G . -20.03 -14.29 22.52
C19 6EY G . -20.70 -13.51 21.08
C20 6EY G . -19.86 -13.71 20.04
C21 6EY G . -17.99 -16.12 18.64
C22 6EY G . -18.92 -17.00 19.18
C23 6EY G . -19.22 -18.21 18.58
C24 6EY G . -18.55 -18.54 17.42
C25 6EY G . -17.61 -17.67 16.86
O26 6EY G . -16.96 -17.98 15.73
C27 6EY G . -17.32 -16.46 17.48
O28 6EY G . -17.31 -11.62 17.67
S SO4 H . -5.27 5.53 18.37
O1 SO4 H . -5.42 4.14 17.92
O2 SO4 H . -3.97 5.74 19.02
O3 SO4 H . -5.36 6.44 17.21
O4 SO4 H . -6.35 5.88 19.32
N1 EPE I . -25.83 -2.20 -28.15
C2 EPE I . -27.08 -2.98 -28.35
C3 EPE I . -28.35 -2.53 -27.63
N4 EPE I . -28.47 -1.12 -27.15
C5 EPE I . -27.24 -0.30 -27.01
C6 EPE I . -25.90 -0.85 -27.50
C7 EPE I . -29.64 -0.34 -27.67
C8 EPE I . -29.86 -0.24 -29.19
O8 EPE I . -30.73 -1.32 -29.60
C9 EPE I . -24.66 -3.03 -27.73
C10 EPE I . -23.94 -3.31 -29.06
S EPE I . -22.37 -3.95 -29.04
O1S EPE I . -22.77 -4.97 -30.00
O2S EPE I . -22.29 -4.20 -27.61
O3S EPE I . -21.71 -2.75 -29.54
O7N TXD J . -12.89 -17.96 -12.32
C7N TXD J . -14.12 -17.96 -12.09
N7N TXD J . -15.05 -17.39 -13.02
C3N TXD J . -14.69 -18.55 -10.84
C2N TXD J . -16.05 -19.08 -10.94
C4N TXD J . -13.86 -19.14 -9.73
C5N TXD J . -14.68 -19.54 -8.54
C6N TXD J . -16.18 -19.41 -8.57
N1N TXD J . -16.85 -19.14 -9.80
C1'A TXD J . -18.29 -19.00 -9.47
O4'A TXD J . -18.69 -18.04 -8.54
C2'A TXD J . -18.92 -20.27 -9.01
O2'A TXD J . -18.83 -21.22 -9.97
C3'A TXD J . -20.29 -19.78 -8.77
O3'A TXD J . -21.03 -19.75 -9.94
C4'A TXD J . -20.08 -18.40 -8.22
C5'A TXD J . -20.20 -18.37 -6.78
O5'A TXD J . -19.44 -19.29 -6.06
PN TXD J . -19.54 -19.42 -4.50
O1N TXD J . -19.35 -18.05 -3.85
O2N TXD J . -18.53 -20.44 -4.00
O3 TXD J . -21.05 -19.89 -4.21
PA TXD J . -21.79 -19.63 -2.79
O2P TXD J . -22.87 -20.68 -2.73
O1P TXD J . -20.84 -19.74 -1.60
O5' TXD J . -22.45 -18.21 -2.84
C5' TXD J . -23.39 -17.81 -3.77
C4' TXD J . -24.25 -16.73 -3.31
C3' TXD J . -25.11 -17.19 -2.18
O3' TXD J . -24.90 -16.33 -1.10
C2' TXD J . -26.43 -17.09 -2.66
O2' TXD J . -27.36 -16.80 -1.67
C1' TXD J . -26.28 -15.95 -3.62
O4' TXD J . -25.11 -16.28 -4.31
N9A TXD J . -27.39 -15.77 -4.53
C4A TXD J . -27.90 -14.57 -4.88
N3A TXD J . -27.57 -13.31 -4.58
C2A TXD J . -28.27 -12.29 -5.10
N1A TXD J . -29.30 -12.49 -5.95
C6A TXD J . -29.66 -13.75 -6.27
N6A TXD J . -30.76 -13.97 -7.19
C5A TXD J . -28.96 -14.83 -5.77
N7A TXD J . -29.05 -16.16 -5.91
C8A TXD J . -28.10 -16.73 -5.14
C4 6EY K . -12.90 -22.52 -10.99
C6 6EY K . -11.22 -23.38 -13.03
C11 6EY K . -10.04 -23.42 -13.80
C7 6EY K . -12.11 -24.47 -13.08
C8 6EY K . -11.84 -25.57 -13.88
C9 6EY K . -10.67 -25.61 -14.63
C10 6EY K . -9.78 -24.54 -14.59
C13 6EY K . -12.57 -23.11 -9.70
C3 6EY K . -15.30 -22.90 -10.46
O1 6EY K . -14.53 -21.85 -12.54
C2 6EY K . -14.20 -22.40 -11.35
S5 6EY K . -11.57 -21.97 -12.00
CL 6EY K . -8.92 -22.11 -13.78
N14 6EY K . -13.50 -23.83 -9.05
C15 6EY K . -14.84 -24.07 -9.60
C16 6EY K . -14.63 -25.36 -10.39
C17 6EY K . -15.27 -25.72 -11.51
S18 6EY K . -14.63 -27.27 -12.08
C19 6EY K . -13.48 -27.35 -10.75
C20 6EY K . -13.64 -26.25 -10.00
C21 6EY K . -15.76 -24.20 -8.40
C22 6EY K . -16.57 -25.31 -8.20
C23 6EY K . -17.37 -25.35 -7.05
C24 6EY K . -17.33 -24.32 -6.14
C25 6EY K . -16.52 -23.20 -6.33
O26 6EY K . -16.50 -22.15 -5.42
C27 6EY K . -15.74 -23.16 -7.47
O28 6EY K . -11.46 -22.93 -9.23
S SO4 L . 2.07 -9.31 -17.47
O1 SO4 L . 2.27 -10.52 -18.27
O2 SO4 L . 3.24 -9.12 -16.59
O3 SO4 L . 1.92 -8.14 -18.35
O4 SO4 L . 0.87 -9.45 -16.61
N1 EPE M . -19.71 33.48 -1.09
C2 EPE M . -18.41 33.88 -1.73
C3 EPE M . -18.61 34.55 -3.09
N4 EPE M . -19.56 33.69 -3.82
C5 EPE M . -20.92 34.01 -3.32
C6 EPE M . -21.01 33.65 -1.84
C7 EPE M . -19.45 33.61 -5.29
C8 EPE M . -18.68 34.73 -5.99
O8 EPE M . -18.70 34.46 -7.40
C9 EPE M . -19.56 32.17 -0.40
C10 EPE M . -18.78 32.54 0.89
S EPE M . -19.07 31.61 2.26
O1S EPE M . -19.70 30.50 1.54
O2S EPE M . -17.63 31.58 2.56
O3S EPE M . -19.93 32.70 2.79
PA NAI N . 10.64 27.37 -4.06
O1A NAI N . 11.31 28.69 -4.39
O2A NAI N . 11.67 26.25 -4.06
O5B NAI N . 9.58 27.10 -5.17
C5B NAI N . 8.55 27.96 -5.53
C4B NAI N . 8.01 27.75 -6.86
O4B NAI N . 6.94 28.62 -7.09
C3B NAI N . 9.02 28.02 -7.93
O3B NAI N . 9.23 26.85 -8.68
C2B NAI N . 8.48 29.07 -8.71
O2B NAI N . 8.73 28.97 -10.08
C1B NAI N . 7.01 28.96 -8.44
N9A NAI N . 6.25 30.15 -8.77
C8A NAI N . 6.53 31.42 -8.43
N7A NAI N . 5.57 32.25 -8.93
C5A NAI N . 4.67 31.49 -9.60
C6A NAI N . 3.49 31.74 -10.31
N6A NAI N . 3.00 33.10 -10.46
N1A NAI N . 2.80 30.72 -10.88
C2A NAI N . 3.24 29.45 -10.75
N3A NAI N . 4.37 29.16 -10.08
C4A NAI N . 5.10 30.15 -9.50
O3 NAI N . 9.92 27.51 -2.62
PN NAI N . 9.49 26.24 -1.71
O1N NAI N . 9.09 25.13 -2.70
O2N NAI N . 10.58 25.84 -0.74
O5D NAI N . 8.25 26.66 -0.83
C5D NAI N . 7.17 27.32 -1.40
C4D NAI N . 6.17 27.78 -0.48
O4D NAI N . 5.85 26.67 0.43
C3D NAI N . 6.72 28.87 0.37
O3D NAI N . 5.78 29.86 0.43
C2D NAI N . 6.91 28.25 1.68
O2D NAI N . 6.83 29.13 2.70
C1D NAI N . 5.76 27.30 1.67
N1N NAI N . 5.63 26.47 2.88
C2N NAI N . 4.63 26.26 3.84
C3N NAI N . 4.70 25.13 4.81
C7N NAI N . 3.53 24.96 5.73
O7N NAI N . 3.61 24.13 6.66
N7N NAI N . 2.34 25.74 5.55
C4N NAI N . 5.99 24.41 5.02
C5N NAI N . 6.91 24.54 3.84
C6N NAI N . 6.88 25.75 2.98
C4 6EY O . 7.82 26.04 7.87
C6 6EY O . 7.10 26.08 10.56
C11 6EY O . 6.70 25.60 11.81
C7 6EY O . 7.75 27.33 10.50
C8 6EY O . 8.00 28.07 11.65
C9 6EY O . 7.61 27.57 12.88
C10 6EY O . 6.95 26.35 12.96
C13 6EY O . 9.15 25.48 7.60
C3 6EY O . 8.36 27.80 6.21
O1 6EY O . 6.21 27.71 7.40
C2 6EY O . 7.43 27.15 7.20
S5 6EY O . 6.80 25.19 9.06
CL 6EY O . 5.88 24.06 11.98
N14 6EY O . 10.09 26.24 6.98
C15 6EY O . 9.83 27.64 6.61
C16 6EY O . 10.18 28.43 7.87
C17 6EY O . 9.64 29.60 8.23
S18 6EY O . 10.31 30.12 9.78
C19 6EY O . 11.31 28.68 9.86
C20 6EY O . 11.09 27.93 8.78
C21 6EY O . 10.69 28.02 5.40
C22 6EY O . 11.39 29.24 5.34
C23 6EY O . 12.17 29.55 4.23
C24 6EY O . 12.26 28.66 3.16
C25 6EY O . 11.56 27.46 3.21
O26 6EY O . 11.64 26.59 2.18
C27 6EY O . 10.77 27.15 4.33
O28 6EY O . 9.39 24.32 7.92
S SO4 P . -5.17 11.37 15.59
O1 SO4 P . -4.72 9.96 15.64
O2 SO4 P . -4.54 11.99 14.40
O3 SO4 P . -6.63 11.49 15.45
O4 SO4 P . -4.74 12.05 16.82
O7N TXD Q . 20.59 5.00 -13.73
C7N TXD Q . 21.49 5.26 -12.93
N7N TXD Q . 22.50 4.28 -12.61
C3N TXD Q . 21.55 6.61 -12.29
C2N TXD Q . 22.89 6.97 -11.78
C4N TXD Q . 20.65 7.70 -12.74
C5N TXD Q . 20.91 9.01 -12.05
C6N TXD Q . 22.19 9.27 -11.33
N1N TXD Q . 23.14 8.21 -11.17
C1'A TXD Q . 24.19 8.78 -10.32
O4'A TXD Q . 23.91 9.05 -8.98
C2'A TXD Q . 24.80 10.05 -10.82
O2'A TXD Q . 25.33 9.84 -12.03
C3'A TXD Q . 25.79 10.27 -9.77
O3'A TXD Q . 26.88 9.47 -9.98
C4'A TXD Q . 25.08 9.81 -8.54
C5'A TXD Q . 24.63 10.90 -7.73
O5'A TXD Q . 23.73 11.75 -8.32
PN TXD Q . 23.27 13.06 -7.60
O1N TXD Q . 22.51 12.72 -6.31
O2N TXD Q . 22.43 13.89 -8.56
O3 TXD Q . 24.63 13.78 -7.18
PA TXD Q . 24.68 14.93 -6.06
O2P TXD Q . 25.91 15.75 -6.35
O1P TXD Q . 23.40 15.76 -6.13
O5' TXD Q . 24.90 14.32 -4.64
C5' TXD Q . 25.96 13.50 -4.33
C4' TXD Q . 26.23 13.27 -2.92
C3' TXD Q . 26.53 14.56 -2.24
O3' TXD Q . 25.65 14.80 -1.17
C2' TXD Q . 27.84 14.41 -1.78
O2' TXD Q . 28.06 15.09 -0.60
C1' TXD Q . 27.94 12.94 -1.58
O4' TXD Q . 27.36 12.44 -2.74
N9A TXD Q . 29.27 12.44 -1.33
C4A TXD Q . 29.64 11.49 -0.43
N3A TXD Q . 28.97 10.71 0.43
C2A TXD Q . 29.60 9.82 1.21
N1A TXD Q . 30.93 9.64 1.17
C6A TXD Q . 31.66 10.39 0.31
N6A TXD Q . 33.09 10.21 0.26
C5A TXD Q . 31.05 11.33 -0.51
N7A TXD Q . 31.47 12.21 -1.42
C8A TXD Q . 30.40 12.88 -1.92
C4 6EY R . 21.21 8.94 -16.25
C6 6EY R . 20.79 7.51 -18.67
C11 6EY R . 20.09 6.68 -19.57
C7 6EY R . 21.83 8.32 -19.15
C8 6EY R . 22.16 8.33 -20.49
C9 6EY R . 21.46 7.52 -21.40
C10 6EY R . 20.43 6.71 -20.92
C13 6EY R . 20.47 10.19 -16.10
C3 6EY R . 23.15 10.07 -15.19
O1 6EY R . 23.19 7.73 -15.90
C2 6EY R . 22.48 8.88 -15.80
S5 6EY R . 20.40 7.52 -16.95
CL 6EY R . 18.81 5.62 -19.06
N14 6EY R . 21.14 11.34 -15.85
C15 6EY R . 22.60 11.36 -15.82
C16 6EY R . 22.95 11.44 -17.28
C17 6EY R . 24.11 11.01 -17.79
S18 6EY R . 24.08 11.24 -19.53
C19 6EY R . 22.46 11.92 -19.47
C20 6EY R . 22.04 11.93 -18.20
C21 6EY R . 23.16 12.58 -15.12
C22 6EY R . 24.08 13.40 -15.75
C23 6EY R . 24.61 14.52 -15.12
C24 6EY R . 24.20 14.82 -13.83
C25 6EY R . 23.27 13.99 -13.20
O26 6EY R . 22.85 14.29 -11.94
C27 6EY R . 22.75 12.87 -13.83
O28 6EY R . 19.25 10.17 -16.20
S SO4 S . 8.09 -7.58 -16.51
O1 SO4 S . 8.51 -8.95 -16.16
O2 SO4 S . 8.46 -7.33 -17.92
O3 SO4 S . 6.64 -7.45 -16.31
O4 SO4 S . 8.77 -6.60 -15.64
#